data_7WKH
# 
_entry.id   7WKH 
# 
_audit_conform.dict_name       mmcif_pdbx.dic 
_audit_conform.dict_version    5.398 
_audit_conform.dict_location   http://mmcif.pdb.org/dictionaries/ascii/mmcif_pdbx.dic 
# 
loop_
_database_2.database_id 
_database_2.database_code 
_database_2.pdbx_database_accession 
_database_2.pdbx_DOI 
PDB   7WKH         pdb_00007wkh 10.2210/pdb7wkh/pdb 
WWPDB D_1300026898 ?            ?                   
# 
loop_
_pdbx_audit_revision_history.ordinal 
_pdbx_audit_revision_history.data_content_type 
_pdbx_audit_revision_history.major_revision 
_pdbx_audit_revision_history.minor_revision 
_pdbx_audit_revision_history.revision_date 
1 'Structure model' 1 0 2022-02-02 
2 'Structure model' 1 1 2022-09-14 
3 'Structure model' 1 2 2023-11-29 
4 'Structure model' 1 3 2024-11-20 
# 
_pdbx_audit_revision_details.ordinal             1 
_pdbx_audit_revision_details.revision_ordinal    1 
_pdbx_audit_revision_details.data_content_type   'Structure model' 
_pdbx_audit_revision_details.provider            repository 
_pdbx_audit_revision_details.type                'Initial release' 
_pdbx_audit_revision_details.description         ? 
_pdbx_audit_revision_details.details             ? 
# 
loop_
_pdbx_audit_revision_group.ordinal 
_pdbx_audit_revision_group.revision_ordinal 
_pdbx_audit_revision_group.data_content_type 
_pdbx_audit_revision_group.group 
1 2 'Structure model' 'Database references'    
2 2 'Structure model' 'Derived calculations'   
3 3 'Structure model' 'Data collection'        
4 3 'Structure model' 'Refinement description' 
5 4 'Structure model' 'Structure summary'      
# 
loop_
_pdbx_audit_revision_category.ordinal 
_pdbx_audit_revision_category.revision_ordinal 
_pdbx_audit_revision_category.data_content_type 
_pdbx_audit_revision_category.category 
1 2 'Structure model' atom_type                     
2 2 'Structure model' citation                      
3 2 'Structure model' citation_author               
4 3 'Structure model' chem_comp_atom                
5 3 'Structure model' chem_comp_bond                
6 3 'Structure model' pdbx_initial_refinement_model 
7 4 'Structure model' pdbx_entry_details            
8 4 'Structure model' pdbx_modification_feature     
# 
loop_
_pdbx_audit_revision_item.ordinal 
_pdbx_audit_revision_item.revision_ordinal 
_pdbx_audit_revision_item.data_content_type 
_pdbx_audit_revision_item.item 
1  2 'Structure model' '_atom_type.pdbx_N_electrons'       
2  2 'Structure model' '_atom_type.pdbx_scat_Z'            
3  2 'Structure model' '_citation.country'                 
4  2 'Structure model' '_citation.journal_abbrev'          
5  2 'Structure model' '_citation.journal_id_CSD'          
6  2 'Structure model' '_citation.journal_id_ISSN'         
7  2 'Structure model' '_citation.journal_volume'          
8  2 'Structure model' '_citation.page_first'              
9  2 'Structure model' '_citation.page_last'               
10 2 'Structure model' '_citation.pdbx_database_id_DOI'    
11 2 'Structure model' '_citation.pdbx_database_id_PubMed' 
12 2 'Structure model' '_citation.title'                   
13 2 'Structure model' '_citation.year'                    
# 
_pdbx_database_status.status_code                     REL 
_pdbx_database_status.status_code_sf                  REL 
_pdbx_database_status.status_code_mr                  ? 
_pdbx_database_status.entry_id                        7WKH 
_pdbx_database_status.recvd_initial_deposition_date   2022-01-09 
_pdbx_database_status.SG_entry                        N 
_pdbx_database_status.deposit_site                    PDBJ 
_pdbx_database_status.process_site                    PDBJ 
_pdbx_database_status.status_code_cs                  ? 
_pdbx_database_status.status_code_nmr_data            ? 
_pdbx_database_status.methods_development_category    ? 
_pdbx_database_status.pdb_format_compatible           Y 
# 
_pdbx_contact_author.id                 3 
_pdbx_contact_author.email              jzou@shou.edu.cn 
_pdbx_contact_author.name_first         Jun 
_pdbx_contact_author.name_last          Zou 
_pdbx_contact_author.name_mi            ? 
_pdbx_contact_author.role               'principal investigator/group leader' 
_pdbx_contact_author.identifier_ORCID   0000-0003-1440-9029 
# 
loop_
_audit_author.name 
_audit_author.pdbx_ordinal 
_audit_author.identifier_ORCID 
'Zou, J.'  1 0000-0003-1440-9029 
'WANG, J.' 2 0000-0003-4440-9409 
'Wang, Z.' 3 0000-0003-2189-0279 
# 
_citation.abstract                  ? 
_citation.abstract_id_CAS           ? 
_citation.book_id_ISBN              ? 
_citation.book_publisher            ? 
_citation.book_publisher_city       ? 
_citation.book_title                ? 
_citation.coordinate_linkage        ? 
_citation.country                   CH 
_citation.database_id_Medline       ? 
_citation.details                   ? 
_citation.id                        primary 
_citation.journal_abbrev            'Front Immunol' 
_citation.journal_id_ASTM           ? 
_citation.journal_id_CSD            ? 
_citation.journal_id_ISSN           1664-3224 
_citation.journal_full              ? 
_citation.journal_issue             ? 
_citation.journal_volume            13 
_citation.language                  ? 
_citation.page_first                862764 
_citation.page_last                 862764 
_citation.title                     
'Structural and Functional Analyses of Type I IFNa Shed Light Into Its Interaction With Multiple Receptors in Fish.' 
_citation.year                      2022 
_citation.database_id_CSD           ? 
_citation.pdbx_database_id_DOI      10.3389/fimmu.2022.862764 
_citation.pdbx_database_id_PubMed   35392096 
_citation.pdbx_database_id_patent   ? 
_citation.unpublished_flag          ? 
# 
loop_
_citation_author.citation_id 
_citation_author.name 
_citation_author.ordinal 
_citation_author.identifier_ORCID 
primary 'Wang, Z.'  1  ? 
primary 'Xu, J.'    2  ? 
primary 'Feng, J.'  3  ? 
primary 'Wu, K.'    4  ? 
primary 'Chen, K.'  5  ? 
primary 'Jia, Z.'   6  ? 
primary 'Zhu, X.'   7  ? 
primary 'Huang, W.' 8  ? 
primary 'Zhao, X.'  9  ? 
primary 'Liu, Q.'   10 ? 
primary 'Wang, B.'  11 ? 
primary 'Chen, X.'  12 ? 
primary 'Wang, J.'  13 ? 
primary 'Zou, J.'   14 ? 
# 
loop_
_entity.id 
_entity.type 
_entity.src_method 
_entity.pdbx_description 
_entity.formula_weight 
_entity.pdbx_number_of_molecules 
_entity.pdbx_ec 
_entity.pdbx_mutation 
_entity.pdbx_fragment 
_entity.details 
1 polymer man Interferon 19051.180 1   ? ? ? ? 
2 water   nat water      18.015    166 ? ? ? ? 
# 
_entity_name_com.entity_id   1 
_entity_name_com.name        'Type 1 interferon' 
# 
_entity_poly.entity_id                      1 
_entity_poly.type                           'polypeptide(L)' 
_entity_poly.nstd_linkage                   no 
_entity_poly.nstd_monomer                   no 
_entity_poly.pdbx_seq_one_letter_code       
;MACEWLGRYRMISNESLSLLKEMGGKYPEGTKVSFPGRLYNMIDNAKVEDQVKFLVLTLDHIIRLMDAREHMNSVQWNLQ
TVEHFLTVLNRQSSDLKECVARYQPSHKESYEKKINRHFKILKKNLKKKEYSAQAWEQIRRAVKHHLQRMDIIASIANRR
;
_entity_poly.pdbx_seq_one_letter_code_can   
;MACEWLGRYRMISNESLSLLKEMGGKYPEGTKVSFPGRLYNMIDNAKVEDQVKFLVLTLDHIIRLMDAREHMNSVQWNLQ
TVEHFLTVLNRQSSDLKECVARYQPSHKESYEKKINRHFKILKKNLKKKEYSAQAWEQIRRAVKHHLQRMDIIASIANRR
;
_entity_poly.pdbx_strand_id                 A 
_entity_poly.pdbx_target_identifier         ? 
# 
_pdbx_entity_nonpoly.entity_id   2 
_pdbx_entity_nonpoly.name        water 
_pdbx_entity_nonpoly.comp_id     HOH 
# 
loop_
_entity_poly_seq.entity_id 
_entity_poly_seq.num 
_entity_poly_seq.mon_id 
_entity_poly_seq.hetero 
1 1   MET n 
1 2   ALA n 
1 3   CYS n 
1 4   GLU n 
1 5   TRP n 
1 6   LEU n 
1 7   GLY n 
1 8   ARG n 
1 9   TYR n 
1 10  ARG n 
1 11  MET n 
1 12  ILE n 
1 13  SER n 
1 14  ASN n 
1 15  GLU n 
1 16  SER n 
1 17  LEU n 
1 18  SER n 
1 19  LEU n 
1 20  LEU n 
1 21  LYS n 
1 22  GLU n 
1 23  MET n 
1 24  GLY n 
1 25  GLY n 
1 26  LYS n 
1 27  TYR n 
1 28  PRO n 
1 29  GLU n 
1 30  GLY n 
1 31  THR n 
1 32  LYS n 
1 33  VAL n 
1 34  SER n 
1 35  PHE n 
1 36  PRO n 
1 37  GLY n 
1 38  ARG n 
1 39  LEU n 
1 40  TYR n 
1 41  ASN n 
1 42  MET n 
1 43  ILE n 
1 44  ASP n 
1 45  ASN n 
1 46  ALA n 
1 47  LYS n 
1 48  VAL n 
1 49  GLU n 
1 50  ASP n 
1 51  GLN n 
1 52  VAL n 
1 53  LYS n 
1 54  PHE n 
1 55  LEU n 
1 56  VAL n 
1 57  LEU n 
1 58  THR n 
1 59  LEU n 
1 60  ASP n 
1 61  HIS n 
1 62  ILE n 
1 63  ILE n 
1 64  ARG n 
1 65  LEU n 
1 66  MET n 
1 67  ASP n 
1 68  ALA n 
1 69  ARG n 
1 70  GLU n 
1 71  HIS n 
1 72  MET n 
1 73  ASN n 
1 74  SER n 
1 75  VAL n 
1 76  GLN n 
1 77  TRP n 
1 78  ASN n 
1 79  LEU n 
1 80  GLN n 
1 81  THR n 
1 82  VAL n 
1 83  GLU n 
1 84  HIS n 
1 85  PHE n 
1 86  LEU n 
1 87  THR n 
1 88  VAL n 
1 89  LEU n 
1 90  ASN n 
1 91  ARG n 
1 92  GLN n 
1 93  SER n 
1 94  SER n 
1 95  ASP n 
1 96  LEU n 
1 97  LYS n 
1 98  GLU n 
1 99  CYS n 
1 100 VAL n 
1 101 ALA n 
1 102 ARG n 
1 103 TYR n 
1 104 GLN n 
1 105 PRO n 
1 106 SER n 
1 107 HIS n 
1 108 LYS n 
1 109 GLU n 
1 110 SER n 
1 111 TYR n 
1 112 GLU n 
1 113 LYS n 
1 114 LYS n 
1 115 ILE n 
1 116 ASN n 
1 117 ARG n 
1 118 HIS n 
1 119 PHE n 
1 120 LYS n 
1 121 ILE n 
1 122 LEU n 
1 123 LYS n 
1 124 LYS n 
1 125 ASN n 
1 126 LEU n 
1 127 LYS n 
1 128 LYS n 
1 129 LYS n 
1 130 GLU n 
1 131 TYR n 
1 132 SER n 
1 133 ALA n 
1 134 GLN n 
1 135 ALA n 
1 136 TRP n 
1 137 GLU n 
1 138 GLN n 
1 139 ILE n 
1 140 ARG n 
1 141 ARG n 
1 142 ALA n 
1 143 VAL n 
1 144 LYS n 
1 145 HIS n 
1 146 HIS n 
1 147 LEU n 
1 148 GLN n 
1 149 ARG n 
1 150 MET n 
1 151 ASP n 
1 152 ILE n 
1 153 ILE n 
1 154 ALA n 
1 155 SER n 
1 156 ILE n 
1 157 ALA n 
1 158 ASN n 
1 159 ARG n 
1 160 ARG n 
# 
_entity_src_gen.entity_id                          1 
_entity_src_gen.pdbx_src_id                        1 
_entity_src_gen.pdbx_alt_source_flag               sample 
_entity_src_gen.pdbx_seq_type                      'Biological sequence' 
_entity_src_gen.pdbx_beg_seq_num                   1 
_entity_src_gen.pdbx_end_seq_num                   160 
_entity_src_gen.gene_src_common_name               'grass carp' 
_entity_src_gen.gene_src_genus                     ? 
_entity_src_gen.pdbx_gene_src_gene                 IFN 
_entity_src_gen.gene_src_species                   ? 
_entity_src_gen.gene_src_strain                    ? 
_entity_src_gen.gene_src_tissue                    ? 
_entity_src_gen.gene_src_tissue_fraction           ? 
_entity_src_gen.gene_src_details                   ? 
_entity_src_gen.pdbx_gene_src_fragment             ? 
_entity_src_gen.pdbx_gene_src_scientific_name      'Ctenopharyngodon idella' 
_entity_src_gen.pdbx_gene_src_ncbi_taxonomy_id     7959 
_entity_src_gen.pdbx_gene_src_variant              ? 
_entity_src_gen.pdbx_gene_src_cell_line            ? 
_entity_src_gen.pdbx_gene_src_atcc                 ? 
_entity_src_gen.pdbx_gene_src_organ                ? 
_entity_src_gen.pdbx_gene_src_organelle            ? 
_entity_src_gen.pdbx_gene_src_cell                 ? 
_entity_src_gen.pdbx_gene_src_cellular_location    ? 
_entity_src_gen.host_org_common_name               ? 
_entity_src_gen.pdbx_host_org_scientific_name      'Escherichia coli' 
_entity_src_gen.pdbx_host_org_ncbi_taxonomy_id     562 
_entity_src_gen.host_org_genus                     ? 
_entity_src_gen.pdbx_host_org_gene                 ? 
_entity_src_gen.pdbx_host_org_organ                ? 
_entity_src_gen.host_org_species                   ? 
_entity_src_gen.pdbx_host_org_tissue               ? 
_entity_src_gen.pdbx_host_org_tissue_fraction      ? 
_entity_src_gen.pdbx_host_org_strain               ? 
_entity_src_gen.pdbx_host_org_variant              ? 
_entity_src_gen.pdbx_host_org_cell_line            ? 
_entity_src_gen.pdbx_host_org_atcc                 ? 
_entity_src_gen.pdbx_host_org_culture_collection   ? 
_entity_src_gen.pdbx_host_org_cell                 ? 
_entity_src_gen.pdbx_host_org_organelle            ? 
_entity_src_gen.pdbx_host_org_cellular_location    ? 
_entity_src_gen.pdbx_host_org_vector_type          ? 
_entity_src_gen.pdbx_host_org_vector               ? 
_entity_src_gen.host_org_details                   ? 
_entity_src_gen.expression_system_id               ? 
_entity_src_gen.plasmid_name                       ? 
_entity_src_gen.plasmid_details                    ? 
_entity_src_gen.pdbx_description                   ? 
# 
loop_
_chem_comp.id 
_chem_comp.type 
_chem_comp.mon_nstd_flag 
_chem_comp.name 
_chem_comp.pdbx_synonyms 
_chem_comp.formula 
_chem_comp.formula_weight 
ALA 'L-peptide linking' y ALANINE         ? 'C3 H7 N O2'     89.093  
ARG 'L-peptide linking' y ARGININE        ? 'C6 H15 N4 O2 1' 175.209 
ASN 'L-peptide linking' y ASPARAGINE      ? 'C4 H8 N2 O3'    132.118 
ASP 'L-peptide linking' y 'ASPARTIC ACID' ? 'C4 H7 N O4'     133.103 
CYS 'L-peptide linking' y CYSTEINE        ? 'C3 H7 N O2 S'   121.158 
GLN 'L-peptide linking' y GLUTAMINE       ? 'C5 H10 N2 O3'   146.144 
GLU 'L-peptide linking' y 'GLUTAMIC ACID' ? 'C5 H9 N O4'     147.129 
GLY 'peptide linking'   y GLYCINE         ? 'C2 H5 N O2'     75.067  
HIS 'L-peptide linking' y HISTIDINE       ? 'C6 H10 N3 O2 1' 156.162 
HOH non-polymer         . WATER           ? 'H2 O'           18.015  
ILE 'L-peptide linking' y ISOLEUCINE      ? 'C6 H13 N O2'    131.173 
LEU 'L-peptide linking' y LEUCINE         ? 'C6 H13 N O2'    131.173 
LYS 'L-peptide linking' y LYSINE          ? 'C6 H15 N2 O2 1' 147.195 
MET 'L-peptide linking' y METHIONINE      ? 'C5 H11 N O2 S'  149.211 
PHE 'L-peptide linking' y PHENYLALANINE   ? 'C9 H11 N O2'    165.189 
PRO 'L-peptide linking' y PROLINE         ? 'C5 H9 N O2'     115.130 
SER 'L-peptide linking' y SERINE          ? 'C3 H7 N O3'     105.093 
THR 'L-peptide linking' y THREONINE       ? 'C4 H9 N O3'     119.119 
TRP 'L-peptide linking' y TRYPTOPHAN      ? 'C11 H12 N2 O2'  204.225 
TYR 'L-peptide linking' y TYROSINE        ? 'C9 H11 N O3'    181.189 
VAL 'L-peptide linking' y VALINE          ? 'C5 H11 N O2'    117.146 
# 
loop_
_pdbx_poly_seq_scheme.asym_id 
_pdbx_poly_seq_scheme.entity_id 
_pdbx_poly_seq_scheme.seq_id 
_pdbx_poly_seq_scheme.mon_id 
_pdbx_poly_seq_scheme.ndb_seq_num 
_pdbx_poly_seq_scheme.pdb_seq_num 
_pdbx_poly_seq_scheme.auth_seq_num 
_pdbx_poly_seq_scheme.pdb_mon_id 
_pdbx_poly_seq_scheme.auth_mon_id 
_pdbx_poly_seq_scheme.pdb_strand_id 
_pdbx_poly_seq_scheme.pdb_ins_code 
_pdbx_poly_seq_scheme.hetero 
A 1 1   MET 1   1   ?   ?   ?   A . n 
A 1 2   ALA 2   2   2   ALA ALA A . n 
A 1 3   CYS 3   3   3   CYS CYS A . n 
A 1 4   GLU 4   4   4   GLU GLU A . n 
A 1 5   TRP 5   5   5   TRP TRP A . n 
A 1 6   LEU 6   6   6   LEU LEU A . n 
A 1 7   GLY 7   7   7   GLY GLY A . n 
A 1 8   ARG 8   8   8   ARG ARG A . n 
A 1 9   TYR 9   9   9   TYR TYR A . n 
A 1 10  ARG 10  10  10  ARG ARG A . n 
A 1 11  MET 11  11  11  MET MET A . n 
A 1 12  ILE 12  12  12  ILE ILE A . n 
A 1 13  SER 13  13  13  SER SER A . n 
A 1 14  ASN 14  14  14  ASN ASN A . n 
A 1 15  GLU 15  15  15  GLU GLU A . n 
A 1 16  SER 16  16  16  SER SER A . n 
A 1 17  LEU 17  17  17  LEU LEU A . n 
A 1 18  SER 18  18  18  SER SER A . n 
A 1 19  LEU 19  19  19  LEU LEU A . n 
A 1 20  LEU 20  20  20  LEU LEU A . n 
A 1 21  LYS 21  21  21  LYS LYS A . n 
A 1 22  GLU 22  22  22  GLU GLU A . n 
A 1 23  MET 23  23  23  MET MET A . n 
A 1 24  GLY 24  24  24  GLY GLY A . n 
A 1 25  GLY 25  25  25  GLY GLY A . n 
A 1 26  LYS 26  26  26  LYS LYS A . n 
A 1 27  TYR 27  27  27  TYR TYR A . n 
A 1 28  PRO 28  28  28  PRO PRO A . n 
A 1 29  GLU 29  29  29  GLU GLU A . n 
A 1 30  GLY 30  30  30  GLY GLY A . n 
A 1 31  THR 31  31  31  THR THR A . n 
A 1 32  LYS 32  32  32  LYS LYS A . n 
A 1 33  VAL 33  33  33  VAL VAL A . n 
A 1 34  SER 34  34  34  SER SER A . n 
A 1 35  PHE 35  35  35  PHE PHE A . n 
A 1 36  PRO 36  36  36  PRO PRO A . n 
A 1 37  GLY 37  37  37  GLY GLY A . n 
A 1 38  ARG 38  38  38  ARG ARG A . n 
A 1 39  LEU 39  39  39  LEU LEU A . n 
A 1 40  TYR 40  40  40  TYR TYR A . n 
A 1 41  ASN 41  41  41  ASN ASN A . n 
A 1 42  MET 42  42  42  MET MET A . n 
A 1 43  ILE 43  43  43  ILE ILE A . n 
A 1 44  ASP 44  44  44  ASP ASP A . n 
A 1 45  ASN 45  45  45  ASN ASN A . n 
A 1 46  ALA 46  46  46  ALA ALA A . n 
A 1 47  LYS 47  47  47  LYS LYS A . n 
A 1 48  VAL 48  48  48  VAL VAL A . n 
A 1 49  GLU 49  49  49  GLU GLU A . n 
A 1 50  ASP 50  50  50  ASP ASP A . n 
A 1 51  GLN 51  51  51  GLN GLN A . n 
A 1 52  VAL 52  52  52  VAL VAL A . n 
A 1 53  LYS 53  53  53  LYS LYS A . n 
A 1 54  PHE 54  54  54  PHE PHE A . n 
A 1 55  LEU 55  55  55  LEU LEU A . n 
A 1 56  VAL 56  56  56  VAL VAL A . n 
A 1 57  LEU 57  57  57  LEU LEU A . n 
A 1 58  THR 58  58  58  THR THR A . n 
A 1 59  LEU 59  59  59  LEU LEU A . n 
A 1 60  ASP 60  60  60  ASP ASP A . n 
A 1 61  HIS 61  61  61  HIS HIS A . n 
A 1 62  ILE 62  62  62  ILE ILE A . n 
A 1 63  ILE 63  63  63  ILE ILE A . n 
A 1 64  ARG 64  64  64  ARG ARG A . n 
A 1 65  LEU 65  65  65  LEU LEU A . n 
A 1 66  MET 66  66  66  MET MET A . n 
A 1 67  ASP 67  67  67  ASP ASP A . n 
A 1 68  ALA 68  68  68  ALA ALA A . n 
A 1 69  ARG 69  69  69  ARG ARG A . n 
A 1 70  GLU 70  70  70  GLU GLU A . n 
A 1 71  HIS 71  71  71  HIS HIS A . n 
A 1 72  MET 72  72  72  MET MET A . n 
A 1 73  ASN 73  73  73  ASN ASN A . n 
A 1 74  SER 74  74  74  SER SER A . n 
A 1 75  VAL 75  75  75  VAL VAL A . n 
A 1 76  GLN 76  76  76  GLN GLN A . n 
A 1 77  TRP 77  77  77  TRP TRP A . n 
A 1 78  ASN 78  78  78  ASN ASN A . n 
A 1 79  LEU 79  79  79  LEU LEU A . n 
A 1 80  GLN 80  80  80  GLN GLN A . n 
A 1 81  THR 81  81  81  THR THR A . n 
A 1 82  VAL 82  82  82  VAL VAL A . n 
A 1 83  GLU 83  83  83  GLU GLU A . n 
A 1 84  HIS 84  84  84  HIS HIS A . n 
A 1 85  PHE 85  85  85  PHE PHE A . n 
A 1 86  LEU 86  86  86  LEU LEU A . n 
A 1 87  THR 87  87  87  THR THR A . n 
A 1 88  VAL 88  88  88  VAL VAL A . n 
A 1 89  LEU 89  89  89  LEU LEU A . n 
A 1 90  ASN 90  90  90  ASN ASN A . n 
A 1 91  ARG 91  91  91  ARG ARG A . n 
A 1 92  GLN 92  92  92  GLN GLN A . n 
A 1 93  SER 93  93  93  SER SER A . n 
A 1 94  SER 94  94  94  SER SER A . n 
A 1 95  ASP 95  95  95  ASP ASP A . n 
A 1 96  LEU 96  96  96  LEU LEU A . n 
A 1 97  LYS 97  97  97  LYS LYS A . n 
A 1 98  GLU 98  98  98  GLU GLU A . n 
A 1 99  CYS 99  99  99  CYS CYS A . n 
A 1 100 VAL 100 100 100 VAL VAL A . n 
A 1 101 ALA 101 101 101 ALA ALA A . n 
A 1 102 ARG 102 102 102 ARG ARG A . n 
A 1 103 TYR 103 103 103 TYR TYR A . n 
A 1 104 GLN 104 104 104 GLN GLN A . n 
A 1 105 PRO 105 105 105 PRO PRO A . n 
A 1 106 SER 106 106 106 SER SER A . n 
A 1 107 HIS 107 107 107 HIS HIS A . n 
A 1 108 LYS 108 108 108 LYS LYS A . n 
A 1 109 GLU 109 109 109 GLU GLU A . n 
A 1 110 SER 110 110 110 SER SER A . n 
A 1 111 TYR 111 111 111 TYR TYR A . n 
A 1 112 GLU 112 112 112 GLU GLU A . n 
A 1 113 LYS 113 113 113 LYS LYS A . n 
A 1 114 LYS 114 114 114 LYS LYS A . n 
A 1 115 ILE 115 115 115 ILE ILE A . n 
A 1 116 ASN 116 116 116 ASN ASN A . n 
A 1 117 ARG 117 117 117 ARG ARG A . n 
A 1 118 HIS 118 118 118 HIS HIS A . n 
A 1 119 PHE 119 119 119 PHE PHE A . n 
A 1 120 LYS 120 120 120 LYS LYS A . n 
A 1 121 ILE 121 121 121 ILE ILE A . n 
A 1 122 LEU 122 122 122 LEU LEU A . n 
A 1 123 LYS 123 123 123 LYS LYS A . n 
A 1 124 LYS 124 124 124 LYS LYS A . n 
A 1 125 ASN 125 125 125 ASN ASN A . n 
A 1 126 LEU 126 126 126 LEU LEU A . n 
A 1 127 LYS 127 127 127 LYS LYS A . n 
A 1 128 LYS 128 128 128 LYS LYS A . n 
A 1 129 LYS 129 129 129 LYS LYS A . n 
A 1 130 GLU 130 130 130 GLU GLU A . n 
A 1 131 TYR 131 131 131 TYR TYR A . n 
A 1 132 SER 132 132 132 SER SER A . n 
A 1 133 ALA 133 133 133 ALA ALA A . n 
A 1 134 GLN 134 134 134 GLN GLN A . n 
A 1 135 ALA 135 135 135 ALA ALA A . n 
A 1 136 TRP 136 136 136 TRP TRP A . n 
A 1 137 GLU 137 137 137 GLU GLU A . n 
A 1 138 GLN 138 138 138 GLN GLN A . n 
A 1 139 ILE 139 139 139 ILE ILE A . n 
A 1 140 ARG 140 140 140 ARG ARG A . n 
A 1 141 ARG 141 141 141 ARG ARG A . n 
A 1 142 ALA 142 142 142 ALA ALA A . n 
A 1 143 VAL 143 143 143 VAL VAL A . n 
A 1 144 LYS 144 144 144 LYS LYS A . n 
A 1 145 HIS 145 145 145 HIS HIS A . n 
A 1 146 HIS 146 146 146 HIS HIS A . n 
A 1 147 LEU 147 147 147 LEU LEU A . n 
A 1 148 GLN 148 148 148 GLN GLN A . n 
A 1 149 ARG 149 149 149 ARG ARG A . n 
A 1 150 MET 150 150 150 MET MET A . n 
A 1 151 ASP 151 151 151 ASP ASP A . n 
A 1 152 ILE 152 152 152 ILE ILE A . n 
A 1 153 ILE 153 153 153 ILE ILE A . n 
A 1 154 ALA 154 154 154 ALA ALA A . n 
A 1 155 SER 155 155 155 SER SER A . n 
A 1 156 ILE 156 156 156 ILE ILE A . n 
A 1 157 ALA 157 157 157 ALA ALA A . n 
A 1 158 ASN 158 158 158 ASN ASN A . n 
A 1 159 ARG 159 159 159 ARG ARG A . n 
A 1 160 ARG 160 160 160 ARG ARG A . n 
# 
loop_
_pdbx_nonpoly_scheme.asym_id 
_pdbx_nonpoly_scheme.entity_id 
_pdbx_nonpoly_scheme.mon_id 
_pdbx_nonpoly_scheme.ndb_seq_num 
_pdbx_nonpoly_scheme.pdb_seq_num 
_pdbx_nonpoly_scheme.auth_seq_num 
_pdbx_nonpoly_scheme.pdb_mon_id 
_pdbx_nonpoly_scheme.auth_mon_id 
_pdbx_nonpoly_scheme.pdb_strand_id 
_pdbx_nonpoly_scheme.pdb_ins_code 
B 2 HOH 1   201 494 HOH HOH A . 
B 2 HOH 2   202 446 HOH HOH A . 
B 2 HOH 3   203 549 HOH HOH A . 
B 2 HOH 4   204 540 HOH HOH A . 
B 2 HOH 5   205 535 HOH HOH A . 
B 2 HOH 6   206 419 HOH HOH A . 
B 2 HOH 7   207 407 HOH HOH A . 
B 2 HOH 8   208 447 HOH HOH A . 
B 2 HOH 9   209 471 HOH HOH A . 
B 2 HOH 10  210 547 HOH HOH A . 
B 2 HOH 11  211 562 HOH HOH A . 
B 2 HOH 12  212 528 HOH HOH A . 
B 2 HOH 13  213 486 HOH HOH A . 
B 2 HOH 14  214 426 HOH HOH A . 
B 2 HOH 15  215 542 HOH HOH A . 
B 2 HOH 16  216 433 HOH HOH A . 
B 2 HOH 17  217 423 HOH HOH A . 
B 2 HOH 18  218 538 HOH HOH A . 
B 2 HOH 19  219 477 HOH HOH A . 
B 2 HOH 20  220 543 HOH HOH A . 
B 2 HOH 21  221 537 HOH HOH A . 
B 2 HOH 22  222 457 HOH HOH A . 
B 2 HOH 23  223 416 HOH HOH A . 
B 2 HOH 24  224 431 HOH HOH A . 
B 2 HOH 25  225 414 HOH HOH A . 
B 2 HOH 26  226 513 HOH HOH A . 
B 2 HOH 27  227 521 HOH HOH A . 
B 2 HOH 28  228 479 HOH HOH A . 
B 2 HOH 29  229 451 HOH HOH A . 
B 2 HOH 30  230 428 HOH HOH A . 
B 2 HOH 31  231 422 HOH HOH A . 
B 2 HOH 32  232 455 HOH HOH A . 
B 2 HOH 33  233 401 HOH HOH A . 
B 2 HOH 34  234 472 HOH HOH A . 
B 2 HOH 35  235 508 HOH HOH A . 
B 2 HOH 36  236 421 HOH HOH A . 
B 2 HOH 37  237 527 HOH HOH A . 
B 2 HOH 38  238 409 HOH HOH A . 
B 2 HOH 39  239 520 HOH HOH A . 
B 2 HOH 40  240 475 HOH HOH A . 
B 2 HOH 41  241 556 HOH HOH A . 
B 2 HOH 42  242 439 HOH HOH A . 
B 2 HOH 43  243 468 HOH HOH A . 
B 2 HOH 44  244 430 HOH HOH A . 
B 2 HOH 45  245 405 HOH HOH A . 
B 2 HOH 46  246 550 HOH HOH A . 
B 2 HOH 47  247 522 HOH HOH A . 
B 2 HOH 48  248 442 HOH HOH A . 
B 2 HOH 49  249 516 HOH HOH A . 
B 2 HOH 50  250 429 HOH HOH A . 
B 2 HOH 51  251 438 HOH HOH A . 
B 2 HOH 52  252 411 HOH HOH A . 
B 2 HOH 53  253 434 HOH HOH A . 
B 2 HOH 54  254 456 HOH HOH A . 
B 2 HOH 55  255 458 HOH HOH A . 
B 2 HOH 56  256 443 HOH HOH A . 
B 2 HOH 57  257 459 HOH HOH A . 
B 2 HOH 58  258 454 HOH HOH A . 
B 2 HOH 59  259 470 HOH HOH A . 
B 2 HOH 60  260 449 HOH HOH A . 
B 2 HOH 61  261 503 HOH HOH A . 
B 2 HOH 62  262 498 HOH HOH A . 
B 2 HOH 63  263 469 HOH HOH A . 
B 2 HOH 64  264 427 HOH HOH A . 
B 2 HOH 65  265 488 HOH HOH A . 
B 2 HOH 66  266 406 HOH HOH A . 
B 2 HOH 67  267 404 HOH HOH A . 
B 2 HOH 68  268 441 HOH HOH A . 
B 2 HOH 69  269 408 HOH HOH A . 
B 2 HOH 70  270 566 HOH HOH A . 
B 2 HOH 71  271 484 HOH HOH A . 
B 2 HOH 72  272 461 HOH HOH A . 
B 2 HOH 73  273 497 HOH HOH A . 
B 2 HOH 74  274 420 HOH HOH A . 
B 2 HOH 75  275 412 HOH HOH A . 
B 2 HOH 76  276 425 HOH HOH A . 
B 2 HOH 77  277 432 HOH HOH A . 
B 2 HOH 78  278 444 HOH HOH A . 
B 2 HOH 79  279 501 HOH HOH A . 
B 2 HOH 80  280 557 HOH HOH A . 
B 2 HOH 81  281 415 HOH HOH A . 
B 2 HOH 82  282 483 HOH HOH A . 
B 2 HOH 83  283 511 HOH HOH A . 
B 2 HOH 84  284 474 HOH HOH A . 
B 2 HOH 85  285 465 HOH HOH A . 
B 2 HOH 86  286 417 HOH HOH A . 
B 2 HOH 87  287 536 HOH HOH A . 
B 2 HOH 88  288 453 HOH HOH A . 
B 2 HOH 89  289 481 HOH HOH A . 
B 2 HOH 90  290 403 HOH HOH A . 
B 2 HOH 91  291 523 HOH HOH A . 
B 2 HOH 92  292 534 HOH HOH A . 
B 2 HOH 93  293 418 HOH HOH A . 
B 2 HOH 94  294 413 HOH HOH A . 
B 2 HOH 95  295 464 HOH HOH A . 
B 2 HOH 96  296 448 HOH HOH A . 
B 2 HOH 97  297 460 HOH HOH A . 
B 2 HOH 98  298 437 HOH HOH A . 
B 2 HOH 99  299 515 HOH HOH A . 
B 2 HOH 100 300 529 HOH HOH A . 
B 2 HOH 101 301 544 HOH HOH A . 
B 2 HOH 102 302 492 HOH HOH A . 
B 2 HOH 103 303 512 HOH HOH A . 
B 2 HOH 104 304 462 HOH HOH A . 
B 2 HOH 105 305 563 HOH HOH A . 
B 2 HOH 106 306 524 HOH HOH A . 
B 2 HOH 107 307 478 HOH HOH A . 
B 2 HOH 108 308 507 HOH HOH A . 
B 2 HOH 109 309 440 HOH HOH A . 
B 2 HOH 110 310 506 HOH HOH A . 
B 2 HOH 111 311 518 HOH HOH A . 
B 2 HOH 112 312 546 HOH HOH A . 
B 2 HOH 113 313 496 HOH HOH A . 
B 2 HOH 114 314 504 HOH HOH A . 
B 2 HOH 115 315 517 HOH HOH A . 
B 2 HOH 116 316 526 HOH HOH A . 
B 2 HOH 117 317 487 HOH HOH A . 
B 2 HOH 118 318 561 HOH HOH A . 
B 2 HOH 119 319 402 HOH HOH A . 
B 2 HOH 120 320 463 HOH HOH A . 
B 2 HOH 121 321 554 HOH HOH A . 
B 2 HOH 122 322 466 HOH HOH A . 
B 2 HOH 123 323 450 HOH HOH A . 
B 2 HOH 124 324 482 HOH HOH A . 
B 2 HOH 125 325 410 HOH HOH A . 
B 2 HOH 126 326 553 HOH HOH A . 
B 2 HOH 127 327 530 HOH HOH A . 
B 2 HOH 128 328 445 HOH HOH A . 
B 2 HOH 129 329 558 HOH HOH A . 
B 2 HOH 130 330 489 HOH HOH A . 
B 2 HOH 131 331 505 HOH HOH A . 
B 2 HOH 132 332 545 HOH HOH A . 
B 2 HOH 133 333 539 HOH HOH A . 
B 2 HOH 134 334 552 HOH HOH A . 
B 2 HOH 135 335 559 HOH HOH A . 
B 2 HOH 136 336 424 HOH HOH A . 
B 2 HOH 137 337 560 HOH HOH A . 
B 2 HOH 138 338 533 HOH HOH A . 
B 2 HOH 139 339 491 HOH HOH A . 
B 2 HOH 140 340 435 HOH HOH A . 
B 2 HOH 141 341 509 HOH HOH A . 
B 2 HOH 142 342 531 HOH HOH A . 
B 2 HOH 143 343 490 HOH HOH A . 
B 2 HOH 144 344 551 HOH HOH A . 
B 2 HOH 145 345 502 HOH HOH A . 
B 2 HOH 146 346 532 HOH HOH A . 
B 2 HOH 147 347 495 HOH HOH A . 
B 2 HOH 148 348 499 HOH HOH A . 
B 2 HOH 149 349 452 HOH HOH A . 
B 2 HOH 150 350 555 HOH HOH A . 
B 2 HOH 151 351 564 HOH HOH A . 
B 2 HOH 152 352 510 HOH HOH A . 
B 2 HOH 153 353 436 HOH HOH A . 
B 2 HOH 154 354 476 HOH HOH A . 
B 2 HOH 155 355 525 HOH HOH A . 
B 2 HOH 156 356 519 HOH HOH A . 
B 2 HOH 157 357 480 HOH HOH A . 
B 2 HOH 158 358 565 HOH HOH A . 
B 2 HOH 159 359 493 HOH HOH A . 
B 2 HOH 160 360 467 HOH HOH A . 
B 2 HOH 161 361 485 HOH HOH A . 
B 2 HOH 162 362 473 HOH HOH A . 
B 2 HOH 163 363 548 HOH HOH A . 
B 2 HOH 164 364 541 HOH HOH A . 
B 2 HOH 165 365 500 HOH HOH A . 
B 2 HOH 166 366 514 HOH HOH A . 
# 
loop_
_software.citation_id 
_software.classification 
_software.compiler_name 
_software.compiler_version 
_software.contact_author 
_software.contact_author_email 
_software.date 
_software.description 
_software.dependencies 
_software.hardware 
_software.language 
_software.location 
_software.mods 
_software.name 
_software.os 
_software.os_version 
_software.type 
_software.version 
_software.pdbx_ordinal 
? refinement       ? ? ? ? ? ? ? ? ? ? ? REFMAC    ? ? ? 5.8.0267 1 
? 'data reduction' ? ? ? ? ? ? ? ? ? ? ? HKL-3000  ? ? ? .        2 
? 'data scaling'   ? ? ? ? ? ? ? ? ? ? ? pointless ? ? ? .        3 
? phasing          ? ? ? ? ? ? ? ? ? ? ? MOLREP    ? ? ? .        4 
# 
_cell.angle_alpha                  90.000 
_cell.angle_alpha_esd              ? 
_cell.angle_beta                   102.208 
_cell.angle_beta_esd               ? 
_cell.angle_gamma                  90.000 
_cell.angle_gamma_esd              ? 
_cell.entry_id                     7WKH 
_cell.details                      ? 
_cell.formula_units_Z              ? 
_cell.length_a                     84.617 
_cell.length_a_esd                 ? 
_cell.length_b                     32.767 
_cell.length_b_esd                 ? 
_cell.length_c                     56.762 
_cell.length_c_esd                 ? 
_cell.volume                       ? 
_cell.volume_esd                   ? 
_cell.Z_PDB                        4 
_cell.reciprocal_angle_alpha       ? 
_cell.reciprocal_angle_beta        ? 
_cell.reciprocal_angle_gamma       ? 
_cell.reciprocal_angle_alpha_esd   ? 
_cell.reciprocal_angle_beta_esd    ? 
_cell.reciprocal_angle_gamma_esd   ? 
_cell.reciprocal_length_a          ? 
_cell.reciprocal_length_b          ? 
_cell.reciprocal_length_c          ? 
_cell.reciprocal_length_a_esd      ? 
_cell.reciprocal_length_b_esd      ? 
_cell.reciprocal_length_c_esd      ? 
_cell.pdbx_unique_axis             ? 
# 
_symmetry.entry_id                         7WKH 
_symmetry.cell_setting                     ? 
_symmetry.Int_Tables_number                5 
_symmetry.space_group_name_Hall            ? 
_symmetry.space_group_name_H-M             'C 1 2 1' 
_symmetry.pdbx_full_space_group_name_H-M   ? 
# 
_exptl.absorpt_coefficient_mu     ? 
_exptl.absorpt_correction_T_max   ? 
_exptl.absorpt_correction_T_min   ? 
_exptl.absorpt_correction_type    ? 
_exptl.absorpt_process_details    ? 
_exptl.entry_id                   7WKH 
_exptl.crystals_number            1 
_exptl.details                    ? 
_exptl.method                     'X-RAY DIFFRACTION' 
_exptl.method_details             ? 
# 
_exptl_crystal.colour                      ? 
_exptl_crystal.density_diffrn              ? 
_exptl_crystal.density_Matthews            2.02 
_exptl_crystal.density_method              ? 
_exptl_crystal.density_percent_sol         39.06 
_exptl_crystal.description                 ? 
_exptl_crystal.F_000                       ? 
_exptl_crystal.id                          1 
_exptl_crystal.preparation                 ? 
_exptl_crystal.size_max                    ? 
_exptl_crystal.size_mid                    ? 
_exptl_crystal.size_min                    ? 
_exptl_crystal.size_rad                    ? 
_exptl_crystal.colour_lustre               ? 
_exptl_crystal.colour_modifier             ? 
_exptl_crystal.colour_primary              ? 
_exptl_crystal.density_meas                ? 
_exptl_crystal.density_meas_esd            ? 
_exptl_crystal.density_meas_gt             ? 
_exptl_crystal.density_meas_lt             ? 
_exptl_crystal.density_meas_temp           ? 
_exptl_crystal.density_meas_temp_esd       ? 
_exptl_crystal.density_meas_temp_gt        ? 
_exptl_crystal.density_meas_temp_lt        ? 
_exptl_crystal.pdbx_crystal_image_url      ? 
_exptl_crystal.pdbx_crystal_image_format   ? 
_exptl_crystal.pdbx_mosaicity              ? 
_exptl_crystal.pdbx_mosaicity_esd          ? 
# 
_exptl_crystal_grow.apparatus       ? 
_exptl_crystal_grow.atmosphere      ? 
_exptl_crystal_grow.crystal_id      1 
_exptl_crystal_grow.details         ? 
_exptl_crystal_grow.method          'VAPOR DIFFUSION' 
_exptl_crystal_grow.method_ref      ? 
_exptl_crystal_grow.pH              ? 
_exptl_crystal_grow.pressure        ? 
_exptl_crystal_grow.pressure_esd    ? 
_exptl_crystal_grow.seeding         ? 
_exptl_crystal_grow.seeding_ref     ? 
_exptl_crystal_grow.temp            277 
_exptl_crystal_grow.temp_details    ? 
_exptl_crystal_grow.temp_esd        ? 
_exptl_crystal_grow.time            ? 
_exptl_crystal_grow.pdbx_details    
;20%(W/V) PEG 3350,
200 mM Ammonium citrate dibasic
;
_exptl_crystal_grow.pdbx_pH_range   ? 
# 
_diffrn.ambient_environment              ? 
_diffrn.ambient_temp                     291 
_diffrn.ambient_temp_details             ? 
_diffrn.ambient_temp_esd                 ? 
_diffrn.crystal_id                       1 
_diffrn.crystal_support                  ? 
_diffrn.crystal_treatment                ? 
_diffrn.details                          ? 
_diffrn.id                               1 
_diffrn.ambient_pressure                 ? 
_diffrn.ambient_pressure_esd             ? 
_diffrn.ambient_pressure_gt              ? 
_diffrn.ambient_pressure_lt              ? 
_diffrn.ambient_temp_gt                  ? 
_diffrn.ambient_temp_lt                  ? 
_diffrn.pdbx_serial_crystal_experiment   N 
# 
_diffrn_detector.details                      ? 
_diffrn_detector.detector                     CCD 
_diffrn_detector.diffrn_id                    1 
_diffrn_detector.type                         'MARMOSAIC 300 mm CCD' 
_diffrn_detector.area_resol_mean              ? 
_diffrn_detector.dtime                        ? 
_diffrn_detector.pdbx_frames_total            ? 
_diffrn_detector.pdbx_collection_time_total   ? 
_diffrn_detector.pdbx_collection_date         2021-07-15 
_diffrn_detector.pdbx_frequency               ? 
# 
_diffrn_radiation.collimation                      ? 
_diffrn_radiation.diffrn_id                        1 
_diffrn_radiation.filter_edge                      ? 
_diffrn_radiation.inhomogeneity                    ? 
_diffrn_radiation.monochromator                    ? 
_diffrn_radiation.polarisn_norm                    ? 
_diffrn_radiation.polarisn_ratio                   ? 
_diffrn_radiation.probe                            ? 
_diffrn_radiation.type                             ? 
_diffrn_radiation.xray_symbol                      ? 
_diffrn_radiation.wavelength_id                    1 
_diffrn_radiation.pdbx_monochromatic_or_laue_m_l   M 
_diffrn_radiation.pdbx_wavelength_list             ? 
_diffrn_radiation.pdbx_wavelength                  ? 
_diffrn_radiation.pdbx_diffrn_protocol             'SINGLE WAVELENGTH' 
_diffrn_radiation.pdbx_analyzer                    ? 
_diffrn_radiation.pdbx_scattering_type             x-ray 
# 
_diffrn_radiation_wavelength.id           1 
_diffrn_radiation_wavelength.wavelength   0.979 
_diffrn_radiation_wavelength.wt           1.0 
# 
_diffrn_source.current                     ? 
_diffrn_source.details                     ? 
_diffrn_source.diffrn_id                   1 
_diffrn_source.power                       ? 
_diffrn_source.size                        ? 
_diffrn_source.source                      'ROTATING ANODE' 
_diffrn_source.target                      ? 
_diffrn_source.type                        'RIGAKU MICROMAX-007 HF' 
_diffrn_source.voltage                     ? 
_diffrn_source.take-off_angle              ? 
_diffrn_source.pdbx_wavelength_list        0.979 
_diffrn_source.pdbx_wavelength             ? 
_diffrn_source.pdbx_synchrotron_beamline   ? 
_diffrn_source.pdbx_synchrotron_site       ? 
# 
_reflns.B_iso_Wilson_estimate                          ? 
_reflns.entry_id                                       7WKH 
_reflns.data_reduction_details                         ? 
_reflns.data_reduction_method                          ? 
_reflns.d_resolution_high                              1.58 
_reflns.d_resolution_low                               50 
_reflns.details                                        ? 
_reflns.limit_h_max                                    ? 
_reflns.limit_h_min                                    ? 
_reflns.limit_k_max                                    ? 
_reflns.limit_k_min                                    ? 
_reflns.limit_l_max                                    ? 
_reflns.limit_l_min                                    ? 
_reflns.number_all                                     ? 
_reflns.number_obs                                     28576 
_reflns.observed_criterion                             ? 
_reflns.observed_criterion_F_max                       ? 
_reflns.observed_criterion_F_min                       ? 
_reflns.observed_criterion_I_max                       ? 
_reflns.observed_criterion_I_min                       ? 
_reflns.observed_criterion_sigma_F                     ? 
_reflns.observed_criterion_sigma_I                     ? 
_reflns.percent_possible_obs                           99.8 
_reflns.R_free_details                                 ? 
_reflns.Rmerge_F_all                                   ? 
_reflns.Rmerge_F_obs                                   ? 
_reflns.Friedel_coverage                               ? 
_reflns.number_gt                                      ? 
_reflns.threshold_expression                           ? 
_reflns.pdbx_redundancy                                5.7 
_reflns.pdbx_Rmerge_I_obs                              ? 
_reflns.pdbx_Rmerge_I_all                              ? 
_reflns.pdbx_Rsym_value                                ? 
_reflns.pdbx_netI_over_av_sigmaI                       ? 
_reflns.pdbx_netI_over_sigmaI                          33.4 
_reflns.pdbx_res_netI_over_av_sigmaI_2                 ? 
_reflns.pdbx_res_netI_over_sigmaI_2                    ? 
_reflns.pdbx_chi_squared                               ? 
_reflns.pdbx_scaling_rejects                           ? 
_reflns.pdbx_d_res_high_opt                            ? 
_reflns.pdbx_d_res_low_opt                             ? 
_reflns.pdbx_d_res_opt_method                          ? 
_reflns.phase_calculation_details                      ? 
_reflns.pdbx_Rrim_I_all                                ? 
_reflns.pdbx_Rpim_I_all                                ? 
_reflns.pdbx_d_opt                                     ? 
_reflns.pdbx_number_measured_all                       ? 
_reflns.pdbx_diffrn_id                                 1 
_reflns.pdbx_ordinal                                   1 
_reflns.pdbx_CC_half                                   0.971 
_reflns.pdbx_CC_star                                   ? 
_reflns.pdbx_R_split                                   ? 
_reflns.pdbx_aniso_diffraction_limit_axis_1_ortho[1]   ? 
_reflns.pdbx_aniso_diffraction_limit_axis_1_ortho[2]   ? 
_reflns.pdbx_aniso_diffraction_limit_axis_1_ortho[3]   ? 
_reflns.pdbx_aniso_diffraction_limit_axis_2_ortho[1]   ? 
_reflns.pdbx_aniso_diffraction_limit_axis_2_ortho[2]   ? 
_reflns.pdbx_aniso_diffraction_limit_axis_2_ortho[3]   ? 
_reflns.pdbx_aniso_diffraction_limit_axis_3_ortho[1]   ? 
_reflns.pdbx_aniso_diffraction_limit_axis_3_ortho[2]   ? 
_reflns.pdbx_aniso_diffraction_limit_axis_3_ortho[3]   ? 
_reflns.pdbx_aniso_diffraction_limit_1                 ? 
_reflns.pdbx_aniso_diffraction_limit_2                 ? 
_reflns.pdbx_aniso_diffraction_limit_3                 ? 
_reflns.pdbx_aniso_B_tensor_eigenvector_1_ortho[1]     ? 
_reflns.pdbx_aniso_B_tensor_eigenvector_1_ortho[2]     ? 
_reflns.pdbx_aniso_B_tensor_eigenvector_1_ortho[3]     ? 
_reflns.pdbx_aniso_B_tensor_eigenvector_2_ortho[1]     ? 
_reflns.pdbx_aniso_B_tensor_eigenvector_2_ortho[2]     ? 
_reflns.pdbx_aniso_B_tensor_eigenvector_2_ortho[3]     ? 
_reflns.pdbx_aniso_B_tensor_eigenvector_3_ortho[1]     ? 
_reflns.pdbx_aniso_B_tensor_eigenvector_3_ortho[2]     ? 
_reflns.pdbx_aniso_B_tensor_eigenvector_3_ortho[3]     ? 
_reflns.pdbx_aniso_B_tensor_eigenvalue_1               ? 
_reflns.pdbx_aniso_B_tensor_eigenvalue_2               ? 
_reflns.pdbx_aniso_B_tensor_eigenvalue_3               ? 
_reflns.pdbx_orthogonalization_convention              ? 
_reflns.pdbx_percent_possible_ellipsoidal              ? 
_reflns.pdbx_percent_possible_spherical                ? 
_reflns.pdbx_percent_possible_ellipsoidal_anomalous    ? 
_reflns.pdbx_percent_possible_spherical_anomalous      ? 
_reflns.pdbx_redundancy_anomalous                      ? 
_reflns.pdbx_CC_half_anomalous                         ? 
_reflns.pdbx_absDiff_over_sigma_anomalous              ? 
_reflns.pdbx_percent_possible_anomalous                ? 
_reflns.pdbx_observed_signal_threshold                 ? 
_reflns.pdbx_signal_type                               ? 
_reflns.pdbx_signal_details                            ? 
_reflns.pdbx_signal_software_id                        ? 
# 
_reflns_shell.d_res_high                                    1.58 
_reflns_shell.d_res_low                                     4.29 
_reflns_shell.meanI_over_sigI_all                           ? 
_reflns_shell.meanI_over_sigI_obs                           ? 
_reflns_shell.number_measured_all                           ? 
_reflns_shell.number_measured_obs                           ? 
_reflns_shell.number_possible                               ? 
_reflns_shell.number_unique_all                             ? 
_reflns_shell.number_unique_obs                             21056 
_reflns_shell.percent_possible_all                          ? 
_reflns_shell.percent_possible_obs                          ? 
_reflns_shell.Rmerge_F_all                                  ? 
_reflns_shell.Rmerge_F_obs                                  ? 
_reflns_shell.Rmerge_I_all                                  ? 
_reflns_shell.Rmerge_I_obs                                  ? 
_reflns_shell.meanI_over_sigI_gt                            ? 
_reflns_shell.meanI_over_uI_all                             ? 
_reflns_shell.meanI_over_uI_gt                              ? 
_reflns_shell.number_measured_gt                            ? 
_reflns_shell.number_unique_gt                              ? 
_reflns_shell.percent_possible_gt                           ? 
_reflns_shell.Rmerge_F_gt                                   ? 
_reflns_shell.Rmerge_I_gt                                   ? 
_reflns_shell.pdbx_redundancy                               ? 
_reflns_shell.pdbx_Rsym_value                               ? 
_reflns_shell.pdbx_chi_squared                              ? 
_reflns_shell.pdbx_netI_over_sigmaI_all                     ? 
_reflns_shell.pdbx_netI_over_sigmaI_obs                     ? 
_reflns_shell.pdbx_Rrim_I_all                               ? 
_reflns_shell.pdbx_Rpim_I_all                               ? 
_reflns_shell.pdbx_rejects                                  ? 
_reflns_shell.pdbx_ordinal                                  1 
_reflns_shell.pdbx_diffrn_id                                1 
_reflns_shell.pdbx_CC_half                                  0.971 
_reflns_shell.pdbx_CC_star                                  ? 
_reflns_shell.pdbx_R_split                                  ? 
_reflns_shell.pdbx_percent_possible_ellipsoidal             ? 
_reflns_shell.pdbx_percent_possible_spherical               ? 
_reflns_shell.pdbx_percent_possible_ellipsoidal_anomalous   ? 
_reflns_shell.pdbx_percent_possible_spherical_anomalous     ? 
_reflns_shell.pdbx_redundancy_anomalous                     ? 
_reflns_shell.pdbx_CC_half_anomalous                        ? 
_reflns_shell.pdbx_absDiff_over_sigma_anomalous             ? 
_reflns_shell.pdbx_percent_possible_anomalous               ? 
# 
_refine.aniso_B[1][1]                            0.036 
_refine.aniso_B[1][2]                            0.000 
_refine.aniso_B[1][3]                            -0.017 
_refine.aniso_B[2][2]                            0.010 
_refine.aniso_B[2][3]                            0.000 
_refine.aniso_B[3][3]                            -0.035 
_refine.B_iso_max                                ? 
_refine.B_iso_mean                               14.245 
_refine.B_iso_min                                ? 
_refine.correlation_coeff_Fo_to_Fc               0.950 
_refine.correlation_coeff_Fo_to_Fc_free          0.928 
_refine.details                                  'Hydrogens have been added in their riding positions' 
_refine.diff_density_max                         ? 
_refine.diff_density_max_esd                     ? 
_refine.diff_density_min                         ? 
_refine.diff_density_min_esd                     ? 
_refine.diff_density_rms                         ? 
_refine.diff_density_rms_esd                     ? 
_refine.entry_id                                 7WKH 
_refine.pdbx_refine_id                           'X-RAY DIFFRACTION' 
_refine.ls_abs_structure_details                 ? 
_refine.ls_abs_structure_Flack                   ? 
_refine.ls_abs_structure_Flack_esd               ? 
_refine.ls_abs_structure_Rogers                  ? 
_refine.ls_abs_structure_Rogers_esd              ? 
_refine.ls_d_res_high                            1.58 
_refine.ls_d_res_low                             27.755 
_refine.ls_extinction_coef                       ? 
_refine.ls_extinction_coef_esd                   ? 
_refine.ls_extinction_expression                 ? 
_refine.ls_extinction_method                     ? 
_refine.ls_goodness_of_fit_all                   ? 
_refine.ls_goodness_of_fit_all_esd               ? 
_refine.ls_goodness_of_fit_obs                   ? 
_refine.ls_goodness_of_fit_obs_esd               ? 
_refine.ls_hydrogen_treatment                    ? 
_refine.ls_matrix_type                           ? 
_refine.ls_number_constraints                    ? 
_refine.ls_number_parameters                     ? 
_refine.ls_number_reflns_all                     ? 
_refine.ls_number_reflns_obs                     21021 
_refine.ls_number_reflns_R_free                  1034 
_refine.ls_number_reflns_R_work                  19987 
_refine.ls_number_restraints                     ? 
_refine.ls_percent_reflns_obs                    99.602 
_refine.ls_percent_reflns_R_free                 4.919 
_refine.ls_R_factor_all                          0.190 
_refine.ls_R_factor_obs                          ? 
_refine.ls_R_factor_R_free                       0.2297 
_refine.ls_R_factor_R_free_error                 ? 
_refine.ls_R_factor_R_free_error_details         ? 
_refine.ls_R_factor_R_work                       0.1884 
_refine.ls_R_Fsqd_factor_obs                     ? 
_refine.ls_R_I_factor_obs                        ? 
_refine.ls_redundancy_reflns_all                 ? 
_refine.ls_redundancy_reflns_obs                 ? 
_refine.ls_restrained_S_all                      ? 
_refine.ls_restrained_S_obs                      ? 
_refine.ls_shift_over_esd_max                    ? 
_refine.ls_shift_over_esd_mean                   ? 
_refine.ls_structure_factor_coef                 ? 
_refine.ls_weighting_details                     ? 
_refine.ls_weighting_scheme                      ? 
_refine.ls_wR_factor_all                         ? 
_refine.ls_wR_factor_obs                         ? 
_refine.ls_wR_factor_R_free                      ? 
_refine.ls_wR_factor_R_work                      ? 
_refine.occupancy_max                            ? 
_refine.occupancy_min                            ? 
_refine.solvent_model_details                    'MASK BULK SOLVENT' 
_refine.solvent_model_param_bsol                 ? 
_refine.solvent_model_param_ksol                 ? 
_refine.pdbx_R_complete                          ? 
_refine.ls_R_factor_gt                           ? 
_refine.ls_goodness_of_fit_gt                    ? 
_refine.ls_goodness_of_fit_ref                   ? 
_refine.ls_shift_over_su_max                     ? 
_refine.ls_shift_over_su_max_lt                  ? 
_refine.ls_shift_over_su_mean                    ? 
_refine.ls_shift_over_su_mean_lt                 ? 
_refine.pdbx_ls_sigma_I                          ? 
_refine.pdbx_ls_sigma_F                          ? 
_refine.pdbx_ls_sigma_Fsqd                       ? 
_refine.pdbx_data_cutoff_high_absF               ? 
_refine.pdbx_data_cutoff_high_rms_absF           ? 
_refine.pdbx_data_cutoff_low_absF                ? 
_refine.pdbx_isotropic_thermal_model             ? 
_refine.pdbx_ls_cross_valid_method               'FREE R-VALUE' 
_refine.pdbx_method_to_determine_struct          'MOLECULAR REPLACEMENT' 
_refine.pdbx_starting_model                      3piv 
_refine.pdbx_stereochemistry_target_values       ? 
_refine.pdbx_R_Free_selection_details            ? 
_refine.pdbx_stereochem_target_val_spec_case     ? 
_refine.pdbx_overall_ESU_R                       0.084 
_refine.pdbx_overall_ESU_R_Free                  0.102 
_refine.pdbx_solvent_vdw_probe_radii             1.200 
_refine.pdbx_solvent_ion_probe_radii             0.800 
_refine.pdbx_solvent_shrinkage_radii             0.800 
_refine.pdbx_real_space_R                        ? 
_refine.pdbx_density_correlation                 ? 
_refine.pdbx_pd_number_of_powder_patterns        ? 
_refine.pdbx_pd_number_of_points                 ? 
_refine.pdbx_pd_meas_number_of_points            ? 
_refine.pdbx_pd_proc_ls_prof_R_factor            ? 
_refine.pdbx_pd_proc_ls_prof_wR_factor           ? 
_refine.pdbx_pd_Marquardt_correlation_coeff      ? 
_refine.pdbx_pd_Fsqrd_R_factor                   ? 
_refine.pdbx_pd_ls_matrix_band_width             ? 
_refine.pdbx_overall_phase_error                 ? 
_refine.pdbx_overall_SU_R_free_Cruickshank_DPI   ? 
_refine.pdbx_overall_SU_R_free_Blow_DPI          ? 
_refine.pdbx_overall_SU_R_Blow_DPI               ? 
_refine.pdbx_TLS_residual_ADP_flag               ? 
_refine.pdbx_diffrn_id                           1 
_refine.overall_SU_B                             ? 
_refine.overall_SU_ML                            0.000 
_refine.overall_SU_R_Cruickshank_DPI             ? 
_refine.overall_SU_R_free                        ? 
_refine.overall_FOM_free_R_set                   ? 
_refine.overall_FOM_work_R_set                   ? 
_refine.pdbx_average_fsc_overall                 ? 
_refine.pdbx_average_fsc_work                    ? 
_refine.pdbx_average_fsc_free                    ? 
# 
_refine_hist.pdbx_refine_id                   'X-RAY DIFFRACTION' 
_refine_hist.cycle_id                         LAST 
_refine_hist.pdbx_number_atoms_protein        1326 
_refine_hist.pdbx_number_atoms_nucleic_acid   0 
_refine_hist.pdbx_number_atoms_ligand         0 
_refine_hist.number_atoms_solvent             166 
_refine_hist.number_atoms_total               1492 
_refine_hist.d_res_high                       1.58 
_refine_hist.d_res_low                        27.755 
# 
loop_
_refine_ls_shell.pdbx_refine_id 
_refine_ls_shell.d_res_high 
_refine_ls_shell.d_res_low 
_refine_ls_shell.number_reflns_all 
_refine_ls_shell.number_reflns_obs 
_refine_ls_shell.number_reflns_R_free 
_refine_ls_shell.number_reflns_R_work 
_refine_ls_shell.percent_reflns_obs 
_refine_ls_shell.percent_reflns_R_free 
_refine_ls_shell.R_factor_all 
_refine_ls_shell.R_factor_obs 
_refine_ls_shell.R_factor_R_free 
_refine_ls_shell.R_factor_R_free_error 
_refine_ls_shell.R_factor_R_work 
_refine_ls_shell.redundancy_reflns_all 
_refine_ls_shell.redundancy_reflns_obs 
_refine_ls_shell.wR_factor_all 
_refine_ls_shell.wR_factor_obs 
_refine_ls_shell.wR_factor_R_free 
_refine_ls_shell.wR_factor_R_work 
_refine_ls_shell.pdbx_R_complete 
_refine_ls_shell.pdbx_total_number_of_bins_used 
_refine_ls_shell.pdbx_phase_error 
_refine_ls_shell.pdbx_fsc_work 
_refine_ls_shell.pdbx_fsc_free 
'X-RAY DIFFRACTION' 1.582 1.623  . . 58 1452 96.7949  . . . 0.279 . 0.181 . . . . . . . . . . . 
'X-RAY DIFFRACTION' 1.623 1.667  . . 80 1425 100.0000 . . . 0.186 . 0.176 . . . . . . . . . . . 
'X-RAY DIFFRACTION' 1.667 1.715  . . 62 1380 100.0000 . . . 0.277 . 0.186 . . . . . . . . . . . 
'X-RAY DIFFRACTION' 1.715 1.768  . . 76 1369 100.0000 . . . 0.246 . 0.194 . . . . . . . . . . . 
'X-RAY DIFFRACTION' 1.768 1.826  . . 65 1311 100.0000 . . . 0.263 . 0.196 . . . . . . . . . . . 
'X-RAY DIFFRACTION' 1.826 1.890  . . 69 1263 100.0000 . . . 0.213 . 0.194 . . . . . . . . . . . 
'X-RAY DIFFRACTION' 1.890 1.961  . . 66 1204 98.4496  . . . 0.250 . 0.231 . . . . . . . . . . . 
'X-RAY DIFFRACTION' 1.961 2.041  . . 66 1194 100.0000 . . . 0.234 . 0.187 . . . . . . . . . . . 
'X-RAY DIFFRACTION' 2.041 2.132  . . 48 1110 99.8276  . . . 0.208 . 0.175 . . . . . . . . . . . 
'X-RAY DIFFRACTION' 2.132 2.236  . . 68 1087 100.0000 . . . 0.228 . 0.194 . . . . . . . . . . . 
'X-RAY DIFFRACTION' 2.236 2.357  . . 62 1041 100.0000 . . . 0.233 . 0.210 . . . . . . . . . . . 
'X-RAY DIFFRACTION' 2.357 2.499  . . 50 984  100.0000 . . . 0.243 . 0.184 . . . . . . . . . . . 
'X-RAY DIFFRACTION' 2.499 2.671  . . 48 908  99.8955  . . . 0.239 . 0.186 . . . . . . . . . . . 
'X-RAY DIFFRACTION' 2.671 2.885  . . 40 867  99.8899  . . . 0.240 . 0.179 . . . . . . . . . . . 
'X-RAY DIFFRACTION' 2.885 3.159  . . 41 791  100.0000 . . . 0.222 . 0.187 . . . . . . . . . . . 
'X-RAY DIFFRACTION' 3.159 3.531  . . 30 740  100.0000 . . . 0.181 . 0.173 . . . . . . . . . . . 
'X-RAY DIFFRACTION' 3.531 4.074  . . 44 637  99.8534  . . . 0.181 . 0.161 . . . . . . . . . . . 
'X-RAY DIFFRACTION' 4.074 4.983  . . 24 541  100.0000 . . . 0.230 . 0.157 . . . . . . . . . . . 
'X-RAY DIFFRACTION' 4.983 7.019  . . 26 428  100.0000 . . . 0.348 . 0.268 . . . . . . . . . . . 
'X-RAY DIFFRACTION' 7.019 27.755 . . 11 255  96.7273  . . . 0.238 . 0.216 . . . . . . . . . . . 
# 
_struct.entry_id                     7WKH 
_struct.title                        'the grass carp IFNa' 
_struct.pdbx_model_details           ? 
_struct.pdbx_formula_weight          ? 
_struct.pdbx_formula_weight_method   ? 
_struct.pdbx_model_type_details      ? 
_struct.pdbx_CASP_flag               N 
# 
_struct_keywords.entry_id        7WKH 
_struct_keywords.text            'fish, interferon, CYTOKINE' 
_struct_keywords.pdbx_keywords   CYTOKINE 
# 
loop_
_struct_asym.id 
_struct_asym.pdbx_blank_PDB_chainid_flag 
_struct_asym.pdbx_modified 
_struct_asym.entity_id 
_struct_asym.details 
A N N 1 ? 
B N N 2 ? 
# 
_struct_ref.id                         1 
_struct_ref.db_name                    UNP 
_struct_ref.db_code                    Q2HZY8_CTEID 
_struct_ref.pdbx_db_accession          Q2HZY8 
_struct_ref.pdbx_db_isoform            ? 
_struct_ref.entity_id                  1 
_struct_ref.pdbx_seq_one_letter_code   
;ACEWLGRYRMISNESLSLLKEMGGKYPEGTKVSFPGRLYNMIDNAKVEDQVKFLVLTLDHIIRLMDAREHMNSVQWNLQT
VEHFLTVLNRQSSDLKECVARYQPSHKESYEKKINRHFKILKKNLKKKEYSAQAWEQIRRAVKHHLQRMDIIASIANRR
;
_struct_ref.pdbx_align_begin           22 
# 
_struct_ref_seq.align_id                      1 
_struct_ref_seq.ref_id                        1 
_struct_ref_seq.pdbx_PDB_id_code              7WKH 
_struct_ref_seq.pdbx_strand_id                A 
_struct_ref_seq.seq_align_beg                 2 
_struct_ref_seq.pdbx_seq_align_beg_ins_code   ? 
_struct_ref_seq.seq_align_end                 160 
_struct_ref_seq.pdbx_seq_align_end_ins_code   ? 
_struct_ref_seq.pdbx_db_accession             Q2HZY8 
_struct_ref_seq.db_align_beg                  22 
_struct_ref_seq.pdbx_db_align_beg_ins_code    ? 
_struct_ref_seq.db_align_end                  180 
_struct_ref_seq.pdbx_db_align_end_ins_code    ? 
_struct_ref_seq.pdbx_auth_seq_align_beg       2 
_struct_ref_seq.pdbx_auth_seq_align_end       160 
# 
_struct_ref_seq_dif.align_id                     1 
_struct_ref_seq_dif.pdbx_pdb_id_code             7WKH 
_struct_ref_seq_dif.mon_id                       MET 
_struct_ref_seq_dif.pdbx_pdb_strand_id           A 
_struct_ref_seq_dif.seq_num                      1 
_struct_ref_seq_dif.pdbx_pdb_ins_code            ? 
_struct_ref_seq_dif.pdbx_seq_db_name             UNP 
_struct_ref_seq_dif.pdbx_seq_db_accession_code   Q2HZY8 
_struct_ref_seq_dif.db_mon_id                    ? 
_struct_ref_seq_dif.pdbx_seq_db_seq_num          ? 
_struct_ref_seq_dif.details                      'initiating methionine' 
_struct_ref_seq_dif.pdbx_auth_seq_num            1 
_struct_ref_seq_dif.pdbx_ordinal                 1 
# 
_pdbx_struct_assembly.id                   1 
_pdbx_struct_assembly.details              author_defined_assembly 
_pdbx_struct_assembly.method_details       ? 
_pdbx_struct_assembly.oligomeric_details   monomeric 
_pdbx_struct_assembly.oligomeric_count     1 
# 
_pdbx_struct_assembly_gen.assembly_id       1 
_pdbx_struct_assembly_gen.oper_expression   1 
_pdbx_struct_assembly_gen.asym_id_list      A,B 
# 
_pdbx_struct_assembly_auth_evidence.id                     1 
_pdbx_struct_assembly_auth_evidence.assembly_id            1 
_pdbx_struct_assembly_auth_evidence.experimental_support   'gel filtration' 
_pdbx_struct_assembly_auth_evidence.details                ? 
# 
_pdbx_struct_oper_list.id                   1 
_pdbx_struct_oper_list.type                 'identity operation' 
_pdbx_struct_oper_list.name                 1_555 
_pdbx_struct_oper_list.symmetry_operation   x,y,z 
_pdbx_struct_oper_list.matrix[1][1]         1.0000000000 
_pdbx_struct_oper_list.matrix[1][2]         0.0000000000 
_pdbx_struct_oper_list.matrix[1][3]         0.0000000000 
_pdbx_struct_oper_list.vector[1]            0.0000000000 
_pdbx_struct_oper_list.matrix[2][1]         0.0000000000 
_pdbx_struct_oper_list.matrix[2][2]         1.0000000000 
_pdbx_struct_oper_list.matrix[2][3]         0.0000000000 
_pdbx_struct_oper_list.vector[2]            0.0000000000 
_pdbx_struct_oper_list.matrix[3][1]         0.0000000000 
_pdbx_struct_oper_list.matrix[3][2]         0.0000000000 
_pdbx_struct_oper_list.matrix[3][3]         1.0000000000 
_pdbx_struct_oper_list.vector[3]            0.0000000000 
# 
loop_
_struct_conf.conf_type_id 
_struct_conf.id 
_struct_conf.pdbx_PDB_helix_id 
_struct_conf.beg_label_comp_id 
_struct_conf.beg_label_asym_id 
_struct_conf.beg_label_seq_id 
_struct_conf.pdbx_beg_PDB_ins_code 
_struct_conf.end_label_comp_id 
_struct_conf.end_label_asym_id 
_struct_conf.end_label_seq_id 
_struct_conf.pdbx_end_PDB_ins_code 
_struct_conf.beg_auth_comp_id 
_struct_conf.beg_auth_asym_id 
_struct_conf.beg_auth_seq_id 
_struct_conf.end_auth_comp_id 
_struct_conf.end_auth_asym_id 
_struct_conf.end_auth_seq_id 
_struct_conf.pdbx_PDB_helix_class 
_struct_conf.details 
_struct_conf.pdbx_PDB_helix_length 
HELX_P HELX_P1 AA1 CYS A 3   ? GLY A 7   ? CYS A 3   GLY A 7   5 ? 5  
HELX_P HELX_P2 AA2 ARG A 8   ? MET A 23  ? ARG A 8   MET A 23  1 ? 16 
HELX_P HELX_P3 AA3 PRO A 36  ? ASN A 45  ? PRO A 36  ASN A 45  1 ? 10 
HELX_P HELX_P4 AA4 LYS A 47  ? ASP A 67  ? LYS A 47  ASP A 67  1 ? 21 
HELX_P HELX_P5 AA5 ALA A 68  ? MET A 72  ? ALA A 68  MET A 72  5 ? 5  
HELX_P HELX_P6 AA6 ASN A 78  ? ALA A 101 ? ASN A 78  ALA A 101 1 ? 24 
HELX_P HELX_P7 AA7 GLU A 109 ? LYS A 129 ? GLU A 109 LYS A 129 1 ? 21 
HELX_P HELX_P8 AA8 SER A 132 ? ARG A 159 ? SER A 132 ARG A 159 1 ? 28 
# 
_struct_conf_type.id          HELX_P 
_struct_conf_type.criteria    ? 
_struct_conf_type.reference   ? 
# 
_struct_conn.id                            disulf1 
_struct_conn.conn_type_id                  disulf 
_struct_conn.pdbx_leaving_atom_flag        ? 
_struct_conn.pdbx_PDB_id                   ? 
_struct_conn.ptnr1_label_asym_id           A 
_struct_conn.ptnr1_label_comp_id           CYS 
_struct_conn.ptnr1_label_seq_id            3 
_struct_conn.ptnr1_label_atom_id           SG 
_struct_conn.pdbx_ptnr1_label_alt_id       ? 
_struct_conn.pdbx_ptnr1_PDB_ins_code       ? 
_struct_conn.pdbx_ptnr1_standard_comp_id   ? 
_struct_conn.ptnr1_symmetry                1_555 
_struct_conn.ptnr2_label_asym_id           A 
_struct_conn.ptnr2_label_comp_id           CYS 
_struct_conn.ptnr2_label_seq_id            99 
_struct_conn.ptnr2_label_atom_id           SG 
_struct_conn.pdbx_ptnr2_label_alt_id       ? 
_struct_conn.pdbx_ptnr2_PDB_ins_code       ? 
_struct_conn.ptnr1_auth_asym_id            A 
_struct_conn.ptnr1_auth_comp_id            CYS 
_struct_conn.ptnr1_auth_seq_id             3 
_struct_conn.ptnr2_auth_asym_id            A 
_struct_conn.ptnr2_auth_comp_id            CYS 
_struct_conn.ptnr2_auth_seq_id             99 
_struct_conn.ptnr2_symmetry                1_555 
_struct_conn.pdbx_ptnr3_label_atom_id      ? 
_struct_conn.pdbx_ptnr3_label_seq_id       ? 
_struct_conn.pdbx_ptnr3_label_comp_id      ? 
_struct_conn.pdbx_ptnr3_label_asym_id      ? 
_struct_conn.pdbx_ptnr3_label_alt_id       ? 
_struct_conn.pdbx_ptnr3_PDB_ins_code       ? 
_struct_conn.details                       ? 
_struct_conn.pdbx_dist_value               2.064 
_struct_conn.pdbx_value_order              ? 
_struct_conn.pdbx_role                     ? 
# 
_struct_conn_type.id          disulf 
_struct_conn_type.criteria    ? 
_struct_conn_type.reference   ? 
# 
_pdbx_modification_feature.ordinal                            1 
_pdbx_modification_feature.label_comp_id                      CYS 
_pdbx_modification_feature.label_asym_id                      A 
_pdbx_modification_feature.label_seq_id                       3 
_pdbx_modification_feature.label_alt_id                       ? 
_pdbx_modification_feature.modified_residue_label_comp_id     CYS 
_pdbx_modification_feature.modified_residue_label_asym_id     A 
_pdbx_modification_feature.modified_residue_label_seq_id      99 
_pdbx_modification_feature.modified_residue_label_alt_id      ? 
_pdbx_modification_feature.auth_comp_id                       CYS 
_pdbx_modification_feature.auth_asym_id                       A 
_pdbx_modification_feature.auth_seq_id                        3 
_pdbx_modification_feature.PDB_ins_code                       ? 
_pdbx_modification_feature.symmetry                           1_555 
_pdbx_modification_feature.modified_residue_auth_comp_id      CYS 
_pdbx_modification_feature.modified_residue_auth_asym_id      A 
_pdbx_modification_feature.modified_residue_auth_seq_id       99 
_pdbx_modification_feature.modified_residue_PDB_ins_code      ? 
_pdbx_modification_feature.modified_residue_symmetry          1_555 
_pdbx_modification_feature.comp_id_linking_atom               SG 
_pdbx_modification_feature.modified_residue_id_linking_atom   SG 
_pdbx_modification_feature.modified_residue_id                . 
_pdbx_modification_feature.ref_pcm_id                         . 
_pdbx_modification_feature.ref_comp_id                        . 
_pdbx_modification_feature.type                               None 
_pdbx_modification_feature.category                           'Disulfide bridge' 
# 
_pdbx_entry_details.entry_id                   7WKH 
_pdbx_entry_details.compound_details           ? 
_pdbx_entry_details.source_details             ? 
_pdbx_entry_details.nonpolymer_details         ? 
_pdbx_entry_details.sequence_details           ? 
_pdbx_entry_details.has_ligand_of_interest     ? 
_pdbx_entry_details.has_protein_modification   Y 
# 
_pdbx_validate_close_contact.id               1 
_pdbx_validate_close_contact.PDB_model_num    1 
_pdbx_validate_close_contact.auth_atom_id_1   O 
_pdbx_validate_close_contact.auth_asym_id_1   A 
_pdbx_validate_close_contact.auth_comp_id_1   HOH 
_pdbx_validate_close_contact.auth_seq_id_1    262 
_pdbx_validate_close_contact.PDB_ins_code_1   ? 
_pdbx_validate_close_contact.label_alt_id_1   ? 
_pdbx_validate_close_contact.auth_atom_id_2   O 
_pdbx_validate_close_contact.auth_asym_id_2   A 
_pdbx_validate_close_contact.auth_comp_id_2   HOH 
_pdbx_validate_close_contact.auth_seq_id_2    310 
_pdbx_validate_close_contact.PDB_ins_code_2   ? 
_pdbx_validate_close_contact.label_alt_id_2   ? 
_pdbx_validate_close_contact.dist             1.87 
# 
loop_
_pdbx_validate_rmsd_angle.id 
_pdbx_validate_rmsd_angle.PDB_model_num 
_pdbx_validate_rmsd_angle.auth_atom_id_1 
_pdbx_validate_rmsd_angle.auth_asym_id_1 
_pdbx_validate_rmsd_angle.auth_comp_id_1 
_pdbx_validate_rmsd_angle.auth_seq_id_1 
_pdbx_validate_rmsd_angle.PDB_ins_code_1 
_pdbx_validate_rmsd_angle.label_alt_id_1 
_pdbx_validate_rmsd_angle.auth_atom_id_2 
_pdbx_validate_rmsd_angle.auth_asym_id_2 
_pdbx_validate_rmsd_angle.auth_comp_id_2 
_pdbx_validate_rmsd_angle.auth_seq_id_2 
_pdbx_validate_rmsd_angle.PDB_ins_code_2 
_pdbx_validate_rmsd_angle.label_alt_id_2 
_pdbx_validate_rmsd_angle.auth_atom_id_3 
_pdbx_validate_rmsd_angle.auth_asym_id_3 
_pdbx_validate_rmsd_angle.auth_comp_id_3 
_pdbx_validate_rmsd_angle.auth_seq_id_3 
_pdbx_validate_rmsd_angle.PDB_ins_code_3 
_pdbx_validate_rmsd_angle.label_alt_id_3 
_pdbx_validate_rmsd_angle.angle_value 
_pdbx_validate_rmsd_angle.angle_target_value 
_pdbx_validate_rmsd_angle.angle_deviation 
_pdbx_validate_rmsd_angle.angle_standard_deviation 
_pdbx_validate_rmsd_angle.linker_flag 
1 1 NE A ARG 140 ? ? CZ A ARG 140 ? ? NH2 A ARG 140 ? ? 116.78 120.30 -3.52 0.50 N 
2 1 NE A ARG 149 ? ? CZ A ARG 149 ? ? NH1 A ARG 149 ? ? 124.82 120.30 4.52  0.50 N 
# 
_pdbx_struct_special_symmetry.id              1 
_pdbx_struct_special_symmetry.PDB_model_num   1 
_pdbx_struct_special_symmetry.auth_asym_id    A 
_pdbx_struct_special_symmetry.auth_comp_id    HOH 
_pdbx_struct_special_symmetry.auth_seq_id     362 
_pdbx_struct_special_symmetry.PDB_ins_code    ? 
_pdbx_struct_special_symmetry.label_asym_id   B 
_pdbx_struct_special_symmetry.label_comp_id   HOH 
_pdbx_struct_special_symmetry.label_seq_id    . 
# 
_pdbx_unobs_or_zero_occ_residues.id               1 
_pdbx_unobs_or_zero_occ_residues.PDB_model_num    1 
_pdbx_unobs_or_zero_occ_residues.polymer_flag     Y 
_pdbx_unobs_or_zero_occ_residues.occupancy_flag   1 
_pdbx_unobs_or_zero_occ_residues.auth_asym_id     A 
_pdbx_unobs_or_zero_occ_residues.auth_comp_id     MET 
_pdbx_unobs_or_zero_occ_residues.auth_seq_id      1 
_pdbx_unobs_or_zero_occ_residues.PDB_ins_code     ? 
_pdbx_unobs_or_zero_occ_residues.label_asym_id    A 
_pdbx_unobs_or_zero_occ_residues.label_comp_id    MET 
_pdbx_unobs_or_zero_occ_residues.label_seq_id     1 
# 
loop_
_chem_comp_atom.comp_id 
_chem_comp_atom.atom_id 
_chem_comp_atom.type_symbol 
_chem_comp_atom.pdbx_aromatic_flag 
_chem_comp_atom.pdbx_stereo_config 
_chem_comp_atom.pdbx_ordinal 
ALA N    N N N 1   
ALA CA   C N S 2   
ALA C    C N N 3   
ALA O    O N N 4   
ALA CB   C N N 5   
ALA OXT  O N N 6   
ALA H    H N N 7   
ALA H2   H N N 8   
ALA HA   H N N 9   
ALA HB1  H N N 10  
ALA HB2  H N N 11  
ALA HB3  H N N 12  
ALA HXT  H N N 13  
ARG N    N N N 14  
ARG CA   C N S 15  
ARG C    C N N 16  
ARG O    O N N 17  
ARG CB   C N N 18  
ARG CG   C N N 19  
ARG CD   C N N 20  
ARG NE   N N N 21  
ARG CZ   C N N 22  
ARG NH1  N N N 23  
ARG NH2  N N N 24  
ARG OXT  O N N 25  
ARG H    H N N 26  
ARG H2   H N N 27  
ARG HA   H N N 28  
ARG HB2  H N N 29  
ARG HB3  H N N 30  
ARG HG2  H N N 31  
ARG HG3  H N N 32  
ARG HD2  H N N 33  
ARG HD3  H N N 34  
ARG HE   H N N 35  
ARG HH11 H N N 36  
ARG HH12 H N N 37  
ARG HH21 H N N 38  
ARG HH22 H N N 39  
ARG HXT  H N N 40  
ASN N    N N N 41  
ASN CA   C N S 42  
ASN C    C N N 43  
ASN O    O N N 44  
ASN CB   C N N 45  
ASN CG   C N N 46  
ASN OD1  O N N 47  
ASN ND2  N N N 48  
ASN OXT  O N N 49  
ASN H    H N N 50  
ASN H2   H N N 51  
ASN HA   H N N 52  
ASN HB2  H N N 53  
ASN HB3  H N N 54  
ASN HD21 H N N 55  
ASN HD22 H N N 56  
ASN HXT  H N N 57  
ASP N    N N N 58  
ASP CA   C N S 59  
ASP C    C N N 60  
ASP O    O N N 61  
ASP CB   C N N 62  
ASP CG   C N N 63  
ASP OD1  O N N 64  
ASP OD2  O N N 65  
ASP OXT  O N N 66  
ASP H    H N N 67  
ASP H2   H N N 68  
ASP HA   H N N 69  
ASP HB2  H N N 70  
ASP HB3  H N N 71  
ASP HD2  H N N 72  
ASP HXT  H N N 73  
CYS N    N N N 74  
CYS CA   C N R 75  
CYS C    C N N 76  
CYS O    O N N 77  
CYS CB   C N N 78  
CYS SG   S N N 79  
CYS OXT  O N N 80  
CYS H    H N N 81  
CYS H2   H N N 82  
CYS HA   H N N 83  
CYS HB2  H N N 84  
CYS HB3  H N N 85  
CYS HG   H N N 86  
CYS HXT  H N N 87  
GLN N    N N N 88  
GLN CA   C N S 89  
GLN C    C N N 90  
GLN O    O N N 91  
GLN CB   C N N 92  
GLN CG   C N N 93  
GLN CD   C N N 94  
GLN OE1  O N N 95  
GLN NE2  N N N 96  
GLN OXT  O N N 97  
GLN H    H N N 98  
GLN H2   H N N 99  
GLN HA   H N N 100 
GLN HB2  H N N 101 
GLN HB3  H N N 102 
GLN HG2  H N N 103 
GLN HG3  H N N 104 
GLN HE21 H N N 105 
GLN HE22 H N N 106 
GLN HXT  H N N 107 
GLU N    N N N 108 
GLU CA   C N S 109 
GLU C    C N N 110 
GLU O    O N N 111 
GLU CB   C N N 112 
GLU CG   C N N 113 
GLU CD   C N N 114 
GLU OE1  O N N 115 
GLU OE2  O N N 116 
GLU OXT  O N N 117 
GLU H    H N N 118 
GLU H2   H N N 119 
GLU HA   H N N 120 
GLU HB2  H N N 121 
GLU HB3  H N N 122 
GLU HG2  H N N 123 
GLU HG3  H N N 124 
GLU HE2  H N N 125 
GLU HXT  H N N 126 
GLY N    N N N 127 
GLY CA   C N N 128 
GLY C    C N N 129 
GLY O    O N N 130 
GLY OXT  O N N 131 
GLY H    H N N 132 
GLY H2   H N N 133 
GLY HA2  H N N 134 
GLY HA3  H N N 135 
GLY HXT  H N N 136 
HIS N    N N N 137 
HIS CA   C N S 138 
HIS C    C N N 139 
HIS O    O N N 140 
HIS CB   C N N 141 
HIS CG   C Y N 142 
HIS ND1  N Y N 143 
HIS CD2  C Y N 144 
HIS CE1  C Y N 145 
HIS NE2  N Y N 146 
HIS OXT  O N N 147 
HIS H    H N N 148 
HIS H2   H N N 149 
HIS HA   H N N 150 
HIS HB2  H N N 151 
HIS HB3  H N N 152 
HIS HD1  H N N 153 
HIS HD2  H N N 154 
HIS HE1  H N N 155 
HIS HE2  H N N 156 
HIS HXT  H N N 157 
HOH O    O N N 158 
HOH H1   H N N 159 
HOH H2   H N N 160 
ILE N    N N N 161 
ILE CA   C N S 162 
ILE C    C N N 163 
ILE O    O N N 164 
ILE CB   C N S 165 
ILE CG1  C N N 166 
ILE CG2  C N N 167 
ILE CD1  C N N 168 
ILE OXT  O N N 169 
ILE H    H N N 170 
ILE H2   H N N 171 
ILE HA   H N N 172 
ILE HB   H N N 173 
ILE HG12 H N N 174 
ILE HG13 H N N 175 
ILE HG21 H N N 176 
ILE HG22 H N N 177 
ILE HG23 H N N 178 
ILE HD11 H N N 179 
ILE HD12 H N N 180 
ILE HD13 H N N 181 
ILE HXT  H N N 182 
LEU N    N N N 183 
LEU CA   C N S 184 
LEU C    C N N 185 
LEU O    O N N 186 
LEU CB   C N N 187 
LEU CG   C N N 188 
LEU CD1  C N N 189 
LEU CD2  C N N 190 
LEU OXT  O N N 191 
LEU H    H N N 192 
LEU H2   H N N 193 
LEU HA   H N N 194 
LEU HB2  H N N 195 
LEU HB3  H N N 196 
LEU HG   H N N 197 
LEU HD11 H N N 198 
LEU HD12 H N N 199 
LEU HD13 H N N 200 
LEU HD21 H N N 201 
LEU HD22 H N N 202 
LEU HD23 H N N 203 
LEU HXT  H N N 204 
LYS N    N N N 205 
LYS CA   C N S 206 
LYS C    C N N 207 
LYS O    O N N 208 
LYS CB   C N N 209 
LYS CG   C N N 210 
LYS CD   C N N 211 
LYS CE   C N N 212 
LYS NZ   N N N 213 
LYS OXT  O N N 214 
LYS H    H N N 215 
LYS H2   H N N 216 
LYS HA   H N N 217 
LYS HB2  H N N 218 
LYS HB3  H N N 219 
LYS HG2  H N N 220 
LYS HG3  H N N 221 
LYS HD2  H N N 222 
LYS HD3  H N N 223 
LYS HE2  H N N 224 
LYS HE3  H N N 225 
LYS HZ1  H N N 226 
LYS HZ2  H N N 227 
LYS HZ3  H N N 228 
LYS HXT  H N N 229 
MET N    N N N 230 
MET CA   C N S 231 
MET C    C N N 232 
MET O    O N N 233 
MET CB   C N N 234 
MET CG   C N N 235 
MET SD   S N N 236 
MET CE   C N N 237 
MET OXT  O N N 238 
MET H    H N N 239 
MET H2   H N N 240 
MET HA   H N N 241 
MET HB2  H N N 242 
MET HB3  H N N 243 
MET HG2  H N N 244 
MET HG3  H N N 245 
MET HE1  H N N 246 
MET HE2  H N N 247 
MET HE3  H N N 248 
MET HXT  H N N 249 
PHE N    N N N 250 
PHE CA   C N S 251 
PHE C    C N N 252 
PHE O    O N N 253 
PHE CB   C N N 254 
PHE CG   C Y N 255 
PHE CD1  C Y N 256 
PHE CD2  C Y N 257 
PHE CE1  C Y N 258 
PHE CE2  C Y N 259 
PHE CZ   C Y N 260 
PHE OXT  O N N 261 
PHE H    H N N 262 
PHE H2   H N N 263 
PHE HA   H N N 264 
PHE HB2  H N N 265 
PHE HB3  H N N 266 
PHE HD1  H N N 267 
PHE HD2  H N N 268 
PHE HE1  H N N 269 
PHE HE2  H N N 270 
PHE HZ   H N N 271 
PHE HXT  H N N 272 
PRO N    N N N 273 
PRO CA   C N S 274 
PRO C    C N N 275 
PRO O    O N N 276 
PRO CB   C N N 277 
PRO CG   C N N 278 
PRO CD   C N N 279 
PRO OXT  O N N 280 
PRO H    H N N 281 
PRO HA   H N N 282 
PRO HB2  H N N 283 
PRO HB3  H N N 284 
PRO HG2  H N N 285 
PRO HG3  H N N 286 
PRO HD2  H N N 287 
PRO HD3  H N N 288 
PRO HXT  H N N 289 
SER N    N N N 290 
SER CA   C N S 291 
SER C    C N N 292 
SER O    O N N 293 
SER CB   C N N 294 
SER OG   O N N 295 
SER OXT  O N N 296 
SER H    H N N 297 
SER H2   H N N 298 
SER HA   H N N 299 
SER HB2  H N N 300 
SER HB3  H N N 301 
SER HG   H N N 302 
SER HXT  H N N 303 
THR N    N N N 304 
THR CA   C N S 305 
THR C    C N N 306 
THR O    O N N 307 
THR CB   C N R 308 
THR OG1  O N N 309 
THR CG2  C N N 310 
THR OXT  O N N 311 
THR H    H N N 312 
THR H2   H N N 313 
THR HA   H N N 314 
THR HB   H N N 315 
THR HG1  H N N 316 
THR HG21 H N N 317 
THR HG22 H N N 318 
THR HG23 H N N 319 
THR HXT  H N N 320 
TRP N    N N N 321 
TRP CA   C N S 322 
TRP C    C N N 323 
TRP O    O N N 324 
TRP CB   C N N 325 
TRP CG   C Y N 326 
TRP CD1  C Y N 327 
TRP CD2  C Y N 328 
TRP NE1  N Y N 329 
TRP CE2  C Y N 330 
TRP CE3  C Y N 331 
TRP CZ2  C Y N 332 
TRP CZ3  C Y N 333 
TRP CH2  C Y N 334 
TRP OXT  O N N 335 
TRP H    H N N 336 
TRP H2   H N N 337 
TRP HA   H N N 338 
TRP HB2  H N N 339 
TRP HB3  H N N 340 
TRP HD1  H N N 341 
TRP HE1  H N N 342 
TRP HE3  H N N 343 
TRP HZ2  H N N 344 
TRP HZ3  H N N 345 
TRP HH2  H N N 346 
TRP HXT  H N N 347 
TYR N    N N N 348 
TYR CA   C N S 349 
TYR C    C N N 350 
TYR O    O N N 351 
TYR CB   C N N 352 
TYR CG   C Y N 353 
TYR CD1  C Y N 354 
TYR CD2  C Y N 355 
TYR CE1  C Y N 356 
TYR CE2  C Y N 357 
TYR CZ   C Y N 358 
TYR OH   O N N 359 
TYR OXT  O N N 360 
TYR H    H N N 361 
TYR H2   H N N 362 
TYR HA   H N N 363 
TYR HB2  H N N 364 
TYR HB3  H N N 365 
TYR HD1  H N N 366 
TYR HD2  H N N 367 
TYR HE1  H N N 368 
TYR HE2  H N N 369 
TYR HH   H N N 370 
TYR HXT  H N N 371 
VAL N    N N N 372 
VAL CA   C N S 373 
VAL C    C N N 374 
VAL O    O N N 375 
VAL CB   C N N 376 
VAL CG1  C N N 377 
VAL CG2  C N N 378 
VAL OXT  O N N 379 
VAL H    H N N 380 
VAL H2   H N N 381 
VAL HA   H N N 382 
VAL HB   H N N 383 
VAL HG11 H N N 384 
VAL HG12 H N N 385 
VAL HG13 H N N 386 
VAL HG21 H N N 387 
VAL HG22 H N N 388 
VAL HG23 H N N 389 
VAL HXT  H N N 390 
# 
loop_
_chem_comp_bond.comp_id 
_chem_comp_bond.atom_id_1 
_chem_comp_bond.atom_id_2 
_chem_comp_bond.value_order 
_chem_comp_bond.pdbx_aromatic_flag 
_chem_comp_bond.pdbx_stereo_config 
_chem_comp_bond.pdbx_ordinal 
ALA N   CA   sing N N 1   
ALA N   H    sing N N 2   
ALA N   H2   sing N N 3   
ALA CA  C    sing N N 4   
ALA CA  CB   sing N N 5   
ALA CA  HA   sing N N 6   
ALA C   O    doub N N 7   
ALA C   OXT  sing N N 8   
ALA CB  HB1  sing N N 9   
ALA CB  HB2  sing N N 10  
ALA CB  HB3  sing N N 11  
ALA OXT HXT  sing N N 12  
ARG N   CA   sing N N 13  
ARG N   H    sing N N 14  
ARG N   H2   sing N N 15  
ARG CA  C    sing N N 16  
ARG CA  CB   sing N N 17  
ARG CA  HA   sing N N 18  
ARG C   O    doub N N 19  
ARG C   OXT  sing N N 20  
ARG CB  CG   sing N N 21  
ARG CB  HB2  sing N N 22  
ARG CB  HB3  sing N N 23  
ARG CG  CD   sing N N 24  
ARG CG  HG2  sing N N 25  
ARG CG  HG3  sing N N 26  
ARG CD  NE   sing N N 27  
ARG CD  HD2  sing N N 28  
ARG CD  HD3  sing N N 29  
ARG NE  CZ   sing N N 30  
ARG NE  HE   sing N N 31  
ARG CZ  NH1  sing N N 32  
ARG CZ  NH2  doub N N 33  
ARG NH1 HH11 sing N N 34  
ARG NH1 HH12 sing N N 35  
ARG NH2 HH21 sing N N 36  
ARG NH2 HH22 sing N N 37  
ARG OXT HXT  sing N N 38  
ASN N   CA   sing N N 39  
ASN N   H    sing N N 40  
ASN N   H2   sing N N 41  
ASN CA  C    sing N N 42  
ASN CA  CB   sing N N 43  
ASN CA  HA   sing N N 44  
ASN C   O    doub N N 45  
ASN C   OXT  sing N N 46  
ASN CB  CG   sing N N 47  
ASN CB  HB2  sing N N 48  
ASN CB  HB3  sing N N 49  
ASN CG  OD1  doub N N 50  
ASN CG  ND2  sing N N 51  
ASN ND2 HD21 sing N N 52  
ASN ND2 HD22 sing N N 53  
ASN OXT HXT  sing N N 54  
ASP N   CA   sing N N 55  
ASP N   H    sing N N 56  
ASP N   H2   sing N N 57  
ASP CA  C    sing N N 58  
ASP CA  CB   sing N N 59  
ASP CA  HA   sing N N 60  
ASP C   O    doub N N 61  
ASP C   OXT  sing N N 62  
ASP CB  CG   sing N N 63  
ASP CB  HB2  sing N N 64  
ASP CB  HB3  sing N N 65  
ASP CG  OD1  doub N N 66  
ASP CG  OD2  sing N N 67  
ASP OD2 HD2  sing N N 68  
ASP OXT HXT  sing N N 69  
CYS N   CA   sing N N 70  
CYS N   H    sing N N 71  
CYS N   H2   sing N N 72  
CYS CA  C    sing N N 73  
CYS CA  CB   sing N N 74  
CYS CA  HA   sing N N 75  
CYS C   O    doub N N 76  
CYS C   OXT  sing N N 77  
CYS CB  SG   sing N N 78  
CYS CB  HB2  sing N N 79  
CYS CB  HB3  sing N N 80  
CYS SG  HG   sing N N 81  
CYS OXT HXT  sing N N 82  
GLN N   CA   sing N N 83  
GLN N   H    sing N N 84  
GLN N   H2   sing N N 85  
GLN CA  C    sing N N 86  
GLN CA  CB   sing N N 87  
GLN CA  HA   sing N N 88  
GLN C   O    doub N N 89  
GLN C   OXT  sing N N 90  
GLN CB  CG   sing N N 91  
GLN CB  HB2  sing N N 92  
GLN CB  HB3  sing N N 93  
GLN CG  CD   sing N N 94  
GLN CG  HG2  sing N N 95  
GLN CG  HG3  sing N N 96  
GLN CD  OE1  doub N N 97  
GLN CD  NE2  sing N N 98  
GLN NE2 HE21 sing N N 99  
GLN NE2 HE22 sing N N 100 
GLN OXT HXT  sing N N 101 
GLU N   CA   sing N N 102 
GLU N   H    sing N N 103 
GLU N   H2   sing N N 104 
GLU CA  C    sing N N 105 
GLU CA  CB   sing N N 106 
GLU CA  HA   sing N N 107 
GLU C   O    doub N N 108 
GLU C   OXT  sing N N 109 
GLU CB  CG   sing N N 110 
GLU CB  HB2  sing N N 111 
GLU CB  HB3  sing N N 112 
GLU CG  CD   sing N N 113 
GLU CG  HG2  sing N N 114 
GLU CG  HG3  sing N N 115 
GLU CD  OE1  doub N N 116 
GLU CD  OE2  sing N N 117 
GLU OE2 HE2  sing N N 118 
GLU OXT HXT  sing N N 119 
GLY N   CA   sing N N 120 
GLY N   H    sing N N 121 
GLY N   H2   sing N N 122 
GLY CA  C    sing N N 123 
GLY CA  HA2  sing N N 124 
GLY CA  HA3  sing N N 125 
GLY C   O    doub N N 126 
GLY C   OXT  sing N N 127 
GLY OXT HXT  sing N N 128 
HIS N   CA   sing N N 129 
HIS N   H    sing N N 130 
HIS N   H2   sing N N 131 
HIS CA  C    sing N N 132 
HIS CA  CB   sing N N 133 
HIS CA  HA   sing N N 134 
HIS C   O    doub N N 135 
HIS C   OXT  sing N N 136 
HIS CB  CG   sing N N 137 
HIS CB  HB2  sing N N 138 
HIS CB  HB3  sing N N 139 
HIS CG  ND1  sing Y N 140 
HIS CG  CD2  doub Y N 141 
HIS ND1 CE1  doub Y N 142 
HIS ND1 HD1  sing N N 143 
HIS CD2 NE2  sing Y N 144 
HIS CD2 HD2  sing N N 145 
HIS CE1 NE2  sing Y N 146 
HIS CE1 HE1  sing N N 147 
HIS NE2 HE2  sing N N 148 
HIS OXT HXT  sing N N 149 
HOH O   H1   sing N N 150 
HOH O   H2   sing N N 151 
ILE N   CA   sing N N 152 
ILE N   H    sing N N 153 
ILE N   H2   sing N N 154 
ILE CA  C    sing N N 155 
ILE CA  CB   sing N N 156 
ILE CA  HA   sing N N 157 
ILE C   O    doub N N 158 
ILE C   OXT  sing N N 159 
ILE CB  CG1  sing N N 160 
ILE CB  CG2  sing N N 161 
ILE CB  HB   sing N N 162 
ILE CG1 CD1  sing N N 163 
ILE CG1 HG12 sing N N 164 
ILE CG1 HG13 sing N N 165 
ILE CG2 HG21 sing N N 166 
ILE CG2 HG22 sing N N 167 
ILE CG2 HG23 sing N N 168 
ILE CD1 HD11 sing N N 169 
ILE CD1 HD12 sing N N 170 
ILE CD1 HD13 sing N N 171 
ILE OXT HXT  sing N N 172 
LEU N   CA   sing N N 173 
LEU N   H    sing N N 174 
LEU N   H2   sing N N 175 
LEU CA  C    sing N N 176 
LEU CA  CB   sing N N 177 
LEU CA  HA   sing N N 178 
LEU C   O    doub N N 179 
LEU C   OXT  sing N N 180 
LEU CB  CG   sing N N 181 
LEU CB  HB2  sing N N 182 
LEU CB  HB3  sing N N 183 
LEU CG  CD1  sing N N 184 
LEU CG  CD2  sing N N 185 
LEU CG  HG   sing N N 186 
LEU CD1 HD11 sing N N 187 
LEU CD1 HD12 sing N N 188 
LEU CD1 HD13 sing N N 189 
LEU CD2 HD21 sing N N 190 
LEU CD2 HD22 sing N N 191 
LEU CD2 HD23 sing N N 192 
LEU OXT HXT  sing N N 193 
LYS N   CA   sing N N 194 
LYS N   H    sing N N 195 
LYS N   H2   sing N N 196 
LYS CA  C    sing N N 197 
LYS CA  CB   sing N N 198 
LYS CA  HA   sing N N 199 
LYS C   O    doub N N 200 
LYS C   OXT  sing N N 201 
LYS CB  CG   sing N N 202 
LYS CB  HB2  sing N N 203 
LYS CB  HB3  sing N N 204 
LYS CG  CD   sing N N 205 
LYS CG  HG2  sing N N 206 
LYS CG  HG3  sing N N 207 
LYS CD  CE   sing N N 208 
LYS CD  HD2  sing N N 209 
LYS CD  HD3  sing N N 210 
LYS CE  NZ   sing N N 211 
LYS CE  HE2  sing N N 212 
LYS CE  HE3  sing N N 213 
LYS NZ  HZ1  sing N N 214 
LYS NZ  HZ2  sing N N 215 
LYS NZ  HZ3  sing N N 216 
LYS OXT HXT  sing N N 217 
MET N   CA   sing N N 218 
MET N   H    sing N N 219 
MET N   H2   sing N N 220 
MET CA  C    sing N N 221 
MET CA  CB   sing N N 222 
MET CA  HA   sing N N 223 
MET C   O    doub N N 224 
MET C   OXT  sing N N 225 
MET CB  CG   sing N N 226 
MET CB  HB2  sing N N 227 
MET CB  HB3  sing N N 228 
MET CG  SD   sing N N 229 
MET CG  HG2  sing N N 230 
MET CG  HG3  sing N N 231 
MET SD  CE   sing N N 232 
MET CE  HE1  sing N N 233 
MET CE  HE2  sing N N 234 
MET CE  HE3  sing N N 235 
MET OXT HXT  sing N N 236 
PHE N   CA   sing N N 237 
PHE N   H    sing N N 238 
PHE N   H2   sing N N 239 
PHE CA  C    sing N N 240 
PHE CA  CB   sing N N 241 
PHE CA  HA   sing N N 242 
PHE C   O    doub N N 243 
PHE C   OXT  sing N N 244 
PHE CB  CG   sing N N 245 
PHE CB  HB2  sing N N 246 
PHE CB  HB3  sing N N 247 
PHE CG  CD1  doub Y N 248 
PHE CG  CD2  sing Y N 249 
PHE CD1 CE1  sing Y N 250 
PHE CD1 HD1  sing N N 251 
PHE CD2 CE2  doub Y N 252 
PHE CD2 HD2  sing N N 253 
PHE CE1 CZ   doub Y N 254 
PHE CE1 HE1  sing N N 255 
PHE CE2 CZ   sing Y N 256 
PHE CE2 HE2  sing N N 257 
PHE CZ  HZ   sing N N 258 
PHE OXT HXT  sing N N 259 
PRO N   CA   sing N N 260 
PRO N   CD   sing N N 261 
PRO N   H    sing N N 262 
PRO CA  C    sing N N 263 
PRO CA  CB   sing N N 264 
PRO CA  HA   sing N N 265 
PRO C   O    doub N N 266 
PRO C   OXT  sing N N 267 
PRO CB  CG   sing N N 268 
PRO CB  HB2  sing N N 269 
PRO CB  HB3  sing N N 270 
PRO CG  CD   sing N N 271 
PRO CG  HG2  sing N N 272 
PRO CG  HG3  sing N N 273 
PRO CD  HD2  sing N N 274 
PRO CD  HD3  sing N N 275 
PRO OXT HXT  sing N N 276 
SER N   CA   sing N N 277 
SER N   H    sing N N 278 
SER N   H2   sing N N 279 
SER CA  C    sing N N 280 
SER CA  CB   sing N N 281 
SER CA  HA   sing N N 282 
SER C   O    doub N N 283 
SER C   OXT  sing N N 284 
SER CB  OG   sing N N 285 
SER CB  HB2  sing N N 286 
SER CB  HB3  sing N N 287 
SER OG  HG   sing N N 288 
SER OXT HXT  sing N N 289 
THR N   CA   sing N N 290 
THR N   H    sing N N 291 
THR N   H2   sing N N 292 
THR CA  C    sing N N 293 
THR CA  CB   sing N N 294 
THR CA  HA   sing N N 295 
THR C   O    doub N N 296 
THR C   OXT  sing N N 297 
THR CB  OG1  sing N N 298 
THR CB  CG2  sing N N 299 
THR CB  HB   sing N N 300 
THR OG1 HG1  sing N N 301 
THR CG2 HG21 sing N N 302 
THR CG2 HG22 sing N N 303 
THR CG2 HG23 sing N N 304 
THR OXT HXT  sing N N 305 
TRP N   CA   sing N N 306 
TRP N   H    sing N N 307 
TRP N   H2   sing N N 308 
TRP CA  C    sing N N 309 
TRP CA  CB   sing N N 310 
TRP CA  HA   sing N N 311 
TRP C   O    doub N N 312 
TRP C   OXT  sing N N 313 
TRP CB  CG   sing N N 314 
TRP CB  HB2  sing N N 315 
TRP CB  HB3  sing N N 316 
TRP CG  CD1  doub Y N 317 
TRP CG  CD2  sing Y N 318 
TRP CD1 NE1  sing Y N 319 
TRP CD1 HD1  sing N N 320 
TRP CD2 CE2  doub Y N 321 
TRP CD2 CE3  sing Y N 322 
TRP NE1 CE2  sing Y N 323 
TRP NE1 HE1  sing N N 324 
TRP CE2 CZ2  sing Y N 325 
TRP CE3 CZ3  doub Y N 326 
TRP CE3 HE3  sing N N 327 
TRP CZ2 CH2  doub Y N 328 
TRP CZ2 HZ2  sing N N 329 
TRP CZ3 CH2  sing Y N 330 
TRP CZ3 HZ3  sing N N 331 
TRP CH2 HH2  sing N N 332 
TRP OXT HXT  sing N N 333 
TYR N   CA   sing N N 334 
TYR N   H    sing N N 335 
TYR N   H2   sing N N 336 
TYR CA  C    sing N N 337 
TYR CA  CB   sing N N 338 
TYR CA  HA   sing N N 339 
TYR C   O    doub N N 340 
TYR C   OXT  sing N N 341 
TYR CB  CG   sing N N 342 
TYR CB  HB2  sing N N 343 
TYR CB  HB3  sing N N 344 
TYR CG  CD1  doub Y N 345 
TYR CG  CD2  sing Y N 346 
TYR CD1 CE1  sing Y N 347 
TYR CD1 HD1  sing N N 348 
TYR CD2 CE2  doub Y N 349 
TYR CD2 HD2  sing N N 350 
TYR CE1 CZ   doub Y N 351 
TYR CE1 HE1  sing N N 352 
TYR CE2 CZ   sing Y N 353 
TYR CE2 HE2  sing N N 354 
TYR CZ  OH   sing N N 355 
TYR OH  HH   sing N N 356 
TYR OXT HXT  sing N N 357 
VAL N   CA   sing N N 358 
VAL N   H    sing N N 359 
VAL N   H2   sing N N 360 
VAL CA  C    sing N N 361 
VAL CA  CB   sing N N 362 
VAL CA  HA   sing N N 363 
VAL C   O    doub N N 364 
VAL C   OXT  sing N N 365 
VAL CB  CG1  sing N N 366 
VAL CB  CG2  sing N N 367 
VAL CB  HB   sing N N 368 
VAL CG1 HG11 sing N N 369 
VAL CG1 HG12 sing N N 370 
VAL CG1 HG13 sing N N 371 
VAL CG2 HG21 sing N N 372 
VAL CG2 HG22 sing N N 373 
VAL CG2 HG23 sing N N 374 
VAL OXT HXT  sing N N 375 
# 
_pdbx_audit_support.funding_organization   'National Natural Science Foundation of China (NSFC)' 
_pdbx_audit_support.country                China 
_pdbx_audit_support.grant_number           32030112 
_pdbx_audit_support.ordinal                1 
# 
_pdbx_initial_refinement_model.id               1 
_pdbx_initial_refinement_model.entity_id_list   ? 
_pdbx_initial_refinement_model.type             'experimental model' 
_pdbx_initial_refinement_model.source_name      PDB 
_pdbx_initial_refinement_model.accession_code   3PIV 
_pdbx_initial_refinement_model.details          ? 
# 
_atom_sites.entry_id                    7WKH 
_atom_sites.Cartn_transf_matrix[1][1]   ? 
_atom_sites.Cartn_transf_matrix[1][2]   ? 
_atom_sites.Cartn_transf_matrix[1][3]   ? 
_atom_sites.Cartn_transf_matrix[2][1]   ? 
_atom_sites.Cartn_transf_matrix[2][2]   ? 
_atom_sites.Cartn_transf_matrix[2][3]   ? 
_atom_sites.Cartn_transf_matrix[3][1]   ? 
_atom_sites.Cartn_transf_matrix[3][2]   ? 
_atom_sites.Cartn_transf_matrix[3][3]   ? 
_atom_sites.Cartn_transf_vector[1]      ? 
_atom_sites.Cartn_transf_vector[2]      ? 
_atom_sites.Cartn_transf_vector[3]      ? 
_atom_sites.fract_transf_matrix[1][1]   0.00421416 
_atom_sites.fract_transf_matrix[1][2]   0.01129888 
_atom_sites.fract_transf_matrix[1][3]   0.00088287 
_atom_sites.fract_transf_matrix[2][1]   0.00118433 
_atom_sites.fract_transf_matrix[2][2]   0.00193637 
_atom_sites.fract_transf_matrix[2][3]   -0.03043447 
_atom_sites.fract_transf_matrix[3][1]   -0.01517009 
_atom_sites.fract_transf_matrix[3][2]   0.00973490 
_atom_sites.fract_transf_matrix[3][3]   0.00002904 
_atom_sites.fract_transf_vector[1]      0.164360 
_atom_sites.fract_transf_vector[2]      0.268095 
_atom_sites.fract_transf_vector[3]      0.291512 
_atom_sites.solution_primary            ? 
_atom_sites.solution_secondary          ? 
_atom_sites.solution_hydrogens          ? 
_atom_sites.special_details             ? 
# 
loop_
_atom_type.symbol 
_atom_type.pdbx_scat_Z 
_atom_type.pdbx_N_electrons 
_atom_type.scat_Cromer_Mann_a1 
_atom_type.scat_Cromer_Mann_b1 
_atom_type.scat_Cromer_Mann_a2 
_atom_type.scat_Cromer_Mann_b2 
_atom_type.scat_Cromer_Mann_a3 
_atom_type.scat_Cromer_Mann_b3 
_atom_type.scat_Cromer_Mann_a4 
_atom_type.scat_Cromer_Mann_b4 
C 6  6  2.310  20.844 1.020 10.208 1.589 0.569  0.865 51.651 
N 7  7  12.222 0.006  3.135 9.893  2.014 28.997 1.167 0.583  
O 8  8  3.049  13.277 2.287 5.701  1.546 0.324  0.867 32.909 
S 16 16 6.905  1.468  5.203 22.215 1.438 0.254  1.586 56.172 
# 
loop_
_atom_site.group_PDB 
_atom_site.id 
_atom_site.type_symbol 
_atom_site.label_atom_id 
_atom_site.label_alt_id 
_atom_site.label_comp_id 
_atom_site.label_asym_id 
_atom_site.label_entity_id 
_atom_site.label_seq_id 
_atom_site.pdbx_PDB_ins_code 
_atom_site.Cartn_x 
_atom_site.Cartn_y 
_atom_site.Cartn_z 
_atom_site.occupancy 
_atom_site.B_iso_or_equiv 
_atom_site.pdbx_formal_charge 
_atom_site.auth_seq_id 
_atom_site.auth_comp_id 
_atom_site.auth_asym_id 
_atom_site.auth_atom_id 
_atom_site.pdbx_PDB_model_num 
_atom_site.calc_flag 
ATOM   1    N N   . ALA A 1 2   ? -16.152 -17.594 1.462   1.000 22.500 0 2   ALA A N   1 ? 
ATOM   2    C CA  . ALA A 1 2   ? -14.866 -16.971 1.081   1.000 18.920 0 2   ALA A CA  1 ? 
ATOM   3    C C   . ALA A 1 2   ? -14.940 -15.454 1.294   1.000 16.000 0 2   ALA A C   1 ? 
ATOM   4    O O   . ALA A 1 2   ? -16.037 -14.886 1.456   1.000 17.220 0 2   ALA A O   1 ? 
ATOM   5    C CB  . ALA A 1 2   ? -14.544 -17.263 -0.357  1.000 20.100 0 2   ALA A CB  1 ? 
ATOM   6    N N   . CYS A 1 3   ? -13.798 -14.801 1.203   1.000 14.180 0 3   CYS A N   1 ? 
ATOM   7    C CA  . CYS A 1 3   ? -13.709 -13.325 1.299   1.000 12.200 0 3   CYS A CA  1 ? 
ATOM   8    C C   . CYS A 1 3   ? -14.252 -12.699 0.016   1.000 12.890 0 3   CYS A C   1 ? 
ATOM   9    O O   . CYS A 1 3   ? -13.557 -12.715 -0.956  1.000 11.690 0 3   CYS A O   1 ? 
ATOM   10   C CB  . CYS A 1 3   ? -12.277 -12.950 1.628   1.000 11.930 0 3   CYS A CB  1 ? 
ATOM   11   S SG  . CYS A 1 3   ? -11.995 -11.173 1.721   1.000 11.640 0 3   CYS A SG  1 ? 
ATOM   12   N N   . GLU A 1 4   ? -15.469 -12.149 0.074   1.000 11.680 0 4   GLU A N   1 ? 
ATOM   13   C CA  . GLU A 1 4   ? -16.258 -11.673 -1.078  1.000 11.390 0 4   GLU A CA  1 ? 
ATOM   14   C C   . GLU A 1 4   ? -15.519 -10.493 -1.718  1.000 10.760 0 4   GLU A C   1 ? 
ATOM   15   O O   . GLU A 1 4   ? -15.591 -10.312 -2.957  1.000 13.170 0 4   GLU A O   1 ? 
ATOM   16   C CB  . GLU A 1 4   ? -17.672 -11.251 -0.642  1.000 12.490 0 4   GLU A CB  1 ? 
ATOM   17   C CG  . GLU A 1 4   ? -18.570 -12.379 -0.192  1.000 14.680 0 4   GLU A CG  1 ? 
ATOM   18   C CD  . GLU A 1 4   ? -19.083 -13.286 -1.275  1.000 15.240 0 4   GLU A CD  1 ? 
ATOM   19   O OE1 . GLU A 1 4   ? -18.455 -13.343 -2.340  1.000 16.090 0 4   GLU A OE1 1 ? 
ATOM   20   O OE2 . GLU A 1 4   ? -20.141 -13.918 -1.033  1.000 15.240 0 4   GLU A OE2 1 ? 
ATOM   21   N N   . TRP A 1 5   ? -14.742 -9.764  -0.922  1.000 10.590 0 5   TRP A N   1 ? 
ATOM   22   C CA  . TRP A 1 5   ? -14.116 -8.504  -1.398  1.000 10.450 0 5   TRP A CA  1 ? 
ATOM   23   C C   . TRP A 1 5   ? -12.946 -8.832  -2.325  1.000 11.380 0 5   TRP A C   1 ? 
ATOM   24   O O   . TRP A 1 5   ? -12.566 -7.972  -3.110  1.000 11.540 0 5   TRP A O   1 ? 
ATOM   25   C CB  . TRP A 1 5   ? -13.682 -7.600  -0.238  1.000 10.410 0 5   TRP A CB  1 ? 
ATOM   26   C CG  . TRP A 1 5   ? -13.235 -6.284  -0.757  1.000 11.040 0 5   TRP A CG  1 ? 
ATOM   27   C CD1 . TRP A 1 5   ? -11.962 -5.818  -0.834  1.000 10.880 0 5   TRP A CD1 1 ? 
ATOM   28   C CD2 . TRP A 1 5   ? -14.091 -5.292  -1.331  1.000 10.790 0 5   TRP A CD2 1 ? 
ATOM   29   N NE1 . TRP A 1 5   ? -11.973 -4.568  -1.422  1.000 11.990 0 5   TRP A NE1 1 ? 
ATOM   30   C CE2 . TRP A 1 5   ? -13.273 -4.227  -1.731  1.000 11.510 0 5   TRP A CE2 1 ? 
ATOM   31   C CE3 . TRP A 1 5   ? -15.484 -5.192  -1.495  1.000 11.290 0 5   TRP A CE3 1 ? 
ATOM   32   C CZ2 . TRP A 1 5   ? -13.793 -3.094  -2.369  1.000 12.880 0 5   TRP A CZ2 1 ? 
ATOM   33   C CZ3 . TRP A 1 5   ? -15.980 -4.076  -2.126  1.000 12.430 0 5   TRP A CZ3 1 ? 
ATOM   34   C CH2 . TRP A 1 5   ? -15.151 -3.041  -2.554  1.000 13.290 0 5   TRP A CH2 1 ? 
ATOM   35   N N   . LEU A 1 6   ? -12.369 -10.024 -2.296  1.000 10.310 0 6   LEU A N   1 ? 
ATOM   36   C CA  . LEU A 1 6   ? -11.219 -10.323 -3.173  1.000 11.980 0 6   LEU A CA  1 ? 
ATOM   37   C C   . LEU A 1 6   ? -11.650 -10.209 -4.644  1.000 12.620 0 6   LEU A C   1 ? 
ATOM   38   O O   . LEU A 1 6   ? -10.804 -9.891  -5.446  1.000 14.510 0 6   LEU A O   1 ? 
ATOM   39   C CB  . LEU A 1 6   ? -10.653 -11.705 -2.873  1.000 12.080 0 6   LEU A CB  1 ? 
ATOM   40   C CG  . LEU A 1 6   ? -10.003 -11.848 -1.512  1.000 13.350 0 6   LEU A CG  1 ? 
ATOM   41   C CD1 . LEU A 1 6   ? -9.621  -13.302 -1.245  1.000 14.080 0 6   LEU A CD1 1 ? 
ATOM   42   C CD2 . LEU A 1 6   ? -8.782  -10.969 -1.430  1.000 14.140 0 6   LEU A CD2 1 ? 
ATOM   43   N N   . GLY A 1 7   ? -12.919 -10.468 -4.938  1.000 13.030 0 7   GLY A N   1 ? 
ATOM   44   C CA  . GLY A 1 7   ? -13.458 -10.344 -6.305  1.000 14.520 0 7   GLY A CA  1 ? 
ATOM   45   C C   . GLY A 1 7   ? -13.539 -8.891  -6.750  1.000 14.700 0 7   GLY A C   1 ? 
ATOM   46   O O   . GLY A 1 7   ? -13.460 -8.662  -7.945  1.000 19.210 0 7   GLY A O   1 ? 
ATOM   47   N N   . ARG A 1 8   ? -13.705 -7.954  -5.816  1.000 12.880 0 8   ARG A N   1 ? 
ATOM   48   C CA  . ARG A 1 8   ? -13.900 -6.505  -6.084  1.000 14.530 0 8   ARG A CA  1 ? 
ATOM   49   C C   . ARG A 1 8   ? -12.558 -5.781  -5.995  1.000 12.100 0 8   ARG A C   1 ? 
ATOM   50   O O   . ARG A 1 8   ? -12.435 -4.656  -6.515  1.000 12.930 0 8   ARG A O   1 ? 
ATOM   51   C CB  . ARG A 1 8   ? -14.818 -5.906  -5.019  1.000 18.490 0 8   ARG A CB  1 ? 
ATOM   52   C CG  . ARG A 1 8   ? -16.210 -6.527  -5.023  1.000 24.390 0 8   ARG A CG  1 ? 
ATOM   53   C CD  . ARG A 1 8   ? -17.026 -6.047  -6.208  1.000 26.590 0 8   ARG A CD  1 ? 
ATOM   54   N NE  . ARG A 1 8   ? -17.338 -4.622  -6.212  1.000 30.160 0 8   ARG A NE  1 ? 
ATOM   55   C CZ  . ARG A 1 8   ? -16.657 -3.668  -6.874  1.000 33.980 0 8   ARG A CZ  1 ? 
ATOM   56   N NH1 . ARG A 1 8   ? -15.547 -3.944  -7.548  1.000 35.960 0 8   ARG A NH1 1 ? 
ATOM   57   N NH2 . ARG A 1 8   ? -17.055 -2.411  -6.806  1.000 35.600 0 8   ARG A NH2 1 ? 
ATOM   58   N N   . TYR A 1 9   ? -11.552 -6.434  -5.434  1.000 11.000 0 9   TYR A N   1 ? 
ATOM   59   C CA  . TYR A 1 9   ? -10.279 -5.785  -5.097  1.000 10.470 0 9   TYR A CA  1 ? 
ATOM   60   C C   . TYR A 1 9   ? -9.635  -5.189  -6.360  1.000 10.410 0 9   TYR A C   1 ? 
ATOM   61   O O   . TYR A 1 9   ? -9.124  -4.022  -6.331  1.000 9.900  0 9   TYR A O   1 ? 
ATOM   62   C CB  . TYR A 1 9   ? -9.313  -6.735  -4.385  1.000 9.820  0 9   TYR A CB  1 ? 
ATOM   63   C CG  . TYR A 1 9   ? -8.050  -6.044  -3.918  1.000 9.050  0 9   TYR A CG  1 ? 
ATOM   64   C CD1 . TYR A 1 9   ? -7.043  -5.754  -4.800  1.000 9.250  0 9   TYR A CD1 1 ? 
ATOM   65   C CD2 . TYR A 1 9   ? -7.938  -5.559  -2.632  1.000 8.880  0 9   TYR A CD2 1 ? 
ATOM   66   C CE1 . TYR A 1 9   ? -5.856  -5.155  -4.386  1.000 8.330  0 9   TYR A CE1 1 ? 
ATOM   67   C CE2 . TYR A 1 9   ? -6.786  -4.913  -2.193  1.000 8.660  0 9   TYR A CE2 1 ? 
ATOM   68   C CZ  . TYR A 1 9   ? -5.741  -4.695  -3.073  1.000 9.130  0 9   TYR A CZ  1 ? 
ATOM   69   O OH  . TYR A 1 9   ? -4.638  -3.992  -2.665  1.000 9.990  0 9   TYR A OH  1 ? 
ATOM   70   N N   . ARG A 1 10  ? -9.594  -5.910  -7.472  1.000 10.260 0 10  ARG A N   1 ? 
ATOM   71   C CA  . ARG A 1 10  ? -8.863  -5.395  -8.665  1.000 10.610 0 10  ARG A CA  1 ? 
ATOM   72   C C   . ARG A 1 10  ? -9.482  -4.105  -9.212  1.000 9.910  0 10  ARG A C   1 ? 
ATOM   73   O O   . ARG A 1 10  ? -8.749  -3.205  -9.587  1.000 8.980  0 10  ARG A O   1 ? 
ATOM   74   C CB  . ARG A 1 10  ? -8.835  -6.474  -9.734  1.000 11.560 0 10  ARG A CB  1 ? 
ATOM   75   C CG  . ARG A 1 10  ? -8.411  -5.982  -11.105 1.000 12.640 0 10  ARG A CG  1 ? 
ATOM   76   C CD  . ARG A 1 10  ? -7.836  -7.126  -11.867 1.000 13.740 0 10  ARG A CD  1 ? 
ATOM   77   N NE  . ARG A 1 10  ? -6.600  -7.614  -11.310 1.000 14.160 0 10  ARG A NE  1 ? 
ATOM   78   C CZ  . ARG A 1 10  ? -6.018  -8.749  -11.612 1.000 13.900 0 10  ARG A CZ  1 ? 
ATOM   79   N NH1 . ARG A 1 10  ? -4.849  -9.040  -11.066 1.000 13.940 0 10  ARG A NH1 1 ? 
ATOM   80   N NH2 . ARG A 1 10  ? -6.558  -9.568  -12.505 1.000 15.540 0 10  ARG A NH2 1 ? 
ATOM   81   N N   . MET A 1 11  ? -10.780 -3.987  -9.293  1.000 10.950 0 11  MET A N   1 ? 
ATOM   82   C CA  A MET A 1 11  ? -11.400 -2.755  -9.847  0.500 10.920 0 11  MET A CA  1 ? 
ATOM   83   C CA  B MET A 1 11  ? -11.364 -2.745  -9.878  0.500 12.010 0 11  MET A CA  1 ? 
ATOM   84   C C   . MET A 1 11  ? -11.029 -1.545  -8.976  1.000 10.370 0 11  MET A C   1 ? 
ATOM   85   O O   . MET A 1 11  ? -10.729 -0.452  -9.493  1.000 9.590  0 11  MET A O   1 ? 
ATOM   86   C CB  A MET A 1 11  ? -12.919 -2.936  -9.892  0.500 12.850 0 11  MET A CB  1 ? 
ATOM   87   C CB  B MET A 1 11  ? -12.879 -2.866  -10.081 0.500 15.900 0 11  MET A CB  1 ? 
ATOM   88   C CG  A MET A 1 11  ? -13.631 -1.748  -10.455 0.500 14.670 0 11  MET A CG  1 ? 
ATOM   89   C CG  B MET A 1 11  ? -13.445 -1.841  -11.054 0.500 20.310 0 11  MET A CG  1 ? 
ATOM   90   S SD  A MET A 1 11  ? -15.316 -2.145  -11.050 0.500 16.990 0 11  MET A SD  1 ? 
ATOM   91   S SD  B MET A 1 11  ? -13.248 -2.261  -12.821 0.500 28.470 0 11  MET A SD  1 ? 
ATOM   92   C CE  A MET A 1 11  ? -14.974 -3.353  -12.324 0.500 17.400 0 11  MET A CE  1 ? 
ATOM   93   C CE  B MET A 1 11  ? -14.515 -3.509  -13.038 0.500 25.950 0 11  MET A CE  1 ? 
ATOM   94   N N   . ILE A 1 12  ? -11.084 -1.723  -7.676  1.000 9.160  0 12  ILE A N   1 ? 
ATOM   95   C CA  . ILE A 1 12  ? -10.770 -0.636  -6.709  1.000 9.040  0 12  ILE A CA  1 ? 
ATOM   96   C C   . ILE A 1 12  ? -9.257  -0.397  -6.696  1.000 8.340  0 12  ILE A C   1 ? 
ATOM   97   O O   . ILE A 1 12  ? -8.866  0.756   -6.557  1.000 8.940  0 12  ILE A O   1 ? 
ATOM   98   C CB  . ILE A 1 12  ? -11.411 -0.940  -5.348  1.000 9.540  0 12  ILE A CB  1 ? 
ATOM   99   C CG1 . ILE A 1 12  ? -12.924 -1.209  -5.446  1.000 9.810  0 12  ILE A CG1 1 ? 
ATOM   100  C CG2 . ILE A 1 12  ? -11.113 0.201   -4.385  1.000 10.310 0 12  ILE A CG2 1 ? 
ATOM   101  C CD1 . ILE A 1 12  ? -13.722 -0.217  -6.305  1.000 11.020 0 12  ILE A CD1 1 ? 
ATOM   102  N N   . SER A 1 13  ? -8.445  -1.441  -6.864  1.000 7.880  0 13  SER A N   1 ? 
ATOM   103  C CA  . SER A 1 13  ? -6.986  -1.279  -6.979  1.000 8.080  0 13  SER A CA  1 ? 
ATOM   104  C C   . SER A 1 13  ? -6.667  -0.446  -8.212  1.000 7.930  0 13  SER A C   1 ? 
ATOM   105  O O   . SER A 1 13  ? -5.822  0.460   -8.128  1.000 7.220  0 13  SER A O   1 ? 
ATOM   106  C CB  . SER A 1 13  ? -6.294  -2.600  -6.950  1.000 8.430  0 13  SER A CB  1 ? 
ATOM   107  O OG  . SER A 1 13  ? -4.918  -2.437  -7.176  1.000 9.060  0 13  SER A OG  1 ? 
ATOM   108  N N   . ASN A 1 14  ? -7.267  -0.784  -9.352  1.000 8.800  0 14  ASN A N   1 ? 
ATOM   109  C CA  . ASN A 1 14  ? -7.063  -0.003  -10.595 1.000 8.830  0 14  ASN A CA  1 ? 
ATOM   110  C C   . ASN A 1 14  ? -7.436  1.467   -10.340 1.000 8.590  0 14  ASN A C   1 ? 
ATOM   111  O O   . ASN A 1 14  ? -6.709  2.383   -10.791 1.000 8.220  0 14  ASN A O   1 ? 
ATOM   112  C CB  . ASN A 1 14  ? -7.861  -0.649  -11.716 1.000 8.970  0 14  ASN A CB  1 ? 
ATOM   113  C CG  . ASN A 1 14  ? -7.249  -1.950  -12.175 1.000 10.360 0 14  ASN A CG  1 ? 
ATOM   114  O OD1 . ASN A 1 14  ? -6.084  -2.226  -11.897 1.000 10.860 0 14  ASN A OD1 1 ? 
ATOM   115  N ND2 . ASN A 1 14  ? -7.999  -2.664  -12.995 1.000 11.770 0 14  ASN A ND2 1 ? 
ATOM   116  N N   . GLU A 1 15  ? -8.508  1.737   -9.605  1.000 8.220  0 15  GLU A N   1 ? 
ATOM   117  C CA  . GLU A 1 15  ? -8.884  3.127   -9.267  1.000 8.430  0 15  GLU A CA  1 ? 
ATOM   118  C C   . GLU A 1 15  ? -7.775  3.742   -8.410  1.000 8.510  0 15  GLU A C   1 ? 
ATOM   119  O O   . GLU A 1 15  ? -7.355  4.867   -8.670  1.000 7.310  0 15  GLU A O   1 ? 
ATOM   120  C CB  . GLU A 1 15  ? -10.223 3.165   -8.562  1.000 8.650  0 15  GLU A CB  1 ? 
ATOM   121  C CG  . GLU A 1 15  ? -10.598 4.595   -8.144  1.000 9.410  0 15  GLU A CG  1 ? 
ATOM   122  C CD  . GLU A 1 15  ? -11.781 4.758   -7.213  1.000 11.610 0 15  GLU A CD  1 ? 
ATOM   123  O OE1 . GLU A 1 15  ? -12.146 3.756   -6.524  1.000 10.640 0 15  GLU A OE1 1 ? 
ATOM   124  O OE2 . GLU A 1 15  ? -12.251 5.949   -7.109  1.000 10.700 0 15  GLU A OE2 1 ? 
ATOM   125  N N   . SER A 1 16  ? -7.281  3.040   -7.391  1.000 7.090  0 16  SER A N   1 ? 
ATOM   126  C CA  . SER A 1 16  ? -6.239  3.606   -6.505  1.000 7.060  0 16  SER A CA  1 ? 
ATOM   127  C C   . SER A 1 16  ? -4.998  3.968   -7.316  1.000 7.890  0 16  SER A C   1 ? 
ATOM   128  O O   . SER A 1 16  ? -4.446  5.047   -7.133  1.000 6.870  0 16  SER A O   1 ? 
ATOM   129  C CB  . SER A 1 16  ? -5.940  2.758   -5.281  1.000 7.050  0 16  SER A CB  1 ? 
ATOM   130  O OG  . SER A 1 16  ? -5.229  1.616   -5.584  1.000 7.170  0 16  SER A OG  1 ? 
ATOM   131  N N   . LEU A 1 17  ? -4.580  3.109   -8.246  1.000 7.750  0 17  LEU A N   1 ? 
ATOM   132  C CA  . LEU A 1 17  ? -3.353  3.371   -9.002  1.000 8.180  0 17  LEU A CA  1 ? 
ATOM   133  C C   . LEU A 1 17  ? -3.585  4.539   -9.969  1.000 6.890  0 17  LEU A C   1 ? 
ATOM   134  O O   . LEU A 1 17  ? -2.652  5.391   -10.176 1.000 6.510  0 17  LEU A O   1 ? 
ATOM   135  C CB  . LEU A 1 17  ? -2.956  2.105   -9.758  1.000 8.820  0 17  LEU A CB  1 ? 
ATOM   136  C CG  . LEU A 1 17  ? -2.202  1.110   -8.881  1.000 9.640  0 17  LEU A CG  1 ? 
ATOM   137  C CD1 . LEU A 1 17  ? -2.358  -0.280  -9.456  1.000 10.520 0 17  LEU A CD1 1 ? 
ATOM   138  C CD2 . LEU A 1 17  ? -0.750  1.514   -8.755  1.000 10.200 0 17  LEU A CD2 1 ? 
ATOM   139  N N   . SER A 1 18  ? -4.770  4.651   -10.576 1.000 7.090  0 18  SER A N   1 ? 
ATOM   140  C CA  A SER A 1 18  ? -5.073  5.811   -11.458 0.500 6.850  0 18  SER A CA  1 ? 
ATOM   141  C CA  B SER A 1 18  ? -5.087  5.806   -11.461 0.500 7.500  0 18  SER A CA  1 ? 
ATOM   142  C C   . SER A 1 18  ? -5.031  7.115   -10.652 1.000 7.020  0 18  SER A C   1 ? 
ATOM   143  O O   . SER A 1 18  ? -4.507  8.129   -11.187 1.000 6.850  0 18  SER A O   1 ? 
ATOM   144  C CB  A SER A 1 18  ? -6.385  5.639   -12.177 0.500 6.670  0 18  SER A CB  1 ? 
ATOM   145  C CB  B SER A 1 18  ? -6.416  5.622   -12.183 0.500 8.080  0 18  SER A CB  1 ? 
ATOM   146  O OG  A SER A 1 18  ? -6.223  4.724   -13.241 0.500 6.400  0 18  SER A OG  1 ? 
ATOM   147  O OG  B SER A 1 18  ? -7.525  5.778   -11.304 0.500 9.960  0 18  SER A OG  1 ? 
ATOM   148  N N   . LEU A 1 19  ? -5.493  7.102   -9.402  1.000 6.720  0 19  LEU A N   1 ? 
ATOM   149  C CA  . LEU A 1 19  ? -5.465  8.326   -8.563  1.000 6.470  0 19  LEU A CA  1 ? 
ATOM   150  C C   . LEU A 1 19  ? -4.023  8.700   -8.214  1.000 6.670  0 19  LEU A C   1 ? 
ATOM   151  O O   . LEU A 1 19  ? -3.673  9.901   -8.297  1.000 6.520  0 19  LEU A O   1 ? 
ATOM   152  C CB  . LEU A 1 19  ? -6.354  8.096   -7.343  1.000 6.660  0 19  LEU A CB  1 ? 
ATOM   153  C CG  . LEU A 1 19  ? -7.859  7.982   -7.590  1.000 7.080  0 19  LEU A CG  1 ? 
ATOM   154  C CD1 . LEU A 1 19  ? -8.589  7.612   -6.293  1.000 7.210  0 19  LEU A CD1 1 ? 
ATOM   155  C CD2 . LEU A 1 19  ? -8.407  9.273   -8.155  1.000 7.460  0 19  LEU A CD2 1 ? 
ATOM   156  N N   . LEU A 1 20  ? -3.216  7.700   -7.877  1.000 6.520  0 20  LEU A N   1 ? 
ATOM   157  C CA  . LEU A 1 20  ? -1.786  7.905   -7.577  1.000 6.480  0 20  LEU A CA  1 ? 
ATOM   158  C C   . LEU A 1 20  ? -1.084  8.520   -8.777  1.000 6.710  0 20  LEU A C   1 ? 
ATOM   159  O O   . LEU A 1 20  ? -0.230  9.368   -8.566  1.000 7.480  0 20  LEU A O   1 ? 
ATOM   160  C CB  . LEU A 1 20  ? -1.179  6.564   -7.143  1.000 7.790  0 20  LEU A CB  1 ? 
ATOM   161  C CG  . LEU A 1 20  ? 0.208   6.707   -6.573  1.000 7.870  0 20  LEU A CG  1 ? 
ATOM   162  C CD1 . LEU A 1 20  ? 0.154   7.437   -5.228  1.000 8.770  0 20  LEU A CD1 1 ? 
ATOM   163  C CD2 . LEU A 1 20  ? 0.810   5.317   -6.425  1.000 7.710  0 20  LEU A CD2 1 ? 
ATOM   164  N N   . LYS A 1 21  ? -1.415  8.095   -9.998  1.000 6.820  0 21  LYS A N   1 ? 
ATOM   165  C CA  . LYS A 1 21  ? -0.833  8.705   -11.212 1.000 7.570  0 21  LYS A CA  1 ? 
ATOM   166  C C   . LYS A 1 21  ? -1.357  10.115  -11.422 1.000 7.390  0 21  LYS A C   1 ? 
ATOM   167  O O   . LYS A 1 21  ? -0.566  10.984  -11.733 1.000 8.150  0 21  LYS A O   1 ? 
ATOM   168  C CB  . LYS A 1 21  ? -1.152  7.866   -12.431 1.000 9.120  0 21  LYS A CB  1 ? 
ATOM   169  C CG  . LYS A 1 21  ? -0.503  8.367   -13.714 1.000 11.850 0 21  LYS A CG  1 ? 
ATOM   170  C CD  . LYS A 1 21  ? -0.669  7.412   -14.859 1.000 17.400 0 21  LYS A CD  1 ? 
ATOM   171  C CE  . LYS A 1 21  ? 0.516   7.386   -15.806 1.000 22.580 0 21  LYS A CE  1 ? 
ATOM   172  N NZ  . LYS A 1 21  ? 1.662   6.635   -15.237 1.000 22.720 0 21  LYS A NZ  1 ? 
ATOM   173  N N   . GLU A 1 22  ? -2.649  10.301  -11.280 1.000 6.620  0 22  GLU A N   1 ? 
ATOM   174  C CA  . GLU A 1 22  ? -3.316  11.552  -11.687 1.000 6.930  0 22  GLU A CA  1 ? 
ATOM   175  C C   . GLU A 1 22  ? -2.954  12.709  -10.742 1.000 8.220  0 22  GLU A C   1 ? 
ATOM   176  O O   . GLU A 1 22  ? -2.965  13.848  -11.187 1.000 8.210  0 22  GLU A O   1 ? 
ATOM   177  C CB  . GLU A 1 22  ? -4.819  11.371  -11.647 1.000 7.180  0 22  GLU A CB  1 ? 
ATOM   178  C CG  . GLU A 1 22  ? -5.321  10.541  -12.816 1.000 7.650  0 22  GLU A CG  1 ? 
ATOM   179  C CD  . GLU A 1 22  ? -6.651  9.867   -12.614 1.000 8.490  0 22  GLU A CD  1 ? 
ATOM   180  O OE1 . GLU A 1 22  ? -7.359  10.194  -11.655 1.000 8.250  0 22  GLU A OE1 1 ? 
ATOM   181  O OE2 . GLU A 1 22  ? -7.000  9.049   -13.432 1.000 8.600  0 22  GLU A OE2 1 ? 
ATOM   182  N N   . MET A 1 23  ? -2.612  12.416  -9.484  1.000 8.910  0 23  MET A N   1 ? 
ATOM   183  C CA  A MET A 1 23  ? -2.479  13.479  -8.461  0.500 8.920  0 23  MET A CA  1 ? 
ATOM   184  C CA  B MET A 1 23  ? -2.481  13.476  -8.452  0.500 9.080  0 23  MET A CA  1 ? 
ATOM   185  C C   . MET A 1 23  ? -1.247  14.344  -8.755  1.000 9.770  0 23  MET A C   1 ? 
ATOM   186  O O   . MET A 1 23  ? -1.174  15.487  -8.222  1.000 10.190 0 23  MET A O   1 ? 
ATOM   187  C CB  A MET A 1 23  ? -2.349  12.855  -7.072  0.500 8.520  0 23  MET A CB  1 ? 
ATOM   188  C CB  B MET A 1 23  ? -2.455  12.894  -7.024  0.500 8.850  0 23  MET A CB  1 ? 
ATOM   189  C CG  A MET A 1 23  ? -1.085  12.049  -6.955  0.500 8.520  0 23  MET A CG  1 ? 
ATOM   190  C CG  B MET A 1 23  ? -1.203  12.108  -6.643  0.500 9.090  0 23  MET A CG  1 ? 
ATOM   191  S SD  A MET A 1 23  ? -0.778  11.580  -5.299  0.500 9.210  0 23  MET A SD  1 ? 
ATOM   192  S SD  B MET A 1 23  ? -1.390  11.085  -5.137  0.500 10.360 0 23  MET A SD  1 ? 
ATOM   193  C CE  A MET A 1 23  ? -2.298  10.694  -4.938  0.500 7.900  0 23  MET A CE  1 ? 
ATOM   194  C CE  B MET A 1 23  ? 0.346   10.648  -5.009  0.500 10.260 0 23  MET A CE  1 ? 
ATOM   195  N N   . GLY A 1 24  ? -0.274  13.789  -9.463  1.000 10.540 0 24  GLY A N   1 ? 
ATOM   196  C CA  . GLY A 1 24  ? 0.999   14.490  -9.711  1.000 13.680 0 24  GLY A CA  1 ? 
ATOM   197  C C   . GLY A 1 24  ? 1.605   14.193  -11.059 1.000 17.200 0 24  GLY A C   1 ? 
ATOM   198  O O   . GLY A 1 24  ? 0.939   13.592  -11.909 1.000 18.800 0 24  GLY A O   1 ? 
ATOM   199  N N   . GLY A 1 25  ? 2.819   14.682  -11.259 1.000 18.300 0 25  GLY A N   1 ? 
ATOM   200  C CA  . GLY A 1 25  ? 3.459   14.684  -12.585 1.000 20.510 0 25  GLY A CA  1 ? 
ATOM   201  C C   . GLY A 1 25  ? 4.511   13.598  -12.636 1.000 23.470 0 25  GLY A C   1 ? 
ATOM   202  O O   . GLY A 1 25  ? 4.505   12.724  -11.754 1.000 25.830 0 25  GLY A O   1 ? 
ATOM   203  N N   . LYS A 1 26  ? 5.373   13.627  -13.649 1.000 23.430 0 26  LYS A N   1 ? 
ATOM   204  C CA  . LYS A 1 26  ? 6.513   12.686  -13.814 1.000 26.610 0 26  LYS A CA  1 ? 
ATOM   205  C C   . LYS A 1 26  ? 7.491   12.853  -12.645 1.000 26.120 0 26  LYS A C   1 ? 
ATOM   206  O O   . LYS A 1 26  ? 7.633   13.959  -12.158 1.000 30.000 0 26  LYS A O   1 ? 
ATOM   207  C CB  . LYS A 1 26  ? 7.218   12.915  -15.158 1.000 28.610 0 26  LYS A CB  1 ? 
ATOM   208  C CG  . LYS A 1 26  ? 6.412   12.519  -16.389 1.000 30.150 0 26  LYS A CG  1 ? 
ATOM   209  C CD  . LYS A 1 26  ? 6.817   13.294  -17.643 1.000 34.680 0 26  LYS A CD  1 ? 
ATOM   210  C CE  . LYS A 1 26  ? 6.151   12.826  -18.928 1.000 33.980 0 26  LYS A CE  1 ? 
ATOM   211  N NZ  . LYS A 1 26  ? 6.439   13.753  -20.052 1.000 31.850 0 26  LYS A NZ  1 ? 
ATOM   212  N N   . TYR A 1 27  ? 8.168   11.777  -12.251 1.000 26.460 0 27  TYR A N   1 ? 
ATOM   213  C CA  . TYR A 1 27  ? 9.053   11.729  -11.060 1.000 27.080 0 27  TYR A CA  1 ? 
ATOM   214  C C   . TYR A 1 27  ? 10.166  12.765  -11.208 1.000 28.790 0 27  TYR A C   1 ? 
ATOM   215  O O   . TYR A 1 27  ? 10.681  12.988  -12.306 1.000 28.610 0 27  TYR A O   1 ? 
ATOM   216  C CB  . TYR A 1 27  ? 9.678   10.339  -10.903 1.000 28.390 0 27  TYR A CB  1 ? 
ATOM   217  C CG  . TYR A 1 27  ? 8.685   9.230   -10.653 1.000 29.630 0 27  TYR A CG  1 ? 
ATOM   218  C CD1 . TYR A 1 27  ? 7.765   9.315   -9.617  1.000 29.000 0 27  TYR A CD1 1 ? 
ATOM   219  C CD2 . TYR A 1 27  ? 8.657   8.088   -11.452 1.000 31.460 0 27  TYR A CD2 1 ? 
ATOM   220  C CE1 . TYR A 1 27  ? 6.841   8.307   -9.386  1.000 27.130 0 27  TYR A CE1 1 ? 
ATOM   221  C CE2 . TYR A 1 27  ? 7.735   7.070   -11.230 1.000 29.660 0 27  TYR A CE2 1 ? 
ATOM   222  C CZ  . TYR A 1 27  ? 6.836   7.172   -10.179 1.000 29.310 0 27  TYR A CZ  1 ? 
ATOM   223  O OH  . TYR A 1 27  ? 5.914   6.192   -9.933  1.000 27.170 0 27  TYR A OH  1 ? 
ATOM   224  N N   . PRO A 1 28  ? 10.612  13.416  -10.117 1.000 29.830 0 28  PRO A N   1 ? 
ATOM   225  C CA  . PRO A 1 28  ? 11.896  14.111  -10.150 1.000 30.070 0 28  PRO A CA  1 ? 
ATOM   226  C C   . PRO A 1 28  ? 13.020  13.059  -10.240 1.000 30.150 0 28  PRO A C   1 ? 
ATOM   227  O O   . PRO A 1 28  ? 12.768  11.849  -10.137 1.000 27.280 0 28  PRO A O   1 ? 
ATOM   228  C CB  . PRO A 1 28  ? 11.952  14.929  -8.840  1.000 31.590 0 28  PRO A CB  1 ? 
ATOM   229  C CG  . PRO A 1 28  ? 10.630  14.686  -8.131  1.000 33.200 0 28  PRO A CG  1 ? 
ATOM   230  C CD  . PRO A 1 28  ? 9.964   13.498  -8.809  1.000 29.690 0 28  PRO A CD  1 ? 
ATOM   231  N N   . GLU A 1 29  ? 14.247  13.509  -10.496 1.000 27.540 0 29  GLU A N   1 ? 
ATOM   232  C CA  . GLU A 1 29  ? 15.437  12.620  -10.515 1.000 27.140 0 29  GLU A CA  1 ? 
ATOM   233  C C   . GLU A 1 29  ? 15.537  11.875  -9.177  1.000 26.930 0 29  GLU A C   1 ? 
ATOM   234  O O   . GLU A 1 29  ? 15.107  12.460  -8.133  1.000 25.850 0 29  GLU A O   1 ? 
ATOM   235  C CB  . GLU A 1 29  ? 16.702  13.440  -10.768 1.000 27.540 0 29  GLU A CB  1 ? 
ATOM   236  C CG  . GLU A 1 29  ? 16.783  14.020  -12.176 1.000 29.290 0 29  GLU A CG  1 ? 
ATOM   237  C CD  . GLU A 1 29  ? 18.003  14.909  -12.348 1.000 28.990 0 29  GLU A CD  1 ? 
ATOM   238  O OE1 . GLU A 1 29  ? 18.431  15.448  -11.363 1.000 22.630 0 29  GLU A OE1 1 ? 
ATOM   239  O OE2 . GLU A 1 29  ? 18.515  15.032  -13.470 1.000 34.540 0 29  GLU A OE2 1 ? 
ATOM   240  N N   . GLY A 1 30  ? 16.115  10.666  -9.200  1.000 29.150 0 30  GLY A N   1 ? 
ATOM   241  C CA  . GLY A 1 30  ? 16.504  9.887   -8.005  1.000 27.290 0 30  GLY A CA  1 ? 
ATOM   242  C C   . GLY A 1 30  ? 15.311  9.523   -7.152  1.000 28.410 0 30  GLY A C   1 ? 
ATOM   243  O O   . GLY A 1 30  ? 15.234  10.024  -6.011  1.000 29.370 0 30  GLY A O   1 ? 
ATOM   244  N N   . THR A 1 31  ? 14.380  8.725   -7.691  1.000 28.870 0 31  THR A N   1 ? 
ATOM   245  C CA  . THR A 1 31  ? 13.193  8.237   -6.934  1.000 25.620 0 31  THR A CA  1 ? 
ATOM   246  C C   . THR A 1 31  ? 13.285  6.719   -6.658  1.000 26.390 0 31  THR A C   1 ? 
ATOM   247  O O   . THR A 1 31  ? 12.492  6.243   -5.823  1.000 23.310 0 31  THR A O   1 ? 
ATOM   248  C CB  . THR A 1 31  ? 11.863  8.615   -7.598  1.000 23.730 0 31  THR A CB  1 ? 
ATOM   249  O OG1 . THR A 1 31  ? 11.888  8.177   -8.965  1.000 24.520 0 31  THR A OG1 1 ? 
ATOM   250  C CG2 . THR A 1 31  ? 11.557  10.090  -7.473  1.000 25.490 0 31  THR A CG2 1 ? 
ATOM   251  N N   . LYS A 1 32  ? 14.235  5.981   -7.253  1.000 28.770 0 32  LYS A N   1 ? 
ATOM   252  C CA  . LYS A 1 32  ? 14.396  4.516   -7.008  1.000 30.970 0 32  LYS A CA  1 ? 
ATOM   253  C C   . LYS A 1 32  ? 14.852  4.282   -5.561  1.000 30.150 0 32  LYS A C   1 ? 
ATOM   254  O O   . LYS A 1 32  ? 15.791  4.979   -5.144  1.000 31.740 0 32  LYS A O   1 ? 
ATOM   255  C CB  . LYS A 1 32  ? 15.423  3.917   -7.971  1.000 34.110 0 32  LYS A CB  1 ? 
ATOM   256  C CG  . LYS A 1 32  ? 14.904  3.594   -9.363  1.000 39.150 0 32  LYS A CG  1 ? 
ATOM   257  C CD  . LYS A 1 32  ? 15.966  3.017   -10.284 1.000 42.830 0 32  LYS A CD  1 ? 
ATOM   258  C CE  . LYS A 1 32  ? 15.553  3.005   -11.741 1.000 43.600 0 32  LYS A CE  1 ? 
ATOM   259  N NZ  . LYS A 1 32  ? 16.650  2.505   -12.597 1.000 47.790 0 32  LYS A NZ  1 ? 
ATOM   260  N N   . VAL A 1 33  ? 14.186  3.386   -4.813  1.000 24.820 0 33  VAL A N   1 ? 
ATOM   261  C CA  . VAL A 1 33  ? 14.559  3.018   -3.410  1.000 27.170 0 33  VAL A CA  1 ? 
ATOM   262  C C   . VAL A 1 33  ? 14.358  1.513   -3.224  1.000 24.690 0 33  VAL A C   1 ? 
ATOM   263  O O   . VAL A 1 33  ? 13.645  0.938   -4.026  1.000 24.250 0 33  VAL A O   1 ? 
ATOM   264  C CB  . VAL A 1 33  ? 13.757  3.806   -2.356  1.000 28.030 0 33  VAL A CB  1 ? 
ATOM   265  C CG1 . VAL A 1 33  ? 12.369  3.240   -2.130  1.000 29.510 0 33  VAL A CG1 1 ? 
ATOM   266  C CG2 . VAL A 1 33  ? 14.497  3.907   -1.041  1.000 34.290 0 33  VAL A CG2 1 ? 
ATOM   267  N N   . SER A 1 34  ? 14.973  0.941   -2.184  1.000 25.820 0 34  SER A N   1 ? 
ATOM   268  C CA  . SER A 1 34  ? 14.910  -0.506  -1.865  1.000 26.990 0 34  SER A CA  1 ? 
ATOM   269  C C   . SER A 1 34  ? 13.455  -0.946  -1.655  1.000 22.730 0 34  SER A C   1 ? 
ATOM   270  O O   . SER A 1 34  ? 12.693  -0.225  -0.980  1.000 23.930 0 34  SER A O   1 ? 
ATOM   271  C CB  . SER A 1 34  ? 15.773  -0.855  -0.701  1.000 27.460 0 34  SER A CB  1 ? 
ATOM   272  O OG  . SER A 1 34  ? 15.904  -2.262  -0.655  1.000 33.240 0 34  SER A OG  1 ? 
ATOM   273  N N   . PHE A 1 35  ? 13.103  -2.068  -2.279  1.000 20.840 0 35  PHE A N   1 ? 
ATOM   274  C CA  . PHE A 1 35  ? 11.735  -2.657  -2.312  1.000 17.750 0 35  PHE A CA  1 ? 
ATOM   275  C C   . PHE A 1 35  ? 11.817  -4.146  -1.965  1.000 16.420 0 35  PHE A C   1 ? 
ATOM   276  O O   . PHE A 1 35  ? 12.698  -4.855  -2.455  1.000 16.500 0 35  PHE A O   1 ? 
ATOM   277  C CB  . PHE A 1 35  ? 11.131  -2.500  -3.701  1.000 15.110 0 35  PHE A CB  1 ? 
ATOM   278  C CG  . PHE A 1 35  ? 9.700   -2.955  -3.795  1.000 14.430 0 35  PHE A CG  1 ? 
ATOM   279  C CD1 . PHE A 1 35  ? 8.658   -2.080  -3.514  1.000 14.700 0 35  PHE A CD1 1 ? 
ATOM   280  C CD2 . PHE A 1 35  ? 9.417   -4.264  -4.130  1.000 13.660 0 35  PHE A CD2 1 ? 
ATOM   281  C CE1 . PHE A 1 35  ? 7.363   -2.562  -3.491  1.000 14.500 0 35  PHE A CE1 1 ? 
ATOM   282  C CE2 . PHE A 1 35  ? 8.119   -4.739  -4.143  1.000 14.740 0 35  PHE A CE2 1 ? 
ATOM   283  C CZ  . PHE A 1 35  ? 7.086   -3.870  -3.838  1.000 14.290 0 35  PHE A CZ  1 ? 
ATOM   284  N N   . PRO A 1 36  ? 10.917  -4.647  -1.097  1.000 14.730 0 36  PRO A N   1 ? 
ATOM   285  C CA  . PRO A 1 36  ? 10.973  -6.021  -0.601  1.000 13.610 0 36  PRO A CA  1 ? 
ATOM   286  C C   . PRO A 1 36  ? 10.371  -7.013  -1.605  1.000 12.130 0 36  PRO A C   1 ? 
ATOM   287  O O   . PRO A 1 36  ? 9.340   -7.648  -1.326  1.000 11.750 0 36  PRO A O   1 ? 
ATOM   288  C CB  . PRO A 1 36  ? 10.218  -5.907  0.707   1.000 14.420 0 36  PRO A CB  1 ? 
ATOM   289  C CG  . PRO A 1 36  ? 9.138   -4.861  0.385   1.000 14.120 0 36  PRO A CG  1 ? 
ATOM   290  C CD  . PRO A 1 36  ? 9.866   -3.850  -0.443  1.000 14.170 0 36  PRO A CD  1 ? 
ATOM   291  N N   . GLY A 1 37  ? 11.026  -7.194  -2.756  1.000 11.170 0 37  GLY A N   1 ? 
ATOM   292  C CA  . GLY A 1 37  ? 10.530  -8.133  -3.773  1.000 11.040 0 37  GLY A CA  1 ? 
ATOM   293  C C   . GLY A 1 37  ? 10.484  -9.591  -3.304  1.000 9.660  0 37  GLY A C   1 ? 
ATOM   294  O O   . GLY A 1 37  ? 9.529   -10.343 -3.653  1.000 10.190 0 37  GLY A O   1 ? 
ATOM   295  N N   . ARG A 1 38  ? 11.496  -10.029 -2.569  1.000 10.800 0 38  ARG A N   1 ? 
ATOM   296  C CA  . ARG A 1 38  ? 11.516  -11.435 -2.076  1.000 11.230 0 38  ARG A CA  1 ? 
ATOM   297  C C   . ARG A 1 38  ? 10.330  -11.654 -1.119  1.000 10.650 0 38  ARG A C   1 ? 
ATOM   298  O O   . ARG A 1 38  ? 9.765   -12.741 -1.106  1.000 8.920  0 38  ARG A O   1 ? 
ATOM   299  C CB  . ARG A 1 38  ? 12.872  -11.808 -1.476  1.000 12.840 0 38  ARG A CB  1 ? 
ATOM   300  C CG  . ARG A 1 38  ? 13.990  -11.938 -2.501  1.000 15.620 0 38  ARG A CG  1 ? 
ATOM   301  C CD  . ARG A 1 38  ? 15.321  -12.249 -1.825  1.000 19.910 0 38  ARG A CD  1 ? 
ATOM   302  N NE  . ARG A 1 38  ? 15.745  -11.123 -1.025  1.000 26.240 0 38  ARG A NE  1 ? 
ATOM   303  C CZ  . ARG A 1 38  ? 16.959  -10.875 -0.515  1.000 30.530 0 38  ARG A CZ  1 ? 
ATOM   304  N NH1 . ARG A 1 38  ? 17.974  -11.699 -0.712  1.000 28.820 0 38  ARG A NH1 1 ? 
ATOM   305  N NH2 . ARG A 1 38  ? 17.146  -9.764  0.192   1.000 32.130 0 38  ARG A NH2 1 ? 
ATOM   306  N N   . LEU A 1 39  ? 10.003  -10.683 -0.251  1.000 10.000 0 39  LEU A N   1 ? 
ATOM   307  C CA  . LEU A 1 39  ? 8.842   -10.808 0.651   1.000 10.190 0 39  LEU A CA  1 ? 
ATOM   308  C C   . LEU A 1 39  ? 7.575   -11.001 -0.183  1.000 8.600  0 39  LEU A C   1 ? 
ATOM   309  O O   . LEU A 1 39  ? 6.771   -11.891 0.119   1.000 8.860  0 39  LEU A O   1 ? 
ATOM   310  C CB  . LEU A 1 39  ? 8.738   -9.532  1.497   1.000 10.910 0 39  LEU A CB  1 ? 
ATOM   311  C CG  . LEU A 1 39  ? 7.443   -9.397  2.297   1.000 12.730 0 39  LEU A CG  1 ? 
ATOM   312  C CD1 . LEU A 1 39  ? 7.248   -10.549 3.258   1.000 12.560 0 39  LEU A CD1 1 ? 
ATOM   313  C CD2 . LEU A 1 39  ? 7.453   -8.055  3.033   1.000 13.210 0 39  LEU A CD2 1 ? 
ATOM   314  N N   . TYR A 1 40  ? 7.370   -10.179 -1.238  1.000 8.560  0 40  TYR A N   1 ? 
ATOM   315  C CA  . TYR A 1 40  ? 6.157   -10.320 -2.084  1.000 8.500  0 40  TYR A CA  1 ? 
ATOM   316  C C   . TYR A 1 40  ? 6.108   -11.670 -2.808  1.000 7.700  0 40  TYR A C   1 ? 
ATOM   317  O O   . TYR A 1 40  ? 5.067   -12.290 -2.934  1.000 8.810  0 40  TYR A O   1 ? 
ATOM   318  C CB  . TYR A 1 40  ? 6.070   -9.177  -3.082  1.000 7.970  0 40  TYR A CB  1 ? 
ATOM   319  C CG  . TYR A 1 40  ? 5.376   -7.970  -2.498  1.000 7.980  0 40  TYR A CG  1 ? 
ATOM   320  C CD1 . TYR A 1 40  ? 4.013   -7.901  -2.528  1.000 8.250  0 40  TYR A CD1 1 ? 
ATOM   321  C CD2 . TYR A 1 40  ? 6.063   -6.943  -1.884  1.000 8.400  0 40  TYR A CD2 1 ? 
ATOM   322  C CE1 . TYR A 1 40  ? 3.355   -6.812  -2.002  1.000 8.560  0 40  TYR A CE1 1 ? 
ATOM   323  C CE2 . TYR A 1 40  ? 5.410   -5.865  -1.297  1.000 8.900  0 40  TYR A CE2 1 ? 
ATOM   324  C CZ  . TYR A 1 40  ? 4.044   -5.797  -1.391  1.000 7.460  0 40  TYR A CZ  1 ? 
ATOM   325  O OH  . TYR A 1 40  ? 3.393   -4.709  -0.864  1.000 9.040  0 40  TYR A OH  1 ? 
ATOM   326  N N   . ASN A 1 41  ? 7.254   -12.170 -3.261  1.000 8.260  0 41  ASN A N   1 ? 
ATOM   327  C CA  . ASN A 1 41  ? 7.280   -13.512 -3.913  1.000 9.380  0 41  ASN A CA  1 ? 
ATOM   328  C C   . ASN A 1 41  ? 6.874   -14.570 -2.899  1.000 9.100  0 41  ASN A C   1 ? 
ATOM   329  O O   . ASN A 1 41  ? 6.191   -15.509 -3.271  1.000 10.320 0 41  ASN A O   1 ? 
ATOM   330  C CB  . ASN A 1 41  ? 8.693   -13.784 -4.436  1.000 9.280  0 41  ASN A CB  1 ? 
ATOM   331  C CG  . ASN A 1 41  ? 9.116   -12.907 -5.602  1.000 10.460 0 41  ASN A CG  1 ? 
ATOM   332  O OD1 . ASN A 1 41  ? 8.324   -12.125 -6.163  1.000 12.800 0 41  ASN A OD1 1 ? 
ATOM   333  N ND2 . ASN A 1 41  ? 10.398  -12.972 -5.956  1.000 10.930 0 41  ASN A ND2 1 ? 
ATOM   334  N N   . MET A 1 42  ? 7.284   -14.396 -1.651  1.000 10.070 0 42  MET A N   1 ? 
ATOM   335  C CA  . MET A 1 42  ? 6.884   -15.376 -0.615  1.000 10.100 0 42  MET A CA  1 ? 
ATOM   336  C C   . MET A 1 42  ? 5.366   -15.288 -0.409  1.000 8.900  0 42  MET A C   1 ? 
ATOM   337  O O   . MET A 1 42  ? 4.697   -16.337 -0.451  1.000 10.390 0 42  MET A O   1 ? 
ATOM   338  C CB  . MET A 1 42  ? 7.614   -15.144 0.709   1.000 12.140 0 42  MET A CB  1 ? 
ATOM   339  C CG  . MET A 1 42  ? 9.050   -15.525 0.640   1.000 14.050 0 42  MET A CG  1 ? 
ATOM   340  S SD  . MET A 1 42  ? 9.692   -15.446 2.342   1.000 19.500 0 42  MET A SD  1 ? 
ATOM   341  C CE  . MET A 1 42  ? 11.400  -15.780 1.974   1.000 19.130 0 42  MET A CE  1 ? 
ATOM   342  N N   . ILE A 1 43  ? 4.816   -14.091 -0.242  1.000 9.040  0 43  ILE A N   1 ? 
ATOM   343  C CA  . ILE A 1 43  ? 3.361   -13.943 0.010   1.000 9.140  0 43  ILE A CA  1 ? 
ATOM   344  C C   . ILE A 1 43  ? 2.560   -14.458 -1.184  1.000 8.530  0 43  ILE A C   1 ? 
ATOM   345  O O   . ILE A 1 43  ? 1.488   -15.004 -0.969  1.000 8.000  0 43  ILE A O   1 ? 
ATOM   346  C CB  . ILE A 1 43  ? 2.983   -12.487 0.375   1.000 9.520  0 43  ILE A CB  1 ? 
ATOM   347  C CG1 . ILE A 1 43  ? 3.690   -11.983 1.628   1.000 10.640 0 43  ILE A CG1 1 ? 
ATOM   348  C CG2 . ILE A 1 43  ? 1.470   -12.352 0.478   1.000 10.210 0 43  ILE A CG2 1 ? 
ATOM   349  C CD1 . ILE A 1 43  ? 3.324   -12.751 2.876   1.000 10.700 0 43  ILE A CD1 1 ? 
ATOM   350  N N   . ASP A 1 44  ? 3.050   -14.297 -2.405  1.000 7.740  0 44  ASP A N   1 ? 
ATOM   351  C CA  . ASP A 1 44  ? 2.380   -14.871 -3.585  1.000 8.730  0 44  ASP A CA  1 ? 
ATOM   352  C C   . ASP A 1 44  ? 2.118   -16.353 -3.345  1.000 9.110  0 44  ASP A C   1 ? 
ATOM   353  O O   . ASP A 1 44  ? 1.172   -16.884 -3.958  1.000 9.750  0 44  ASP A O   1 ? 
ATOM   354  C CB  . ASP A 1 44  ? 3.174   -14.680 -4.864  1.000 9.220  0 44  ASP A CB  1 ? 
ATOM   355  C CG  . ASP A 1 44  ? 3.257   -13.263 -5.384  1.000 9.830  0 44  ASP A CG  1 ? 
ATOM   356  O OD1 . ASP A 1 44  ? 2.351   -12.442 -5.012  1.000 10.470 0 44  ASP A OD1 1 ? 
ATOM   357  O OD2 . ASP A 1 44  ? 4.179   -12.994 -6.176  1.000 10.280 0 44  ASP A OD2 1 ? 
ATOM   358  N N   . ASN A 1 45  ? 2.992   -17.017 -2.589  1.000 9.180  0 45  ASN A N   1 ? 
ATOM   359  C CA  . ASN A 1 45  ? 2.924   -18.492 -2.395  1.000 9.910  0 45  ASN A CA  1 ? 
ATOM   360  C C   . ASN A 1 45  ? 2.276   -18.878 -1.071  1.000 10.500 0 45  ASN A C   1 ? 
ATOM   361  O O   . ASN A 1 45  ? 2.132   -20.077 -0.793  1.000 12.620 0 45  ASN A O   1 ? 
ATOM   362  C CB  . ASN A 1 45  ? 4.317   -19.100 -2.518  1.000 10.210 0 45  ASN A CB  1 ? 
ATOM   363  C CG  . ASN A 1 45  ? 4.729   -19.033 -3.967  1.000 9.920  0 45  ASN A CG  1 ? 
ATOM   364  O OD1 . ASN A 1 45  ? 4.327   -19.880 -4.755  1.000 10.990 0 45  ASN A OD1 1 ? 
ATOM   365  N ND2 . ASN A 1 45  ? 5.472   -18.020 -4.356  1.000 10.000 0 45  ASN A ND2 1 ? 
ATOM   366  N N   . ALA A 1 46  ? 1.816   -17.906 -0.300  1.000 10.240 0 46  ALA A N   1 ? 
ATOM   367  C CA  . ALA A 1 46  ? 1.294   -18.137 1.066   1.000 10.340 0 46  ALA A CA  1 ? 
ATOM   368  C C   . ALA A 1 46  ? -0.163  -18.640 1.029   1.000 10.410 0 46  ALA A C   1 ? 
ATOM   369  O O   . ALA A 1 46  ? -0.796  -18.615 -0.046  1.000 11.900 0 46  ALA A O   1 ? 
ATOM   370  C CB  . ALA A 1 46  ? 1.360   -16.847 1.809   1.000 10.600 0 46  ALA A CB  1 ? 
ATOM   371  N N   . LYS A 1 47  ? -0.637  -19.098 2.187   1.000 10.780 0 47  LYS A N   1 ? 
ATOM   372  C CA  . LYS A 1 47  ? -2.059  -19.418 2.388   1.000 12.220 0 47  LYS A CA  1 ? 
ATOM   373  C C   . LYS A 1 47  ? -2.881  -18.149 2.188   1.000 10.620 0 47  LYS A C   1 ? 
ATOM   374  O O   . LYS A 1 47  ? -2.405  -17.019 2.524   1.000 11.060 0 47  LYS A O   1 ? 
ATOM   375  C CB  . LYS A 1 47  ? -2.354  -19.985 3.785   1.000 15.860 0 47  LYS A CB  1 ? 
ATOM   376  C CG  . LYS A 1 47  ? -1.622  -21.277 4.104   1.000 21.150 0 47  LYS A CG  1 ? 
ATOM   377  C CD  . LYS A 1 47  ? -2.111  -22.012 5.321   1.000 27.550 0 47  LYS A CD  1 ? 
ATOM   378  C CE  . LYS A 1 47  ? -1.329  -23.302 5.522   1.000 31.750 0 47  LYS A CE  1 ? 
ATOM   379  N NZ  . LYS A 1 47  ? -1.499  -23.865 6.888   1.000 34.880 0 47  LYS A NZ  1 ? 
ATOM   380  N N   . VAL A 1 48  ? -4.132  -18.335 1.788   1.000 10.020 0 48  VAL A N   1 ? 
ATOM   381  C CA  . VAL A 1 48  ? -5.076  -17.202 1.607   1.000 9.560  0 48  VAL A CA  1 ? 
ATOM   382  C C   . VAL A 1 48  ? -5.110  -16.366 2.870   1.000 9.810  0 48  VAL A C   1 ? 
ATOM   383  O O   . VAL A 1 48  ? -5.107  -15.144 2.780   1.000 9.190  0 48  VAL A O   1 ? 
ATOM   384  C CB  . VAL A 1 48  ? -6.478  -17.694 1.214   1.000 10.700 0 48  VAL A CB  1 ? 
ATOM   385  C CG1 . VAL A 1 48  ? -7.506  -16.570 1.318   1.000 10.430 0 48  VAL A CG1 1 ? 
ATOM   386  C CG2 . VAL A 1 48  ? -6.452  -18.258 -0.176  1.000 12.240 0 48  VAL A CG2 1 ? 
ATOM   387  N N   . GLU A 1 49  ? -5.240  -17.010 4.013   1.000 10.470 0 49  GLU A N   1 ? 
ATOM   388  C CA  . GLU A 1 49  ? -5.398  -16.259 5.282   1.000 11.300 0 49  GLU A CA  1 ? 
ATOM   389  C C   . GLU A 1 49  ? -4.233  -15.263 5.360   1.000 9.980  0 49  GLU A C   1 ? 
ATOM   390  O O   . GLU A 1 49  ? -4.425  -14.111 5.789   1.000 10.490 0 49  GLU A O   1 ? 
ATOM   391  C CB  . GLU A 1 49  ? -5.428  -17.271 6.426   1.000 14.100 0 49  GLU A CB  1 ? 
ATOM   392  C CG  . GLU A 1 49  ? -5.198  -16.654 7.786   1.000 16.430 0 49  GLU A CG  1 ? 
ATOM   393  C CD  . GLU A 1 49  ? -5.389  -17.600 8.962   1.000 17.300 0 49  GLU A CD  1 ? 
ATOM   394  O OE1 . GLU A 1 49  ? -5.903  -18.724 8.740   1.000 21.170 0 49  GLU A OE1 1 ? 
ATOM   395  O OE2 . GLU A 1 49  ? -5.060  -17.189 10.080  1.000 17.550 0 49  GLU A OE2 1 ? 
ATOM   396  N N   . ASP A 1 50  ? -3.007  -15.740 5.142   1.000 9.280  0 50  ASP A N   1 ? 
ATOM   397  C CA  . ASP A 1 50  ? -1.805  -14.878 5.290   1.000 8.740  0 50  ASP A CA  1 ? 
ATOM   398  C C   . ASP A 1 50  ? -1.777  -13.820 4.198   1.000 8.380  0 50  ASP A C   1 ? 
ATOM   399  O O   . ASP A 1 50  ? -1.307  -12.709 4.484   1.000 8.000  0 50  ASP A O   1 ? 
ATOM   400  C CB  . ASP A 1 50  ? -0.509  -15.684 5.326   1.000 9.310  0 50  ASP A CB  1 ? 
ATOM   401  C CG  . ASP A 1 50  ? -0.436  -16.471 6.621   1.000 10.120 0 50  ASP A CG  1 ? 
ATOM   402  O OD1 . ASP A 1 50  ? -0.621  -15.872 7.682   1.000 11.330 0 50  ASP A OD1 1 ? 
ATOM   403  O OD2 . ASP A 1 50  ? -0.226  -17.688 6.554   1.000 13.700 0 50  ASP A OD2 1 ? 
ATOM   404  N N   . GLN A 1 51  ? -2.234  -14.150 2.995   1.000 8.010  0 51  GLN A N   1 ? 
ATOM   405  C CA  . GLN A 1 51  ? -2.315  -13.159 1.887   1.000 7.670  0 51  GLN A CA  1 ? 
ATOM   406  C C   . GLN A 1 51  ? -3.224  -12.014 2.330   1.000 7.690  0 51  GLN A C   1 ? 
ATOM   407  O O   . GLN A 1 51  ? -2.849  -10.860 2.186   1.000 7.710  0 51  GLN A O   1 ? 
ATOM   408  C CB  . GLN A 1 51  ? -2.771  -13.847 0.598   1.000 7.940  0 51  GLN A CB  1 ? 
ATOM   409  C CG  . GLN A 1 51  ? -1.726  -14.816 0.070   1.000 8.030  0 51  GLN A CG  1 ? 
ATOM   410  C CD  . GLN A 1 51  ? -2.128  -15.517 -1.197  1.000 8.720  0 51  GLN A CD  1 ? 
ATOM   411  O OE1 . GLN A 1 51  ? -3.274  -15.944 -1.360  1.000 9.170  0 51  GLN A OE1 1 ? 
ATOM   412  N NE2 . GLN A 1 51  ? -1.158  -15.640 -2.086  1.000 9.120  0 51  GLN A NE2 1 ? 
ATOM   413  N N   . VAL A 1 52  ? -4.415  -12.346 2.830   1.000 7.850  0 52  VAL A N   1 ? 
ATOM   414  C CA  . VAL A 1 52  ? -5.388  -11.289 3.173   1.000 7.940  0 52  VAL A CA  1 ? 
ATOM   415  C C   . VAL A 1 52  ? -4.836  -10.485 4.360   1.000 7.280  0 52  VAL A C   1 ? 
ATOM   416  O O   . VAL A 1 52  ? -4.965  -9.240  4.353   1.000 7.330  0 52  VAL A O   1 ? 
ATOM   417  C CB  . VAL A 1 52  ? -6.771  -11.894 3.444   1.000 8.460  0 52  VAL A CB  1 ? 
ATOM   418  C CG1 . VAL A 1 52  ? -7.747  -10.885 4.014   1.000 8.830  0 52  VAL A CG1 1 ? 
ATOM   419  C CG2 . VAL A 1 52  ? -7.350  -12.495 2.168   1.000 8.660  0 52  VAL A CG2 1 ? 
ATOM   420  N N   . LYS A 1 53  ? -4.301  -11.152 5.391   1.000 7.430  0 53  LYS A N   1 ? 
ATOM   421  C CA  . LYS A 1 53  ? -3.725  -10.405 6.541   1.000 7.540  0 53  LYS A CA  1 ? 
ATOM   422  C C   . LYS A 1 53  ? -2.611  -9.476  6.031   1.000 7.220  0 53  LYS A C   1 ? 
ATOM   423  O O   . LYS A 1 53  ? -2.454  -8.362  6.515   1.000 7.220  0 53  LYS A O   1 ? 
ATOM   424  C CB  . LYS A 1 53  ? -3.177  -11.343 7.629   1.000 8.310  0 53  LYS A CB  1 ? 
ATOM   425  C CG  . LYS A 1 53  ? -4.257  -12.122 8.380   1.000 8.230  0 53  LYS A CG  1 ? 
ATOM   426  C CD  . LYS A 1 53  ? -3.763  -13.206 9.286   1.000 9.310  0 53  LYS A CD  1 ? 
ATOM   427  C CE  . LYS A 1 53  ? -4.826  -13.855 10.149  1.000 11.240 0 53  LYS A CE  1 ? 
ATOM   428  N NZ  . LYS A 1 53  ? -4.227  -14.813 11.100  1.000 12.840 0 53  LYS A NZ  1 ? 
ATOM   429  N N   . PHE A 1 54  ? -1.746  -9.972  5.158   1.000 7.020  0 54  PHE A N   1 ? 
ATOM   430  C CA  . PHE A 1 54  ? -0.651  -9.161  4.589   1.000 6.910  0 54  PHE A CA  1 ? 
ATOM   431  C C   . PHE A 1 54  ? -1.203  -7.922  3.853   1.000 6.740  0 54  PHE A C   1 ? 
ATOM   432  O O   . PHE A 1 54  ? -0.663  -6.831  4.075   1.000 7.320  0 54  PHE A O   1 ? 
ATOM   433  C CB  . PHE A 1 54  ? 0.213   -10.006 3.641   1.000 7.360  0 54  PHE A CB  1 ? 
ATOM   434  C CG  . PHE A 1 54  ? 1.379   -9.250  3.061   1.000 8.260  0 54  PHE A CG  1 ? 
ATOM   435  C CD1 . PHE A 1 54  ? 2.534   -9.025  3.794   1.000 10.310 0 54  PHE A CD1 1 ? 
ATOM   436  C CD2 . PHE A 1 54  ? 1.255   -8.688  1.804   1.000 9.980  0 54  PHE A CD2 1 ? 
ATOM   437  C CE1 . PHE A 1 54  ? 3.585   -8.319  3.205   1.000 9.660  0 54  PHE A CE1 1 ? 
ATOM   438  C CE2 . PHE A 1 54  ? 2.300   -7.988  1.234   1.000 9.400  0 54  PHE A CE2 1 ? 
ATOM   439  C CZ  . PHE A 1 54  ? 3.480   -7.870  1.892   1.000 9.800  0 54  PHE A CZ  1 ? 
ATOM   440  N N   . LEU A 1 55  ? -2.258  -8.097  3.062   1.000 7.260  0 55  LEU A N   1 ? 
ATOM   441  C CA  . LEU A 1 55  ? -2.874  -6.978  2.308   1.000 6.970  0 55  LEU A CA  1 ? 
ATOM   442  C C   . LEU A 1 55  ? -3.350  -5.929  3.316   1.000 6.880  0 55  LEU A C   1 ? 
ATOM   443  O O   . LEU A 1 55  ? -3.061  -4.731  3.136   1.000 7.200  0 55  LEU A O   1 ? 
ATOM   444  C CB  . LEU A 1 55  ? -4.044  -7.494  1.480   1.000 6.910  0 55  LEU A CB  1 ? 
ATOM   445  C CG  . LEU A 1 55  ? -3.614  -8.259  0.228   1.000 8.010  0 55  LEU A CG  1 ? 
ATOM   446  C CD1 . LEU A 1 55  ? -4.824  -8.852  -0.426  1.000 9.040  0 55  LEU A CD1 1 ? 
ATOM   447  C CD2 . LEU A 1 55  ? -2.876  -7.353  -0.734  1.000 8.130  0 55  LEU A CD2 1 ? 
ATOM   448  N N   . VAL A 1 56  ? -3.999  -6.347  4.386   1.000 6.790  0 56  VAL A N   1 ? 
ATOM   449  C CA  . VAL A 1 56  ? -4.513  -5.365  5.387   1.000 7.260  0 56  VAL A CA  1 ? 
ATOM   450  C C   . VAL A 1 56  ? -3.330  -4.626  6.046   1.000 7.270  0 56  VAL A C   1 ? 
ATOM   451  O O   . VAL A 1 56  ? -3.320  -3.394  6.142   1.000 7.620  0 56  VAL A O   1 ? 
ATOM   452  C CB  . VAL A 1 56  ? -5.467  -6.031  6.387   1.000 7.910  0 56  VAL A CB  1 ? 
ATOM   453  C CG1 . VAL A 1 56  ? -5.713  -5.114  7.566   1.000 7.890  0 56  VAL A CG1 1 ? 
ATOM   454  C CG2 . VAL A 1 56  ? -6.746  -6.435  5.695   1.000 8.530  0 56  VAL A CG2 1 ? 
ATOM   455  N N   . LEU A 1 57  ? -2.308  -5.358  6.503   1.000 7.610  0 57  LEU A N   1 ? 
ATOM   456  C CA  . LEU A 1 57  ? -1.144  -4.723  7.133   1.000 7.130  0 57  LEU A CA  1 ? 
ATOM   457  C C   . LEU A 1 57  ? -0.544  -3.708  6.177   1.000 7.110  0 57  LEU A C   1 ? 
ATOM   458  O O   . LEU A 1 57  ? -0.172  -2.605  6.613   1.000 7.270  0 57  LEU A O   1 ? 
ATOM   459  C CB  . LEU A 1 57  ? -0.092  -5.744  7.571   1.000 7.730  0 57  LEU A CB  1 ? 
ATOM   460  C CG  . LEU A 1 57  ? -0.478  -6.703  8.689   1.000 7.850  0 57  LEU A CG  1 ? 
ATOM   461  C CD1 . LEU A 1 57  ? 0.595   -7.777  8.767   1.000 8.720  0 57  LEU A CD1 1 ? 
ATOM   462  C CD2 . LEU A 1 57  ? -0.594  -5.988  10.020  1.000 9.220  0 57  LEU A CD2 1 ? 
ATOM   463  N N   . THR A 1 58  ? -0.405  -4.084  4.918   1.000 6.020  0 58  THR A N   1 ? 
ATOM   464  C CA  . THR A 1 58  ? 0.294   -3.226  3.948   1.000 6.560  0 58  THR A CA  1 ? 
ATOM   465  C C   . THR A 1 58  ? -0.562  -2.003  3.593   1.000 6.390  0 58  THR A C   1 ? 
ATOM   466  O O   . THR A 1 58  ? -0.018  -0.900  3.586   1.000 6.560  0 58  THR A O   1 ? 
ATOM   467  C CB  . THR A 1 58  ? 0.765   -4.019  2.739   1.000 7.050  0 58  THR A CB  1 ? 
ATOM   468  O OG1 . THR A 1 58  ? 1.553   -5.111  3.178   1.000 7.500  0 58  THR A OG1 1 ? 
ATOM   469  C CG2 . THR A 1 58  ? 1.592   -3.149  1.823   1.000 7.560  0 58  THR A CG2 1 ? 
ATOM   470  N N   . LEU A 1 59  ? -1.860  -2.187  3.412   1.000 6.130  0 59  LEU A N   1 ? 
ATOM   471  C CA  . LEU A 1 59  ? -2.773  -1.056  3.150   1.000 6.580  0 59  LEU A CA  1 ? 
ATOM   472  C C   . LEU A 1 59  ? -2.653  -0.058  4.302   1.000 6.650  0 59  LEU A C   1 ? 
ATOM   473  O O   . LEU A 1 59  ? -2.506  1.120   4.047   1.000 6.440  0 59  LEU A O   1 ? 
ATOM   474  C CB  . LEU A 1 59  ? -4.210  -1.549  2.983   1.000 6.450  0 59  LEU A CB  1 ? 
ATOM   475  C CG  . LEU A 1 59  ? -4.497  -2.224  1.659   1.000 6.400  0 59  LEU A CG  1 ? 
ATOM   476  C CD1 . LEU A 1 59  ? -5.770  -3.031  1.743   1.000 6.520  0 59  LEU A CD1 1 ? 
ATOM   477  C CD2 . LEU A 1 59  ? -4.541  -1.210  0.509   1.000 6.630  0 59  LEU A CD2 1 ? 
ATOM   478  N N   . ASP A 1 60  ? -2.792  -0.523  5.529   1.000 6.900  0 60  ASP A N   1 ? 
ATOM   479  C CA  . ASP A 1 60  ? -2.787  0.390   6.688   1.000 7.150  0 60  ASP A CA  1 ? 
ATOM   480  C C   . ASP A 1 60  ? -1.444  1.093   6.735   1.000 7.370  0 60  ASP A C   1 ? 
ATOM   481  O O   . ASP A 1 60  ? -1.393  2.259   7.078   1.000 7.440  0 60  ASP A O   1 ? 
ATOM   482  C CB  . ASP A 1 60  ? -3.156  -0.352  7.949   1.000 7.580  0 60  ASP A CB  1 ? 
ATOM   483  C CG  . ASP A 1 60  ? -4.635  -0.550  8.146   1.000 9.170  0 60  ASP A CG  1 ? 
ATOM   484  O OD1 . ASP A 1 60  ? -5.432  0.030   7.416   1.000 9.570  0 60  ASP A OD1 1 ? 
ATOM   485  O OD2 . ASP A 1 60  ? -4.955  -1.295  9.090   1.000 11.060 0 60  ASP A OD2 1 ? 
ATOM   486  N N   . HIS A 1 61  ? -0.354  0.390   6.438   1.000 7.180  0 61  HIS A N   1 ? 
ATOM   487  C CA  . HIS A 1 61  ? 0.965   1.051   6.464   1.000 8.220  0 61  HIS A CA  1 ? 
ATOM   488  C C   . HIS A 1 61  ? 1.047   2.158   5.414   1.000 7.930  0 61  HIS A C   1 ? 
ATOM   489  O O   . HIS A 1 61  ? 1.630   3.201   5.752   1.000 7.450  0 61  HIS A O   1 ? 
ATOM   490  C CB  . HIS A 1 61  ? 2.067   0.021   6.273   1.000 9.030  0 61  HIS A CB  1 ? 
ATOM   491  C CG  . HIS A 1 61  ? 2.667   -0.515  7.516   1.000 11.780 0 61  HIS A CG  1 ? 
ATOM   492  N ND1 . HIS A 1 61  ? 2.663   -1.867  7.841   1.000 17.000 0 61  HIS A ND1 1 ? 
ATOM   493  C CD2 . HIS A 1 61  ? 3.351   0.093   8.507   1.000 12.150 0 61  HIS A CD2 1 ? 
ATOM   494  C CE1 . HIS A 1 61  ? 3.285   -2.040  9.003   1.000 15.240 0 61  HIS A CE1 1 ? 
ATOM   495  N NE2 . HIS A 1 61  ? 3.675   -0.869  9.444   1.000 16.930 0 61  HIS A NE2 1 ? 
ATOM   496  N N   . ILE A 1 62  ? 0.544   1.927   4.204   1.000 6.980  0 62  ILE A N   1 ? 
ATOM   497  C CA  . ILE A 1 62  ? 0.585   2.958   3.142   1.000 6.530  0 62  ILE A CA  1 ? 
ATOM   498  C C   . ILE A 1 62  ? -0.251  4.149   3.630   1.000 6.800  0 62  ILE A C   1 ? 
ATOM   499  O O   . ILE A 1 62  ? 0.195   5.286   3.503   1.000 6.870  0 62  ILE A O   1 ? 
ATOM   500  C CB  . ILE A 1 62  ? 0.078   2.396   1.815   1.000 6.950  0 62  ILE A CB  1 ? 
ATOM   501  C CG1 . ILE A 1 62  ? 1.021   1.312   1.291   1.000 7.040  0 62  ILE A CG1 1 ? 
ATOM   502  C CG2 . ILE A 1 62  ? -0.136  3.523   0.823   1.000 6.660  0 62  ILE A CG2 1 ? 
ATOM   503  C CD1 . ILE A 1 62  ? 0.433   0.501   0.204   1.000 7.850  0 62  ILE A CD1 1 ? 
ATOM   504  N N   . ILE A 1 63  ? -1.449  3.859   4.137   1.000 7.020  0 63  ILE A N   1 ? 
ATOM   505  C CA  . ILE A 1 63  ? -2.322  4.964   4.624   1.000 7.500  0 63  ILE A CA  1 ? 
ATOM   506  C C   . ILE A 1 63  ? -1.596  5.796   5.689   1.000 8.200  0 63  ILE A C   1 ? 
ATOM   507  O O   . ILE A 1 63  ? -1.620  7.015   5.605   1.000 8.520  0 63  ILE A O   1 ? 
ATOM   508  C CB  . ILE A 1 63  ? -3.646  4.364   5.132   1.000 7.010  0 63  ILE A CB  1 ? 
ATOM   509  C CG1 . ILE A 1 63  ? -4.432  3.753   3.964   1.000 6.950  0 63  ILE A CG1 1 ? 
ATOM   510  C CG2 . ILE A 1 63  ? -4.468  5.382   5.886   1.000 7.180  0 63  ILE A CG2 1 ? 
ATOM   511  C CD1 . ILE A 1 63  ? -5.560  2.830   4.436   1.000 7.070  0 63  ILE A CD1 1 ? 
ATOM   512  N N   . ARG A 1 64  ? -0.990  5.148   6.687   1.000 9.190  0 64  ARG A N   1 ? 
ATOM   513  C CA  . ARG A 1 64  ? -0.361  5.849   7.835   1.000 10.420 0 64  ARG A CA  1 ? 
ATOM   514  C C   . ARG A 1 64  ? 0.883   6.584   7.332   1.000 9.390  0 64  ARG A C   1 ? 
ATOM   515  O O   . ARG A 1 64  ? 1.179   7.663   7.880   1.000 9.840  0 64  ARG A O   1 ? 
ATOM   516  C CB  . ARG A 1 64  ? -0.051  4.808   8.921   1.000 13.700 0 64  ARG A CB  1 ? 
ATOM   517  C CG  . ARG A 1 64  ? 0.876   5.289   10.026  1.000 18.810 0 64  ARG A CG  1 ? 
ATOM   518  C CD  . ARG A 1 64  ? 0.966   4.220   11.096  1.000 23.570 0 64  ARG A CD  1 ? 
ATOM   519  N NE  . ARG A 1 64  ? -0.247  4.271   11.905  1.000 28.100 0 64  ARG A NE  1 ? 
ATOM   520  C CZ  . ARG A 1 64  ? -0.482  3.518   12.980  1.000 30.920 0 64  ARG A CZ  1 ? 
ATOM   521  N NH1 . ARG A 1 64  ? 0.392   2.604   13.374  1.000 32.940 0 64  ARG A NH1 1 ? 
ATOM   522  N NH2 . ARG A 1 64  ? -1.589  3.699   13.668  1.000 34.690 0 64  ARG A NH2 1 ? 
ATOM   523  N N   . LEU A 1 65  ? 1.566   6.065   6.308   1.000 8.650  0 65  LEU A N   1 ? 
ATOM   524  C CA  . LEU A 1 65  ? 2.755   6.782   5.784   1.000 9.270  0 65  LEU A CA  1 ? 
ATOM   525  C C   . LEU A 1 65  ? 2.296   8.075   5.072   1.000 9.000  0 65  LEU A C   1 ? 
ATOM   526  O O   . LEU A 1 65  ? 3.048   9.099   5.198   1.000 10.620 0 65  LEU A O   1 ? 
ATOM   527  C CB  . LEU A 1 65  ? 3.514   5.850   4.843   1.000 10.750 0 65  LEU A CB  1 ? 
ATOM   528  C CG  . LEU A 1 65  ? 4.759   6.413   4.172   1.000 11.770 0 65  LEU A CG  1 ? 
ATOM   529  C CD1 . LEU A 1 65  ? 5.840   6.762   5.173   1.000 13.370 0 65  LEU A CD1 1 ? 
ATOM   530  C CD2 . LEU A 1 65  ? 5.242   5.423   3.151   1.000 12.090 0 65  LEU A CD2 1 ? 
ATOM   531  N N   . MET A 1 66  ? 1.149   8.064   4.394   1.000 8.950  0 66  MET A N   1 ? 
ATOM   532  C CA  . MET A 1 66  ? 0.787   9.117   3.411   1.000 8.580  0 66  MET A CA  1 ? 
ATOM   533  C C   . MET A 1 66  ? -0.332  10.010  3.942   1.000 8.550  0 66  MET A C   1 ? 
ATOM   534  O O   . MET A 1 66  ? -0.596  10.932  3.190   1.000 9.110  0 66  MET A O   1 ? 
ATOM   535  C CB  . MET A 1 66  ? 0.391   8.519   2.057   1.000 8.850  0 66  MET A CB  1 ? 
ATOM   536  C CG  . MET A 1 66  ? 1.535   7.739   1.446   1.000 9.790  0 66  MET A CG  1 ? 
ATOM   537  S SD  . MET A 1 66  ? 1.208   7.249   -0.252  1.000 11.420 0 66  MET A SD  1 ? 
ATOM   538  C CE  . MET A 1 66  ? 1.299   8.822   -1.091  1.000 13.760 0 66  MET A CE  1 ? 
ATOM   539  N N   . ASP A 1 67  ? -0.906  9.812   5.155   1.000 7.980  0 67  ASP A N   1 ? 
ATOM   540  C CA  . ASP A 1 67  ? -2.138  10.599  5.484   1.000 8.110  0 67  ASP A CA  1 ? 
ATOM   541  C C   . ASP A 1 67  ? -1.839  11.826  6.316   1.000 8.930  0 67  ASP A C   1 ? 
ATOM   542  O O   . ASP A 1 67  ? -2.794  12.605  6.565   1.000 9.620  0 67  ASP A O   1 ? 
ATOM   543  C CB  . ASP A 1 67  ? -3.268  9.736   6.071   1.000 8.960  0 67  ASP A CB  1 ? 
ATOM   544  C CG  . ASP A 1 67  ? -3.004  9.236   7.464   1.000 10.620 0 67  ASP A CG  1 ? 
ATOM   545  O OD1 . ASP A 1 67  ? -1.878  9.410   7.956   1.000 10.330 0 67  ASP A OD1 1 ? 
ATOM   546  O OD2 . ASP A 1 67  ? -3.914  8.598   7.993   1.000 11.410 0 67  ASP A OD2 1 ? 
ATOM   547  N N   . ALA A 1 68  ? -0.585  12.084  6.595   1.000 8.710  0 68  ALA A N   1 ? 
ATOM   548  C CA  . ALA A 1 68  ? -0.202  13.306  7.350   1.000 10.520 0 68  ALA A CA  1 ? 
ATOM   549  C C   . ALA A 1 68  ? -0.048  14.463  6.371   1.000 10.330 0 68  ALA A C   1 ? 
ATOM   550  O O   . ALA A 1 68  ? 1.068   14.797  6.009   1.000 12.340 0 68  ALA A O   1 ? 
ATOM   551  C CB  . ALA A 1 68  ? 1.079   13.029  8.056   1.000 11.740 0 68  ALA A CB  1 ? 
ATOM   552  N N   . ARG A 1 69  ? -1.135  15.106  5.988   1.000 10.260 0 69  ARG A N   1 ? 
ATOM   553  C CA  . ARG A 1 69  ? -1.099  16.053  4.854   1.000 10.730 0 69  ARG A CA  1 ? 
ATOM   554  C C   . ARG A 1 69  ? -0.398  17.345  5.275   1.000 10.270 0 69  ARG A C   1 ? 
ATOM   555  O O   . ARG A 1 69  ? 0.016   18.062  4.392   1.000 10.800 0 69  ARG A O   1 ? 
ATOM   556  C CB  . ARG A 1 69  ? -2.487  16.306  4.276   1.000 13.380 0 69  ARG A CB  1 ? 
ATOM   557  C CG  . ARG A 1 69  ? -3.465  16.836  5.279   1.000 13.450 0 69  ARG A CG  1 ? 
ATOM   558  C CD  . ARG A 1 69  ? -4.666  17.322  4.455   1.000 15.050 0 69  ARG A CD  1 ? 
ATOM   559  N NE  . ARG A 1 69  ? -4.429  18.642  4.002   1.000 18.180 0 69  ARG A NE  1 ? 
ATOM   560  C CZ  . ARG A 1 69  ? -5.161  19.255  3.085   1.000 16.920 0 69  ARG A CZ  1 ? 
ATOM   561  N NH1 . ARG A 1 69  ? -6.180  18.622  2.551   1.000 20.560 0 69  ARG A NH1 1 ? 
ATOM   562  N NH2 . ARG A 1 69  ? -4.896  20.501  2.755   1.000 19.810 0 69  ARG A NH2 1 ? 
ATOM   563  N N   . GLU A 1 70  ? -0.236  17.614  6.567   1.000 10.500 0 70  GLU A N   1 ? 
ATOM   564  C CA  . GLU A 1 70  ? 0.494   18.846  6.987   1.000 10.830 0 70  GLU A CA  1 ? 
ATOM   565  C C   . GLU A 1 70  ? 1.976   18.699  6.674   1.000 12.510 0 70  GLU A C   1 ? 
ATOM   566  O O   . GLU A 1 70  ? 2.701   19.729  6.773   1.000 13.000 0 70  GLU A O   1 ? 
ATOM   567  C CB  . GLU A 1 70  ? 0.261   19.132  8.472   1.000 12.500 0 70  GLU A CB  1 ? 
ATOM   568  C CG  . GLU A 1 70  ? 1.132   18.379  9.406   1.000 13.500 0 70  GLU A CG  1 ? 
ATOM   569  C CD  . GLU A 1 70  ? 0.679   16.999  9.804   1.000 14.170 0 70  GLU A CD  1 ? 
ATOM   570  O OE1 . GLU A 1 70  ? -0.076  16.369  9.001   1.000 15.320 0 70  GLU A OE1 1 ? 
ATOM   571  O OE2 . GLU A 1 70  ? 1.072   16.564  10.937  1.000 16.360 0 70  GLU A OE2 1 ? 
ATOM   572  N N   . HIS A 1 71  ? 2.430   17.508  6.315   1.000 10.620 0 71  HIS A N   1 ? 
ATOM   573  C CA  . HIS A 1 71  ? 3.839   17.279  5.904   1.000 11.060 0 71  HIS A CA  1 ? 
ATOM   574  C C   . HIS A 1 71  ? 3.974   17.238  4.376   1.000 11.010 0 71  HIS A C   1 ? 
ATOM   575  O O   . HIS A 1 71  ? 5.025   16.807  3.922   1.000 10.780 0 71  HIS A O   1 ? 
ATOM   576  C CB  . HIS A 1 71  ? 4.458   16.058  6.554   1.000 12.110 0 71  HIS A CB  1 ? 
ATOM   577  C CG  . HIS A 1 71  ? 4.586   16.146  8.029   1.000 14.620 0 71  HIS A CG  1 ? 
ATOM   578  N ND1 . HIS A 1 71  ? 5.325   17.136  8.634   1.000 16.050 0 71  HIS A ND1 1 ? 
ATOM   579  C CD2 . HIS A 1 71  ? 4.068   15.378  9.017   1.000 15.180 0 71  HIS A CD2 1 ? 
ATOM   580  C CE1 . HIS A 1 71  ? 5.274   16.958  9.956   1.000 16.410 0 71  HIS A CE1 1 ? 
ATOM   581  N NE2 . HIS A 1 71  ? 4.516   15.886  10.201  1.000 16.970 0 71  HIS A NE2 1 ? 
ATOM   582  N N   . MET A 1 72  ? 2.985   17.700  3.634   1.000 10.170 0 72  MET A N   1 ? 
ATOM   583  C CA  . MET A 1 72  ? 2.963   17.652  2.136   1.000 10.450 0 72  MET A CA  1 ? 
ATOM   584  C C   . MET A 1 72  ? 2.996   19.064  1.550   1.000 11.540 0 72  MET A C   1 ? 
ATOM   585  O O   . MET A 1 72  ? 2.603   19.235  0.398   1.000 12.550 0 72  MET A O   1 ? 
ATOM   586  C CB  . MET A 1 72  ? 1.724   16.884  1.670   1.000 10.500 0 72  MET A CB  1 ? 
ATOM   587  C CG  . MET A 1 72  ? 1.904   15.417  1.880   1.000 10.440 0 72  MET A CG  1 ? 
ATOM   588  S SD  . MET A 1 72  ? 0.542   14.530  1.016   1.000 10.460 0 72  MET A SD  1 ? 
ATOM   589  C CE  . MET A 1 72  ? 1.142   12.896  1.458   1.000 11.400 0 72  MET A CE  1 ? 
ATOM   590  N N   . ASN A 1 73  ? 3.661   20.010  2.204   1.000 13.060 0 73  ASN A N   1 ? 
ATOM   591  C CA  . ASN A 1 73  ? 3.727   21.398  1.672   1.000 15.430 0 73  ASN A CA  1 ? 
ATOM   592  C C   . ASN A 1 73  ? 4.689   21.478  0.484   1.000 14.150 0 73  ASN A C   1 ? 
ATOM   593  O O   . ASN A 1 73  ? 4.531   22.385  -0.337  1.000 15.660 0 73  ASN A O   1 ? 
ATOM   594  C CB  . ASN A 1 73  ? 4.084   22.430  2.742   1.000 17.980 0 73  ASN A CB  1 ? 
ATOM   595  C CG  . ASN A 1 73  ? 3.107   22.423  3.892   1.000 22.290 0 73  ASN A CG  1 ? 
ATOM   596  O OD1 . ASN A 1 73  ? 1.905   22.317  3.693   1.000 21.190 0 73  ASN A OD1 1 ? 
ATOM   597  N ND2 . ASN A 1 73  ? 3.620   22.503  5.106   1.000 28.100 0 73  ASN A ND2 1 ? 
ATOM   598  N N   . SER A 1 74  ? 5.609   20.537  0.334   1.000 13.240 0 74  SER A N   1 ? 
ATOM   599  C CA  . SER A 1 74  ? 6.650   20.581  -0.713  1.000 14.000 0 74  SER A CA  1 ? 
ATOM   600  C C   . SER A 1 74  ? 6.221   19.860  -1.979  1.000 12.680 0 74  SER A C   1 ? 
ATOM   601  O O   . SER A 1 74  ? 6.922   20.008  -2.982  1.000 13.420 0 74  SER A O   1 ? 
ATOM   602  C CB  . SER A 1 74  ? 7.929   20.038  -0.164  1.000 13.980 0 74  SER A CB  1 ? 
ATOM   603  O OG  . SER A 1 74  ? 8.397   20.919  0.885   1.000 16.230 0 74  SER A OG  1 ? 
ATOM   604  N N   . VAL A 1 75  ? 5.157   19.058  -1.955  1.000 11.380 0 75  VAL A N   1 ? 
ATOM   605  C CA  . VAL A 1 75  ? 4.715   18.285  -3.158  1.000 12.140 0 75  VAL A CA  1 ? 
ATOM   606  C C   . VAL A 1 75  ? 3.872   19.163  -4.064  1.000 12.590 0 75  VAL A C   1 ? 
ATOM   607  O O   . VAL A 1 75  ? 3.146   20.057  -3.581  1.000 14.690 0 75  VAL A O   1 ? 
ATOM   608  C CB  . VAL A 1 75  ? 3.940   16.983  -2.841  1.000 12.860 0 75  VAL A CB  1 ? 
ATOM   609  C CG1 . VAL A 1 75  ? 4.806   16.008  -2.070  1.000 14.680 0 75  VAL A CG1 1 ? 
ATOM   610  C CG2 . VAL A 1 75  ? 2.614   17.205  -2.155  1.000 13.530 0 75  VAL A CG2 1 ? 
ATOM   611  N N   . GLN A 1 76  ? 3.912   18.875  -5.353  1.000 12.420 0 76  GLN A N   1 ? 
ATOM   612  C CA  . GLN A 1 76  ? 3.001   19.577  -6.279  1.000 13.880 0 76  GLN A CA  1 ? 
ATOM   613  C C   . GLN A 1 76  ? 1.680   18.825  -6.439  1.000 14.910 0 76  GLN A C   1 ? 
ATOM   614  O O   . GLN A 1 76  ? 0.800   19.315  -7.204  1.000 17.570 0 76  GLN A O   1 ? 
ATOM   615  C CB  . GLN A 1 76  ? 3.712   19.809  -7.598  1.000 14.650 0 76  GLN A CB  1 ? 
ATOM   616  C CG  . GLN A 1 76  ? 4.817   20.835  -7.465  1.000 16.910 0 76  GLN A CG  1 ? 
ATOM   617  C CD  . GLN A 1 76  ? 5.696   20.865  -8.689  1.000 17.850 0 76  GLN A CD  1 ? 
ATOM   618  O OE1 . GLN A 1 76  ? 6.596   20.058  -8.863  1.000 18.760 0 76  GLN A OE1 1 ? 
ATOM   619  N NE2 . GLN A 1 76  ? 5.402   21.791  -9.577  1.000 18.360 0 76  GLN A NE2 1 ? 
ATOM   620  N N   . TRP A 1 77  ? 1.488   17.750  -5.706  1.000 11.360 0 77  TRP A N   1 ? 
ATOM   621  C CA  . TRP A 1 77  ? 0.266   16.912  -5.856  1.000 9.650  0 77  TRP A CA  1 ? 
ATOM   622  C C   . TRP A 1 77  ? -0.994  17.730  -5.588  1.000 9.290  0 77  TRP A C   1 ? 
ATOM   623  O O   . TRP A 1 77  ? -1.013  18.563  -4.675  1.000 10.380 0 77  TRP A O   1 ? 
ATOM   624  C CB  . TRP A 1 77  ? 0.324   15.705  -4.935  1.000 9.400  0 77  TRP A CB  1 ? 
ATOM   625  C CG  . TRP A 1 77  ? 1.579   14.904  -5.099  1.000 9.440  0 77  TRP A CG  1 ? 
ATOM   626  C CD1 . TRP A 1 77  ? 2.405   14.866  -6.184  1.000 9.890  0 77  TRP A CD1 1 ? 
ATOM   627  C CD2 . TRP A 1 77  ? 2.070   13.911  -4.182  1.000 8.890  0 77  TRP A CD2 1 ? 
ATOM   628  N NE1 . TRP A 1 77  ? 3.428   13.987  -5.971  1.000 9.720  0 77  TRP A NE1 1 ? 
ATOM   629  C CE2 . TRP A 1 77  ? 3.250   13.401  -4.755  1.000 8.870  0 77  TRP A CE2 1 ? 
ATOM   630  C CE3 . TRP A 1 77  ? 1.682   13.465  -2.912  1.000 9.010  0 77  TRP A CE3 1 ? 
ATOM   631  C CZ2 . TRP A 1 77  ? 3.985   12.402  -4.144  1.000 9.570  0 77  TRP A CZ2 1 ? 
ATOM   632  C CZ3 . TRP A 1 77  ? 2.418   12.477  -2.313  1.000 9.250  0 77  TRP A CZ3 1 ? 
ATOM   633  C CH2 . TRP A 1 77  ? 3.576   12.001  -2.896  1.000 9.380  0 77  TRP A CH2 1 ? 
ATOM   634  N N   . ASN A 1 78  ? -2.073  17.441  -6.286  1.000 7.880  0 78  ASN A N   1 ? 
ATOM   635  C CA  . ASN A 1 78  ? -3.377  18.069  -5.995  1.000 8.260  0 78  ASN A CA  1 ? 
ATOM   636  C C   . ASN A 1 78  ? -3.911  17.371  -4.744  1.000 8.170  0 78  ASN A C   1 ? 
ATOM   637  O O   . ASN A 1 78  ? -4.193  16.177  -4.839  1.000 7.970  0 78  ASN A O   1 ? 
ATOM   638  C CB  . ASN A 1 78  ? -4.323  17.885  -7.174  1.000 9.720  0 78  ASN A CB  1 ? 
ATOM   639  C CG  . ASN A 1 78  ? -5.663  18.519  -6.891  1.000 11.060 0 78  ASN A CG  1 ? 
ATOM   640  O OD1 . ASN A 1 78  ? -5.873  19.014  -5.792  1.000 12.010 0 78  ASN A OD1 1 ? 
ATOM   641  N ND2 . ASN A 1 78  ? -6.568  18.447  -7.818  1.000 9.700  0 78  ASN A ND2 1 ? 
ATOM   642  N N   . LEU A 1 79  ? -4.012  18.068  -3.638  1.000 7.340  0 79  LEU A N   1 ? 
ATOM   643  C CA  . LEU A 1 79  ? -4.344  17.379  -2.374  1.000 7.670  0 79  LEU A CA  1 ? 
ATOM   644  C C   . LEU A 1 79  ? -5.760  16.790  -2.408  1.000 7.880  0 79  LEU A C   1 ? 
ATOM   645  O O   . LEU A 1 79  ? -6.005  15.866  -1.627  1.000 8.620  0 79  LEU A O   1 ? 
ATOM   646  C CB  . LEU A 1 79  ? -4.097  18.287  -1.160  1.000 8.410  0 79  LEU A CB  1 ? 
ATOM   647  C CG  . LEU A 1 79  ? -2.629  18.643  -0.915  1.000 10.130 0 79  LEU A CG  1 ? 
ATOM   648  C CD1 . LEU A 1 79  ? -2.482  19.513  0.309   1.000 11.090 0 79  LEU A CD1 1 ? 
ATOM   649  C CD2 . LEU A 1 79  ? -1.732  17.426  -0.803  1.000 10.730 0 79  LEU A CD2 1 ? 
ATOM   650  N N   . GLN A 1 80  ? -6.693  17.322  -3.183  1.000 7.740  0 80  GLN A N   1 ? 
ATOM   651  C CA  . GLN A 1 80  ? -8.032  16.684  -3.334  1.000 7.340  0 80  GLN A CA  1 ? 
ATOM   652  C C   . GLN A 1 80  ? -7.852  15.245  -3.815  1.000 7.670  0 80  GLN A C   1 ? 
ATOM   653  O O   . GLN A 1 80  ? -8.558  14.316  -3.329  1.000 6.590  0 80  GLN A O   1 ? 
ATOM   654  C CB  . GLN A 1 80  ? -8.899  17.449  -4.349  1.000 8.340  0 80  GLN A CB  1 ? 
ATOM   655  C CG  . GLN A 1 80  ? -10.245 16.772  -4.573  1.000 8.850  0 80  GLN A CG  1 ? 
ATOM   656  C CD  . GLN A 1 80  ? -11.127 17.502  -5.549  1.000 9.000  0 80  GLN A CD  1 ? 
ATOM   657  O OE1 . GLN A 1 80  ? -11.812 18.479  -5.200  1.000 10.540 0 80  GLN A OE1 1 ? 
ATOM   658  N NE2 . GLN A 1 80  ? -11.088 17.038  -6.778  1.000 8.200  0 80  GLN A NE2 1 ? 
ATOM   659  N N   . THR A 1 81  ? -6.929  15.018  -4.751  1.000 7.070  0 81  THR A N   1 ? 
ATOM   660  C CA  . THR A 1 81  ? -6.732  13.695  -5.364  1.000 6.640  0 81  THR A CA  1 ? 
ATOM   661  C C   . THR A 1 81  ? -5.918  12.791  -4.413  1.000 6.620  0 81  THR A C   1 ? 
ATOM   662  O O   . THR A 1 81  ? -6.176  11.593  -4.353  1.000 5.950  0 81  THR A O   1 ? 
ATOM   663  C CB  . THR A 1 81  ? -6.134  13.886  -6.748  1.000 6.930  0 81  THR A CB  1 ? 
ATOM   664  O OG1 . THR A 1 81  ? -7.062  14.741  -7.413  1.000 8.130  0 81  THR A OG1 1 ? 
ATOM   665  C CG2 . THR A 1 81  ? -5.991  12.553  -7.422  1.000 7.510  0 81  THR A CG2 1 ? 
ATOM   666  N N   . VAL A 1 82  ? -5.014  13.385  -3.623  1.000 6.600  0 82  VAL A N   1 ? 
ATOM   667  C CA  . VAL A 1 82  ? -4.336  12.626  -2.542  1.000 7.400  0 82  VAL A CA  1 ? 
ATOM   668  C C   . VAL A 1 82  ? -5.391  12.146  -1.558  1.000 7.490  0 82  VAL A C   1 ? 
ATOM   669  O O   . VAL A 1 82  ? -5.367  10.969  -1.131  1.000 6.990  0 82  VAL A O   1 ? 
ATOM   670  C CB  . VAL A 1 82  ? -3.280  13.509  -1.818  1.000 7.650  0 82  VAL A CB  1 ? 
ATOM   671  C CG1 . VAL A 1 82  ? -2.680  12.742  -0.629  1.000 8.010  0 82  VAL A CG1 1 ? 
ATOM   672  C CG2 . VAL A 1 82  ? -2.171  14.018  -2.760  1.000 8.510  0 82  VAL A CG2 1 ? 
ATOM   673  N N   . GLU A 1 83  ? -6.313  13.034  -1.146  1.000 7.300  0 83  GLU A N   1 ? 
ATOM   674  C CA  . GLU A 1 83  ? -7.391  12.658  -0.199  1.000 7.880  0 83  GLU A CA  1 ? 
ATOM   675  C C   . GLU A 1 83  ? -8.262  11.560  -0.818  1.000 6.570  0 83  GLU A C   1 ? 
ATOM   676  O O   . GLU A 1 83  ? -8.596  10.557  -0.119  1.000 6.830  0 83  GLU A O   1 ? 
ATOM   677  C CB  . GLU A 1 83  ? -8.213  13.926  0.083   1.000 9.320  0 83  GLU A CB  1 ? 
ATOM   678  C CG  . GLU A 1 83  ? -9.330  13.746  1.044   1.000 10.890 0 83  GLU A CG  1 ? 
ATOM   679  C CD  . GLU A 1 83  ? -10.035 15.079  1.227   1.000 13.190 0 83  GLU A CD  1 ? 
ATOM   680  O OE1 . GLU A 1 83  ? -9.793  15.763  2.233   1.000 15.400 0 83  GLU A OE1 1 ? 
ATOM   681  O OE2 . GLU A 1 83  ? -10.695 15.529  0.244   1.000 14.640 0 83  GLU A OE2 1 ? 
ATOM   682  N N   . HIS A 1 84  ? -8.554  11.647  -2.118  1.000 6.170  0 84  HIS A N   1 ? 
ATOM   683  C CA  . HIS A 1 84  ? -9.401  10.637  -2.804  1.000 6.070  0 84  HIS A CA  1 ? 
ATOM   684  C C   . HIS A 1 84  ? -8.665  9.288   -2.783  1.000 5.500  0 84  HIS A C   1 ? 
ATOM   685  O O   . HIS A 1 84  ? -9.262  8.271   -2.378  1.000 5.960  0 84  HIS A O   1 ? 
ATOM   686  C CB  . HIS A 1 84  ? -9.727  11.085  -4.232  1.000 6.980  0 84  HIS A CB  1 ? 
ATOM   687  C CG  . HIS A 1 84  ? -10.765 10.214  -4.860  1.000 7.740  0 84  HIS A CG  1 ? 
ATOM   688  N ND1 . HIS A 1 84  ? -11.077 10.279  -6.213  1.000 7.930  0 84  HIS A ND1 1 ? 
ATOM   689  C CD2 . HIS A 1 84  ? -11.543 9.269   -4.334  1.000 9.130  0 84  HIS A CD2 1 ? 
ATOM   690  C CE1 . HIS A 1 84  ? -12.022 9.371   -6.459  1.000 8.520  0 84  HIS A CE1 1 ? 
ATOM   691  N NE2 . HIS A 1 84  ? -12.326 8.756   -5.321  1.000 9.640  0 84  HIS A NE2 1 ? 
ATOM   692  N N   . PHE A 1 85  ? -7.391  9.289   -3.171  1.000 5.690  0 85  PHE A N   1 ? 
ATOM   693  C CA  . PHE A 1 85  ? -6.516  8.116   -3.088  1.000 5.680  0 85  PHE A CA  1 ? 
ATOM   694  C C   . PHE A 1 85  ? -6.597  7.448   -1.725  1.000 5.900  0 85  PHE A C   1 ? 
ATOM   695  O O   . PHE A 1 85  ? -6.790  6.247   -1.631  1.000 7.110  0 85  PHE A O   1 ? 
ATOM   696  C CB  . PHE A 1 85  ? -5.099  8.540   -3.430  1.000 5.880  0 85  PHE A CB  1 ? 
ATOM   697  C CG  . PHE A 1 85  ? -4.080  7.449   -3.249  1.000 6.220  0 85  PHE A CG  1 ? 
ATOM   698  C CD1 . PHE A 1 85  ? -4.029  6.389   -4.163  1.000 6.650  0 85  PHE A CD1 1 ? 
ATOM   699  C CD2 . PHE A 1 85  ? -3.210  7.477   -2.189  1.000 7.580  0 85  PHE A CD2 1 ? 
ATOM   700  C CE1 . PHE A 1 85  ? -3.065  5.398   -3.991  1.000 6.660  0 85  PHE A CE1 1 ? 
ATOM   701  C CE2 . PHE A 1 85  ? -2.236  6.495   -2.049  1.000 7.230  0 85  PHE A CE2 1 ? 
ATOM   702  C CZ  . PHE A 1 85  ? -2.189  5.456   -2.937  1.000 7.130  0 85  PHE A CZ  1 ? 
ATOM   703  N N   . LEU A 1 86  ? -6.414  8.229   -0.665  1.000 5.180  0 86  LEU A N   1 ? 
ATOM   704  C CA  . LEU A 1 86  ? -6.398  7.637   0.695   1.000 5.450  0 86  LEU A CA  1 ? 
ATOM   705  C C   . LEU A 1 86  ? -7.793  7.133   1.024   1.000 5.210  0 86  LEU A C   1 ? 
ATOM   706  O O   . LEU A 1 86  ? -7.908  6.127   1.749   1.000 5.810  0 86  LEU A O   1 ? 
ATOM   707  C CB  . LEU A 1 86  ? -5.893  8.652   1.705   1.000 6.080  0 86  LEU A CB  1 ? 
ATOM   708  C CG  . LEU A 1 86  ? -4.411  8.982   1.530   1.000 7.150  0 86  LEU A CG  1 ? 
ATOM   709  C CD1 . LEU A 1 86  ? -4.035  10.238  2.265   1.000 8.140  0 86  LEU A CD1 1 ? 
ATOM   710  C CD2 . LEU A 1 86  ? -3.560  7.805   1.940   1.000 7.850  0 86  LEU A CD2 1 ? 
ATOM   711  N N   . THR A 1 87  ? -8.836  7.841   0.640   1.000 5.560  0 87  THR A N   1 ? 
ATOM   712  C CA  . THR A 1 87  ? -10.193 7.337   0.908   1.000 6.160  0 87  THR A CA  1 ? 
ATOM   713  C C   . THR A 1 87  ? -10.348 5.941   0.282   1.000 5.960  0 87  THR A C   1 ? 
ATOM   714  O O   . THR A 1 87  ? -10.922 5.032   0.934   1.000 5.570  0 87  THR A O   1 ? 
ATOM   715  C CB  . THR A 1 87  ? -11.245 8.322   0.385   1.000 6.440  0 87  THR A CB  1 ? 
ATOM   716  O OG1 . THR A 1 87  ? -11.003 9.593   0.954   1.000 7.460  0 87  THR A OG1 1 ? 
ATOM   717  C CG2 . THR A 1 87  ? -12.637 7.876   0.735   1.000 6.680  0 87  THR A CG2 1 ? 
ATOM   718  N N   . VAL A 1 88  ? -9.877  5.748   -0.945  1.000 6.710  0 88  VAL A N   1 ? 
ATOM   719  C CA  . VAL A 1 88  ? -9.995  4.439   -1.635  1.000 7.020  0 88  VAL A CA  1 ? 
ATOM   720  C C   . VAL A 1 88  ? -9.206  3.373   -0.852  1.000 6.840  0 88  VAL A C   1 ? 
ATOM   721  O O   . VAL A 1 88  ? -9.713  2.280   -0.642  1.000 6.700  0 88  VAL A O   1 ? 
ATOM   722  C CB  . VAL A 1 88  ? -9.548  4.578   -3.095  1.000 7.720  0 88  VAL A CB  1 ? 
ATOM   723  C CG1 . VAL A 1 88  ? -9.500  3.228   -3.796  1.000 7.970  0 88  VAL A CG1 1 ? 
ATOM   724  C CG2 . VAL A 1 88  ? -10.456 5.524   -3.822  1.000 7.790  0 88  VAL A CG2 1 ? 
ATOM   725  N N   . LEU A 1 89  ? -7.990  3.680   -0.438  1.000 6.790  0 89  LEU A N   1 ? 
ATOM   726  C CA  . LEU A 1 89  ? -7.212  2.659   0.303   1.000 6.120  0 89  LEU A CA  1 ? 
ATOM   727  C C   . LEU A 1 89  ? -7.897  2.315   1.606   1.000 6.490  0 89  LEU A C   1 ? 
ATOM   728  O O   . LEU A 1 89  ? -7.870  1.146   2.033   1.000 6.150  0 89  LEU A O   1 ? 
ATOM   729  C CB  . LEU A 1 89  ? -5.781  3.075   0.568   1.000 6.550  0 89  LEU A CB  1 ? 
ATOM   730  C CG  . LEU A 1 89  ? -4.885  3.305   -0.650  1.000 7.430  0 89  LEU A CG  1 ? 
ATOM   731  C CD1 . LEU A 1 89  ? -3.428  3.436   -0.239  1.000 7.550  0 89  LEU A CD1 1 ? 
ATOM   732  C CD2 . LEU A 1 89  ? -5.023  2.209   -1.675  1.000 7.480  0 89  LEU A CD2 1 ? 
ATOM   733  N N   . ASN A 1 90  ? -8.470  3.327   2.274   1.000 7.050  0 90  ASN A N   1 ? 
ATOM   734  C CA  . ASN A 1 90  ? -9.190  3.069   3.544   1.000 6.770  0 90  ASN A CA  1 ? 
ATOM   735  C C   . ASN A 1 90  ? -10.396 2.136   3.314   1.000 7.070  0 90  ASN A C   1 ? 
ATOM   736  O O   . ASN A 1 90  ? -10.646 1.258   4.152   1.000 7.890  0 90  ASN A O   1 ? 
ATOM   737  C CB  . ASN A 1 90  ? -9.658  4.367   4.202   1.000 7.010  0 90  ASN A CB  1 ? 
ATOM   738  C CG  . ASN A 1 90  ? -8.620  5.026   5.100   1.000 7.500  0 90  ASN A CG  1 ? 
ATOM   739  O OD1 . ASN A 1 90  ? -8.437  4.619   6.270   1.000 7.500  0 90  ASN A OD1 1 ? 
ATOM   740  N ND2 . ASN A 1 90  ? -7.904  5.984   4.563   1.000 7.570  0 90  ASN A ND2 1 ? 
ATOM   741  N N   . ARG A 1 91  ? -11.070 2.250   2.172   1.000 7.150  0 91  ARG A N   1 ? 
ATOM   742  C CA  . ARG A 1 91  ? -12.190 1.358   1.772   1.000 8.310  0 91  ARG A CA  1 ? 
ATOM   743  C C   . ARG A 1 91  ? -11.632 -0.055  1.550   1.000 7.810  0 91  ARG A C   1 ? 
ATOM   744  O O   . ARG A 1 91  ? -12.207 -1.027  2.088   1.000 8.220  0 91  ARG A O   1 ? 
ATOM   745  C CB  . ARG A 1 91  ? -12.831 1.828   0.473   1.000 8.880  0 91  ARG A CB  1 ? 
ATOM   746  C CG  . ARG A 1 91  ? -14.001 0.978   -0.018  1.000 9.380  0 91  ARG A CG  1 ? 
ATOM   747  C CD  . ARG A 1 91  ? -14.408 1.445   -1.402  1.000 10.330 0 91  ARG A CD  1 ? 
ATOM   748  N NE  . ARG A 1 91  ? -15.561 0.668   -1.886  1.000 11.310 0 91  ARG A NE  1 ? 
ATOM   749  C CZ  . ARG A 1 91  ? -16.149 0.817   -3.066  1.000 12.710 0 91  ARG A CZ  1 ? 
ATOM   750  N NH1 . ARG A 1 91  ? -15.703 1.704   -3.931  1.000 13.820 0 91  ARG A NH1 1 ? 
ATOM   751  N NH2 . ARG A 1 91  ? -17.196 0.083   -3.384  1.000 14.100 0 91  ARG A NH2 1 ? 
ATOM   752  N N   . GLN A 1 92  ? -10.544 -0.197  0.820   1.000 8.030  0 92  GLN A N   1 ? 
ATOM   753  C CA  . GLN A 1 92  ? -9.893  -1.506  0.629   1.000 8.440  0 92  GLN A CA  1 ? 
ATOM   754  C C   . GLN A 1 92  ? -9.613  -2.147  1.999   1.000 7.630  0 92  GLN A C   1 ? 
ATOM   755  O O   . GLN A 1 92  ? -9.865  -3.329  2.200   1.000 7.730  0 92  GLN A O   1 ? 
ATOM   756  C CB  . GLN A 1 92  ? -8.595  -1.363  -0.172  1.000 8.920  0 92  GLN A CB  1 ? 
ATOM   757  C CG  . GLN A 1 92  ? -8.767  -0.912  -1.614  1.000 9.030  0 92  GLN A CG  1 ? 
ATOM   758  C CD  . GLN A 1 92  ? -9.155  -2.026  -2.544  1.000 10.000 0 92  GLN A CD  1 ? 
ATOM   759  O OE1 . GLN A 1 92  ? -10.158 -2.705  -2.355  1.000 10.490 0 92  GLN A OE1 1 ? 
ATOM   760  N NE2 . GLN A 1 92  ? -8.368  -2.209  -3.579  1.000 10.730 0 92  GLN A NE2 1 ? 
ATOM   761  N N   . SER A 1 93  ? -9.008  -1.414  2.920   1.000 7.830  0 93  SER A N   1 ? 
ATOM   762  C CA  . SER A 1 93  ? -8.554  -1.929  4.221   1.000 8.540  0 93  SER A CA  1 ? 
ATOM   763  C C   . SER A 1 93  ? -9.773  -2.339  5.046   1.000 8.500  0 93  SER A C   1 ? 
ATOM   764  O O   . SER A 1 93  ? -9.798  -3.453  5.599   1.000 8.530  0 93  SER A O   1 ? 
ATOM   765  C CB  . SER A 1 93  ? -7.750  -0.890  4.888   1.000 8.930  0 93  SER A CB  1 ? 
ATOM   766  O OG  . SER A 1 93  ? -7.296  -1.410  6.135   1.000 9.850  0 93  SER A OG  1 ? 
ATOM   767  N N   . SER A 1 94  ? -10.766 -1.471  5.127   1.000 9.540  0 94  SER A N   1 ? 
ATOM   768  C CA  A SER A 1 94  ? -11.966 -1.756  5.948   0.500 9.930  0 94  SER A CA  1 ? 
ATOM   769  C CA  B SER A 1 94  ? -11.970 -1.770  5.944   0.500 9.620  0 94  SER A CA  1 ? 
ATOM   770  C C   . SER A 1 94  ? -12.664 -3.023  5.446   1.000 9.410  0 94  SER A C   1 ? 
ATOM   771  O O   . SER A 1 94  ? -13.096 -3.846  6.275   1.000 9.270  0 94  SER A O   1 ? 
ATOM   772  C CB  A SER A 1 94  ? -12.873 -0.567  5.898   0.500 11.300 0 94  SER A CB  1 ? 
ATOM   773  C CB  B SER A 1 94  ? -12.916 -0.638  5.894   0.500 10.620 0 94  SER A CB  1 ? 
ATOM   774  O OG  A SER A 1 94  ? -13.924 -0.702  6.831   0.500 13.490 0 94  SER A OG  1 ? 
ATOM   775  O OG  B SER A 1 94  ? -12.444 0.365   6.746   0.500 11.660 0 94  SER A OG  1 ? 
ATOM   776  N N   . ASP A 1 95  ? -12.802 -3.116  4.139   1.000 8.960  0 95  ASP A N   1 ? 
ATOM   777  C CA  . ASP A 1 95  ? -13.490 -4.269  3.517   1.000 8.260  0 95  ASP A CA  1 ? 
ATOM   778  C C   . ASP A 1 95  ? -12.683 -5.535  3.779   1.000 7.710  0 95  ASP A C   1 ? 
ATOM   779  O O   . ASP A 1 95  ? -13.316 -6.548  4.162   1.000 9.270  0 95  ASP A O   1 ? 
ATOM   780  C CB  . ASP A 1 95  ? -13.722 -4.022  2.031   1.000 8.980  0 95  ASP A CB  1 ? 
ATOM   781  C CG  . ASP A 1 95  ? -14.867 -3.059  1.754   1.000 11.080 0 95  ASP A CG  1 ? 
ATOM   782  O OD1 . ASP A 1 95  ? -15.646 -2.810  2.691   1.000 14.560 0 95  ASP A OD1 1 ? 
ATOM   783  O OD2 . ASP A 1 95  ? -14.931 -2.524  0.580   1.000 11.470 0 95  ASP A OD2 1 ? 
ATOM   784  N N   . LEU A 1 96  ? -11.357 -5.540  3.600   1.000 7.060  0 96  LEU A N   1 ? 
ATOM   785  C CA  . LEU A 1 96  ? -10.568 -6.757  3.866   1.000 7.410  0 96  LEU A CA  1 ? 
ATOM   786  C C   . LEU A 1 96  ? -10.550 -7.098  5.357   1.000 7.840  0 96  LEU A C   1 ? 
ATOM   787  O O   . LEU A 1 96  ? -10.499 -8.311  5.700   1.000 8.220  0 96  LEU A O   1 ? 
ATOM   788  C CB  . LEU A 1 96  ? -9.176  -6.600  3.304   1.000 6.980  0 96  LEU A CB  1 ? 
ATOM   789  C CG  . LEU A 1 96  ? -9.150  -6.694  1.769   1.000 7.610  0 96  LEU A CG  1 ? 
ATOM   790  C CD1 . LEU A 1 96  ? -7.725  -6.527  1.246   1.000 7.950  0 96  LEU A CD1 1 ? 
ATOM   791  C CD2 . LEU A 1 96  ? -9.738  -7.999  1.174   1.000 8.150  0 96  LEU A CD2 1 ? 
ATOM   792  N N   . LYS A 1 97  ? -10.644 -6.118  6.245   1.000 7.360  0 97  LYS A N   1 ? 
ATOM   793  C CA  A LYS A 1 97  ? -10.670 -6.401  7.701   0.500 8.440  0 97  LYS A CA  1 ? 
ATOM   794  C CA  B LYS A 1 97  ? -10.669 -6.403  7.702   0.500 7.980  0 97  LYS A CA  1 ? 
ATOM   795  C C   . LYS A 1 97  ? -11.890 -7.253  8.051   1.000 8.620  0 97  LYS A C   1 ? 
ATOM   796  O O   . LYS A 1 97  ? -11.803 -7.976  9.025   1.000 9.330  0 97  LYS A O   1 ? 
ATOM   797  C CB  A LYS A 1 97  ? -10.700 -5.122  8.529   0.500 8.730  0 97  LYS A CB  1 ? 
ATOM   798  C CB  B LYS A 1 97  ? -10.633 -5.118  8.525   0.500 7.650  0 97  LYS A CB  1 ? 
ATOM   799  C CG  A LYS A 1 97  ? -9.362  -4.423  8.624   0.500 8.930  0 97  LYS A CG  1 ? 
ATOM   800  C CG  B LYS A 1 97  ? -9.252  -4.497  8.551   0.500 7.290  0 97  LYS A CG  1 ? 
ATOM   801  C CD  A LYS A 1 97  ? -9.406  -3.272  9.570   0.500 9.490  0 97  LYS A CD  1 ? 
ATOM   802  C CD  B LYS A 1 97  ? -9.128  -3.244  9.356   0.500 7.110  0 97  LYS A CD  1 ? 
ATOM   803  C CE  A LYS A 1 97  ? -8.050  -2.659  9.798   0.500 9.810  0 97  LYS A CE  1 ? 
ATOM   804  C CE  B LYS A 1 97  ? -7.768  -2.614  9.165   0.500 6.920  0 97  LYS A CE  1 ? 
ATOM   805  N NZ  A LYS A 1 97  ? -7.697  -1.809  8.648   0.500 9.970  0 97  LYS A NZ  1 ? 
ATOM   806  N NZ  B LYS A 1 97  ? -7.551  -1.404  9.972   0.500 6.440  0 97  LYS A NZ  1 ? 
ATOM   807  N N   . GLU A 1 98  ? -12.957 -7.134  7.294   1.000 9.700  0 98  GLU A N   1 ? 
ATOM   808  C CA  . GLU A 1 98  ? -14.125 -8.021  7.553   1.000 10.390 0 98  GLU A CA  1 ? 
ATOM   809  C C   . GLU A 1 98  ? -13.690 -9.480  7.355   1.000 10.690 0 98  GLU A C   1 ? 
ATOM   810  O O   . GLU A 1 98  ? -14.182 -10.395 8.079   1.000 11.400 0 98  GLU A O   1 ? 
ATOM   811  C CB  . GLU A 1 98  ? -15.306 -7.664  6.671   1.000 11.980 0 98  GLU A CB  1 ? 
ATOM   812  C CG  . GLU A 1 98  ? -15.773 -6.271  6.869   1.000 12.720 0 98  GLU A CG  1 ? 
ATOM   813  C CD  . GLU A 1 98  ? -16.855 -5.839  5.899   1.000 14.240 0 98  GLU A CD  1 ? 
ATOM   814  O OE1 . GLU A 1 98  ? -17.267 -6.670  5.035   1.000 15.500 0 98  GLU A OE1 1 ? 
ATOM   815  O OE2 . GLU A 1 98  ? -17.258 -4.685  5.981   1.000 16.140 0 98  GLU A OE2 1 ? 
ATOM   816  N N   . CYS A 1 99  ? -12.814 -9.746  6.401   1.000 10.690 0 99  CYS A N   1 ? 
ATOM   817  C CA  . CYS A 1 99  ? -12.300 -11.113 6.139   1.000 9.910  0 99  CYS A CA  1 ? 
ATOM   818  C C   . CYS A 1 99  ? -11.310 -11.508 7.235   1.000 10.730 0 99  CYS A C   1 ? 
ATOM   819  O O   . CYS A 1 99  ? -11.386 -12.616 7.787   1.000 9.320  0 99  CYS A O   1 ? 
ATOM   820  C CB  . CYS A 1 99  ? -11.722 -11.179 4.734   1.000 11.030 0 99  CYS A CB  1 ? 
ATOM   821  S SG  . CYS A 1 99  ? -12.951 -10.714 3.492   1.000 11.590 0 99  CYS A SG  1 ? 
ATOM   822  N N   . VAL A 1 100 ? -10.460 -10.582 7.640   1.000 8.950  0 100 VAL A N   1 ? 
ATOM   823  C CA  . VAL A 1 100 ? -9.472  -10.892 8.698   1.000 10.010 0 100 VAL A CA  1 ? 
ATOM   824  C C   . VAL A 1 100 ? -10.180 -11.236 10.008  1.000 10.060 0 100 VAL A C   1 ? 
ATOM   825  O O   . VAL A 1 100 ? -9.680  -12.098 10.760  1.000 10.370 0 100 VAL A O   1 ? 
ATOM   826  C CB  . VAL A 1 100 ? -8.506  -9.727  8.875   1.000 9.960  0 100 VAL A CB  1 ? 
ATOM   827  C CG1 . VAL A 1 100 ? -7.647  -9.917  10.091  1.000 10.230 0 100 VAL A CG1 1 ? 
ATOM   828  C CG2 . VAL A 1 100 ? -7.641  -9.535  7.653   1.000 10.210 0 100 VAL A CG2 1 ? 
ATOM   829  N N   . ALA A 1 101 ? -11.341 -10.631 10.278  1.000 10.120 0 101 ALA A N   1 ? 
ATOM   830  C CA  . ALA A 1 101 ? -12.100 -10.901 11.514  1.000 10.510 0 101 ALA A CA  1 ? 
ATOM   831  C C   . ALA A 1 101 ? -12.489 -12.379 11.607  1.000 10.850 0 101 ALA A C   1 ? 
ATOM   832  O O   . ALA A 1 101 ? -12.694 -12.870 12.721  1.000 12.120 0 101 ALA A O   1 ? 
ATOM   833  C CB  . ALA A 1 101 ? -13.338 -10.037 11.570  1.000 11.360 0 101 ALA A CB  1 ? 
ATOM   834  N N   . ARG A 1 102 ? -12.564 -13.086 10.500  1.000 10.560 0 102 ARG A N   1 ? 
ATOM   835  C CA  . ARG A 1 102 ? -12.989 -14.511 10.521  1.000 11.290 0 102 ARG A CA  1 ? 
ATOM   836  C C   . ARG A 1 102 ? -11.801 -15.446 10.745  1.000 10.420 0 102 ARG A C   1 ? 
ATOM   837  O O   . ARG A 1 102 ? -11.981 -16.680 10.785  1.000 11.400 0 102 ARG A O   1 ? 
ATOM   838  C CB  . ARG A 1 102 ? -13.649 -14.834 9.188   1.000 12.360 0 102 ARG A CB  1 ? 
ATOM   839  C CG  . ARG A 1 102 ? -14.815 -13.924 8.869   1.000 13.190 0 102 ARG A CG  1 ? 
ATOM   840  C CD  . ARG A 1 102 ? -15.604 -14.468 7.694   1.000 14.570 0 102 ARG A CD  1 ? 
ATOM   841  N NE  . ARG A 1 102 ? -16.625 -13.513 7.316   1.000 16.060 0 102 ARG A NE  1 ? 
ATOM   842  C CZ  . ARG A 1 102 ? -16.535 -12.679 6.280   1.000 16.810 0 102 ARG A CZ  1 ? 
ATOM   843  N NH1 . ARG A 1 102 ? -15.508 -12.723 5.446   1.000 18.730 0 102 ARG A NH1 1 ? 
ATOM   844  N NH2 . ARG A 1 102 ? -17.501 -11.827 6.066   1.000 19.140 0 102 ARG A NH2 1 ? 
ATOM   845  N N   . TYR A 1 103 ? -10.605 -14.905 10.855  1.000 9.750  0 103 TYR A N   1 ? 
ATOM   846  C CA  . TYR A 1 103 ? -9.381  -15.698 11.043  1.000 10.670 0 103 TYR A CA  1 ? 
ATOM   847  C C   . TYR A 1 103 ? -9.022  -15.621 12.519  1.000 10.790 0 103 TYR A C   1 ? 
ATOM   848  O O   . TYR A 1 103 ? -9.358  -14.640 13.187  1.000 11.450 0 103 TYR A O   1 ? 
ATOM   849  C CB  . TYR A 1 103 ? -8.218  -15.173 10.207  1.000 11.050 0 103 TYR A CB  1 ? 
ATOM   850  C CG  . TYR A 1 103 ? -8.489  -14.988 8.737   1.000 12.870 0 103 TYR A CG  1 ? 
ATOM   851  C CD1 . TYR A 1 103 ? -9.299  -15.828 8.015   1.000 14.720 0 103 TYR A CD1 1 ? 
ATOM   852  C CD2 . TYR A 1 103 ? -7.947  -13.889 8.104   1.000 13.480 0 103 TYR A CD2 1 ? 
ATOM   853  C CE1 . TYR A 1 103 ? -9.465  -15.639 6.646   1.000 15.410 0 103 TYR A CE1 1 ? 
ATOM   854  C CE2 . TYR A 1 103 ? -8.124  -13.671 6.749   1.000 14.510 0 103 TYR A CE2 1 ? 
ATOM   855  C CZ  . TYR A 1 103 ? -8.878  -14.556 6.017   1.000 14.840 0 103 TYR A CZ  1 ? 
ATOM   856  O OH  . TYR A 1 103 ? -9.061  -14.303 4.681   1.000 15.650 0 103 TYR A OH  1 ? 
ATOM   857  N N   . GLN A 1 104 ? -8.324  -16.637 12.999  1.000 12.080 0 104 GLN A N   1 ? 
ATOM   858  C CA  . GLN A 1 104 ? -7.693  -16.575 14.334  1.000 12.910 0 104 GLN A CA  1 ? 
ATOM   859  C C   . GLN A 1 104 ? -6.576  -15.540 14.265  1.000 13.740 0 104 GLN A C   1 ? 
ATOM   860  O O   . GLN A 1 104 ? -5.771  -15.600 13.339  1.000 14.080 0 104 GLN A O   1 ? 
ATOM   861  C CB  . GLN A 1 104 ? -7.121  -17.923 14.750  1.000 14.090 0 104 GLN A CB  1 ? 
ATOM   862  C CG  . GLN A 1 104 ? -6.624  -17.832 16.169  1.000 15.150 0 104 GLN A CG  1 ? 
ATOM   863  C CD  . GLN A 1 104 ? -6.164  -19.164 16.722  1.000 13.990 0 104 GLN A CD  1 ? 
ATOM   864  O OE1 . GLN A 1 104 ? -5.754  -20.053 16.014  1.000 15.850 0 104 GLN A OE1 1 ? 
ATOM   865  N NE2 . GLN A 1 104 ? -6.283  -19.300 18.029  1.000 16.880 0 104 GLN A NE2 1 ? 
ATOM   866  N N   . PRO A 1 105 ? -6.560  -14.529 15.165  1.000 17.110 0 105 PRO A N   1 ? 
ATOM   867  C CA  . PRO A 1 105 ? -5.565  -13.458 15.085  1.000 18.570 0 105 PRO A CA  1 ? 
ATOM   868  C C   . PRO A 1 105 ? -4.144  -14.007 15.227  1.000 22.370 0 105 PRO A C   1 ? 
ATOM   869  O O   . PRO A 1 105 ? -3.964  -14.993 15.917  1.000 25.870 0 105 PRO A O   1 ? 
ATOM   870  C CB  . PRO A 1 105 ? -5.923  -12.481 16.211  1.000 19.960 0 105 PRO A CB  1 ? 
ATOM   871  C CG  . PRO A 1 105 ? -7.343  -12.789 16.530  1.000 18.560 0 105 PRO A CG  1 ? 
ATOM   872  C CD  . PRO A 1 105 ? -7.542  -14.252 16.211  1.000 18.570 0 105 PRO A CD  1 ? 
ATOM   873  N N   . SER A 1 106 ? -3.190  -13.400 14.494  1.000 22.900 0 106 SER A N   1 ? 
ATOM   874  C CA  . SER A 1 106 ? -1.742  -13.765 14.492  1.000 25.180 0 106 SER A CA  1 ? 
ATOM   875  C C   . SER A 1 106 ? -0.944  -12.460 14.528  1.000 24.760 0 106 SER A C   1 ? 
ATOM   876  O O   . SER A 1 106 ? -1.396  -11.502 13.908  1.000 25.810 0 106 SER A O   1 ? 
ATOM   877  C CB  . SER A 1 106 ? -1.347  -14.653 13.312  1.000 24.810 0 106 SER A CB  1 ? 
ATOM   878  O OG  . SER A 1 106 ? -1.796  -14.114 12.055  1.000 20.450 0 106 SER A OG  1 ? 
ATOM   879  N N   . HIS A 1 107 ? 0.121   -12.365 15.321  1.000 28.250 0 107 HIS A N   1 ? 
ATOM   880  C CA  . HIS A 1 107 ? 0.969   -11.139 15.387  1.000 27.920 0 107 HIS A CA  1 ? 
ATOM   881  C C   . HIS A 1 107 ? 2.455   -11.496 15.344  1.000 27.150 0 107 HIS A C   1 ? 
ATOM   882  O O   . HIS A 1 107 ? 3.259   -10.570 15.345  1.000 28.420 0 107 HIS A O   1 ? 
ATOM   883  C CB  . HIS A 1 107 ? 0.646   -10.301 16.631  1.000 31.700 0 107 HIS A CB  1 ? 
ATOM   884  C CG  . HIS A 1 107 ? -0.809  -10.016 16.774  1.000 35.230 0 107 HIS A CG  1 ? 
ATOM   885  N ND1 . HIS A 1 107 ? -1.413  -8.940  16.145  1.000 38.580 0 107 HIS A ND1 1 ? 
ATOM   886  C CD2 . HIS A 1 107 ? -1.794  -10.701 17.408  1.000 35.530 0 107 HIS A CD2 1 ? 
ATOM   887  C CE1 . HIS A 1 107 ? -2.708  -8.959  16.405  1.000 38.120 0 107 HIS A CE1 1 ? 
ATOM   888  N NE2 . HIS A 1 107 ? -2.968  -10.035 17.185  1.000 34.950 0 107 HIS A NE2 1 ? 
ATOM   889  N N   . LYS A 1 108 ? 2.802   -12.776 15.258  1.000 26.130 0 108 LYS A N   1 ? 
ATOM   890  C CA  . LYS A 1 108 ? 4.220   -13.217 15.283  1.000 27.120 0 108 LYS A CA  1 ? 
ATOM   891  C C   . LYS A 1 108 ? 4.675   -13.671 13.897  1.000 24.820 0 108 LYS A C   1 ? 
ATOM   892  O O   . LYS A 1 108 ? 5.728   -14.301 13.823  1.000 24.250 0 108 LYS A O   1 ? 
ATOM   893  C CB  . LYS A 1 108 ? 4.389   -14.302 16.346  1.000 31.180 0 108 LYS A CB  1 ? 
ATOM   894  C CG  . LYS A 1 108 ? 4.086   -13.812 17.761  1.000 34.940 0 108 LYS A CG  1 ? 
ATOM   895  C CD  . LYS A 1 108 ? 5.110   -14.245 18.783  1.000 39.430 0 108 LYS A CD  1 ? 
ATOM   896  C CE  . LYS A 1 108 ? 4.805   -13.763 20.186  1.000 41.070 0 108 LYS A CE  1 ? 
ATOM   897  N NZ  . LYS A 1 108 ? 3.768   -14.602 20.833  1.000 44.330 0 108 LYS A NZ  1 ? 
ATOM   898  N N   . GLU A 1 109 ? 3.971   -13.321 12.814  1.000 21.070 0 109 GLU A N   1 ? 
ATOM   899  C CA  . GLU A 1 109 ? 4.432   -13.776 11.478  1.000 18.580 0 109 GLU A CA  1 ? 
ATOM   900  C C   . GLU A 1 109 ? 5.627   -12.922 11.030  1.000 17.620 0 109 GLU A C   1 ? 
ATOM   901  O O   . GLU A 1 109 ? 5.652   -11.693 11.262  1.000 16.860 0 109 GLU A O   1 ? 
ATOM   902  C CB  . GLU A 1 109 ? 3.303   -13.707 10.448  1.000 18.950 0 109 GLU A CB  1 ? 
ATOM   903  C CG  . GLU A 1 109 ? 2.144   -14.649 10.717  1.000 20.080 0 109 GLU A CG  1 ? 
ATOM   904  C CD  . GLU A 1 109 ? 2.442   -16.140 10.773  1.000 24.890 0 109 GLU A CD  1 ? 
ATOM   905  O OE1 . GLU A 1 109 ? 3.320   -16.636 10.033  1.000 28.500 0 109 GLU A OE1 1 ? 
ATOM   906  O OE2 . GLU A 1 109 ? 1.764   -16.804 11.548  1.000 28.350 0 109 GLU A OE2 1 ? 
ATOM   907  N N   . SER A 1 110 ? 6.612   -13.549 10.406  1.000 14.870 0 110 SER A N   1 ? 
ATOM   908  C CA  . SER A 1 110 ? 7.808   -12.822 9.942   1.000 14.770 0 110 SER A CA  1 ? 
ATOM   909  C C   . SER A 1 110 ? 7.382   -11.812 8.881   1.000 13.990 0 110 SER A C   1 ? 
ATOM   910  O O   . SER A 1 110 ? 7.995   -10.789 8.829   1.000 14.040 0 110 SER A O   1 ? 
ATOM   911  C CB  . SER A 1 110 ? 8.909   -13.722 9.446   1.000 16.480 0 110 SER A CB  1 ? 
ATOM   912  O OG  . SER A 1 110 ? 8.471   -14.441 8.309   1.000 18.620 0 110 SER A OG  1 ? 
ATOM   913  N N   . TYR A 1 111 ? 6.327   -12.051 8.091   1.000 11.960 0 111 TYR A N   1 ? 
ATOM   914  C CA  . TYR A 1 111 ? 5.921   -11.041 7.090   1.000 10.640 0 111 TYR A CA  1 ? 
ATOM   915  C C   . TYR A 1 111 ? 5.501   -9.735  7.783   1.000 11.400 0 111 TYR A C   1 ? 
ATOM   916  O O   . TYR A 1 111 ? 5.732   -8.647  7.198   1.000 10.490 0 111 TYR A O   1 ? 
ATOM   917  C CB  . TYR A 1 111 ? 4.881   -11.559 6.104   1.000 10.500 0 111 TYR A CB  1 ? 
ATOM   918  C CG  . TYR A 1 111 ? 3.545   -12.000 6.648   1.000 9.970  0 111 TYR A CG  1 ? 
ATOM   919  C CD1 . TYR A 1 111 ? 2.608   -11.096 7.147   1.000 9.910  0 111 TYR A CD1 1 ? 
ATOM   920  C CD2 . TYR A 1 111 ? 3.212   -13.342 6.656   1.000 10.500 0 111 TYR A CD2 1 ? 
ATOM   921  C CE1 . TYR A 1 111 ? 1.371   -11.520 7.581   1.000 11.060 0 111 TYR A CE1 1 ? 
ATOM   922  C CE2 . TYR A 1 111 ? 1.978   -13.777 7.106   1.000 11.010 0 111 TYR A CE2 1 ? 
ATOM   923  C CZ  . TYR A 1 111 ? 1.057   -12.867 7.594   1.000 10.120 0 111 TYR A CZ  1 ? 
ATOM   924  O OH  . TYR A 1 111 ? -0.158  -13.278 8.053   1.000 10.230 0 111 TYR A OH  1 ? 
ATOM   925  N N   . GLU A 1 112 ? 4.936   -9.811  8.978   1.000 12.090 0 112 GLU A N   1 ? 
ATOM   926  C CA  . GLU A 1 112 ? 4.473   -8.586  9.667   1.000 11.390 0 112 GLU A CA  1 ? 
ATOM   927  C C   . GLU A 1 112 ? 5.711   -7.810  10.096  1.000 12.300 0 112 GLU A C   1 ? 
ATOM   928  O O   . GLU A 1 112 ? 5.778   -6.558  9.894   1.000 12.150 0 112 GLU A O   1 ? 
ATOM   929  C CB  . GLU A 1 112 ? 3.535   -8.909  10.824  1.000 12.090 0 112 GLU A CB  1 ? 
ATOM   930  C CG  . GLU A 1 112 ? 3.158   -7.677  11.607  1.000 13.300 0 112 GLU A CG  1 ? 
ATOM   931  C CD  . GLU A 1 112 ? 2.019   -7.829  12.577  1.000 15.330 0 112 GLU A CD  1 ? 
ATOM   932  O OE1 . GLU A 1 112 ? 1.379   -8.883  12.595  1.000 16.830 0 112 GLU A OE1 1 ? 
ATOM   933  O OE2 . GLU A 1 112 ? 1.772   -6.853  13.342  1.000 19.730 0 112 GLU A OE2 1 ? 
ATOM   934  N N   . LYS A 1 113 ? 6.709   -8.522  10.619  1.000 12.580 0 113 LYS A N   1 ? 
ATOM   935  C CA  . LYS A 1 113 ? 7.955   -7.852  11.069  1.000 13.740 0 113 LYS A CA  1 ? 
ATOM   936  C C   . LYS A 1 113 ? 8.668   -7.240  9.871   1.000 11.790 0 113 LYS A C   1 ? 
ATOM   937  O O   . LYS A 1 113 ? 9.184   -6.128  10.011  1.000 13.460 0 113 LYS A O   1 ? 
ATOM   938  C CB  . LYS A 1 113 ? 8.872   -8.851  11.760  1.000 16.940 0 113 LYS A CB  1 ? 
ATOM   939  C CG  . LYS A 1 113 ? 8.284   -9.523  12.977  1.000 22.370 0 113 LYS A CG  1 ? 
ATOM   940  C CD  . LYS A 1 113 ? 9.309   -10.404 13.663  1.000 28.190 0 113 LYS A CD  1 ? 
ATOM   941  C CE  . LYS A 1 113 ? 8.946   -10.731 15.095  1.000 30.800 0 113 LYS A CE  1 ? 
ATOM   942  N NZ  . LYS A 1 113 ? 7.620   -11.376 15.181  1.000 32.860 0 113 LYS A NZ  1 ? 
ATOM   943  N N   . LYS A 1 114 ? 8.704   -7.937  8.737   1.000 11.620 0 114 LYS A N   1 ? 
ATOM   944  C CA  . LYS A 1 114 ? 9.377   -7.466  7.514   1.000 12.310 0 114 LYS A CA  1 ? 
ATOM   945  C C   . LYS A 1 114 ? 8.666   -6.231  6.992   1.000 12.460 0 114 LYS A C   1 ? 
ATOM   946  O O   . LYS A 1 114 ? 9.364   -5.266  6.587   1.000 13.000 0 114 LYS A O   1 ? 
ATOM   947  C CB  . LYS A 1 114 ? 9.451   -8.550  6.444   1.000 12.770 0 114 LYS A CB  1 ? 
ATOM   948  C CG  . LYS A 1 114 ? 10.435  -9.668  6.754   1.000 15.750 0 114 LYS A CG  1 ? 
ATOM   949  C CD  . LYS A 1 114 ? 10.327  -10.819 5.759   1.000 18.990 0 114 LYS A CD  1 ? 
ATOM   950  C CE  . LYS A 1 114 ? 11.284  -11.964 6.012   1.000 21.460 0 114 LYS A CE  1 ? 
ATOM   951  N NZ  . LYS A 1 114 ? 11.022  -13.061 5.043   1.000 24.240 0 114 LYS A NZ  1 ? 
ATOM   952  N N   . ILE A 1 115 ? 7.343   -6.232  6.968   1.000 12.280 0 115 ILE A N   1 ? 
ATOM   953  C CA  . ILE A 1 115 ? 6.696   -5.069  6.318   1.000 12.860 0 115 ILE A CA  1 ? 
ATOM   954  C C   . ILE A 1 115 ? 6.772   -3.878  7.291   1.000 12.300 0 115 ILE A C   1 ? 
ATOM   955  O O   . ILE A 1 115 ? 6.981   -2.755  6.822   1.000 13.410 0 115 ILE A O   1 ? 
ATOM   956  C CB  . ILE A 1 115 ? 5.319   -5.463  5.743   1.000 14.930 0 115 ILE A CB  1 ? 
ATOM   957  C CG1 . ILE A 1 115 ? 4.892   -4.509  4.607   1.000 15.300 0 115 ILE A CG1 1 ? 
ATOM   958  C CG2 . ILE A 1 115 ? 4.391   -5.540  6.906   1.000 14.730 0 115 ILE A CG2 1 ? 
ATOM   959  C CD1 . ILE A 1 115 ? 5.858   -4.492  3.418   1.000 16.530 0 115 ILE A CD1 1 ? 
ATOM   960  N N   . ASN A 1 116 ? 6.720   -4.098  8.593   1.000 11.430 0 116 ASN A N   1 ? 
ATOM   961  C CA  A ASN A 1 116 ? 6.937   -3.007  9.574   0.500 13.330 0 116 ASN A CA  1 ? 
ATOM   962  C CA  B ASN A 1 116 ? 6.954   -3.034  9.612   0.500 12.620 0 116 ASN A CA  1 ? 
ATOM   963  C C   . ASN A 1 116 ? 8.329   -2.398  9.357   1.000 13.260 0 116 ASN A C   1 ? 
ATOM   964  O O   . ASN A 1 116 ? 8.452   -1.173  9.301   1.000 13.610 0 116 ASN A O   1 ? 
ATOM   965  C CB  A ASN A 1 116 ? 6.756   -3.454  11.023  0.500 14.770 0 116 ASN A CB  1 ? 
ATOM   966  C CB  B ASN A 1 116 ? 6.905   -3.555  11.054  0.500 13.080 0 116 ASN A CB  1 ? 
ATOM   967  C CG  A ASN A 1 116 ? 6.418   -2.268  11.896  0.500 17.140 0 116 ASN A CG  1 ? 
ATOM   968  C CG  B ASN A 1 116 ? 5.513   -3.866  11.565  0.500 14.030 0 116 ASN A CG  1 ? 
ATOM   969  O OD1 A ASN A 1 116 ? 5.592   -1.441  11.515  0.500 19.480 0 116 ASN A OD1 1 ? 
ATOM   970  O OD1 B ASN A 1 116 ? 4.511   -3.573  10.904  0.500 15.070 0 116 ASN A OD1 1 ? 
ATOM   971  N ND2 A ASN A 1 116 ? 7.081   -2.141  13.034  0.500 19.200 0 116 ASN A ND2 1 ? 
ATOM   972  N ND2 B ASN A 1 116 ? 5.449   -4.501  12.729  0.500 14.170 0 116 ASN A ND2 1 ? 
ATOM   973  N N   . ARG A 1 117 ? 9.359   -3.200  9.207   1.000 13.310 0 117 ARG A N   1 ? 
ATOM   974  C CA  . ARG A 1 117 ? 10.728  -2.656  9.064   1.000 13.820 0 117 ARG A CA  1 ? 
ATOM   975  C C   . ARG A 1 117 ? 10.833  -1.808  7.791   1.000 13.050 0 117 ARG A C   1 ? 
ATOM   976  O O   . ARG A 1 117 ? 11.467  -0.744  7.812   1.000 12.670 0 117 ARG A O   1 ? 
ATOM   977  C CB  . ARG A 1 117 ? 11.688  -3.838  9.120   1.000 17.820 0 117 ARG A CB  1 ? 
ATOM   978  C CG  . ARG A 1 117 ? 13.158  -3.489  9.023   1.000 21.530 0 117 ARG A CG  1 ? 
ATOM   979  C CD  . ARG A 1 117 ? 14.012  -4.695  9.467   1.000 26.580 0 117 ARG A CD  1 ? 
ATOM   980  N NE  . ARG A 1 117 ? 13.969  -5.834  8.542   1.000 32.610 0 117 ARG A NE  1 ? 
ATOM   981  C CZ  . ARG A 1 117 ? 13.522  -7.071  8.816   1.000 37.000 0 117 ARG A CZ  1 ? 
ATOM   982  N NH1 . ARG A 1 117 ? 13.046  -7.401  10.011  1.000 37.640 0 117 ARG A NH1 1 ? 
ATOM   983  N NH2 . ARG A 1 117 ? 13.526  -7.982  7.858   1.000 37.630 0 117 ARG A NH2 1 ? 
ATOM   984  N N   . HIS A 1 118 ? 10.279  -2.285  6.686   1.000 11.720 0 118 HIS A N   1 ? 
ATOM   985  C CA  . HIS A 1 118 ? 10.289  -1.560  5.396   1.000 11.760 0 118 HIS A CA  1 ? 
ATOM   986  C C   . HIS A 1 118 ? 9.646   -0.183  5.594   1.000 10.560 0 118 HIS A C   1 ? 
ATOM   987  O O   . HIS A 1 118 ? 10.211  0.802   5.084   1.000 11.260 0 118 HIS A O   1 ? 
ATOM   988  C CB  . HIS A 1 118 ? 9.616   -2.374  4.278   1.000 12.800 0 118 HIS A CB  1 ? 
ATOM   989  C CG  . HIS A 1 118 ? 9.460   -1.637  2.983   1.000 12.320 0 118 HIS A CG  1 ? 
ATOM   990  N ND1 . HIS A 1 118 ? 10.532  -1.184  2.221   1.000 12.890 0 118 HIS A ND1 1 ? 
ATOM   991  C CD2 . HIS A 1 118 ? 8.341   -1.212  2.350   1.000 12.980 0 118 HIS A CD2 1 ? 
ATOM   992  C CE1 . HIS A 1 118 ? 10.076  -0.582  1.139   1.000 14.010 0 118 HIS A CE1 1 ? 
ATOM   993  N NE2 . HIS A 1 118 ? 8.739   -0.504  1.226   1.000 13.140 0 118 HIS A NE2 1 ? 
ATOM   994  N N   . PHE A 1 119 ? 8.440   -0.149  6.159   1.000 10.100 0 119 PHE A N   1 ? 
ATOM   995  C CA  . PHE A 1 119 ? 7.701   1.119   6.322   1.000 10.180 0 119 PHE A CA  1 ? 
ATOM   996  C C   . PHE A 1 119 ? 8.445   2.004   7.311   1.000 10.880 0 119 PHE A C   1 ? 
ATOM   997  O O   . PHE A 1 119 ? 8.378   3.220   7.087   1.000 11.150 0 119 PHE A O   1 ? 
ATOM   998  C CB  . PHE A 1 119 ? 6.205   0.886   6.569   1.000 9.320  0 119 PHE A CB  1 ? 
ATOM   999  C CG  . PHE A 1 119 ? 5.482   0.614   5.288   1.000 9.730  0 119 PHE A CG  1 ? 
ATOM   1000 C CD1 . PHE A 1 119 ? 4.979   1.652   4.501   1.000 9.810  0 119 PHE A CD1 1 ? 
ATOM   1001 C CD2 . PHE A 1 119 ? 5.368   -0.683  4.824   1.000 9.950  0 119 PHE A CD2 1 ? 
ATOM   1002 C CE1 . PHE A 1 119 ? 4.319   1.382   3.311   1.000 9.750  0 119 PHE A CE1 1 ? 
ATOM   1003 C CE2 . PHE A 1 119 ? 4.720   -0.962  3.637   1.000 9.370  0 119 PHE A CE2 1 ? 
ATOM   1004 C CZ  . PHE A 1 119 ? 4.173   0.080   2.886   1.000 10.010 0 119 PHE A CZ  1 ? 
ATOM   1005 N N   . LYS A 1 120 ? 9.138   1.454   8.309   1.000 12.120 0 120 LYS A N   1 ? 
ATOM   1006 C CA  . LYS A 1 120 ? 9.960   2.293   9.224   1.000 14.970 0 120 LYS A CA  1 ? 
ATOM   1007 C C   . LYS A 1 120 ? 11.096  2.959   8.447   1.000 14.570 0 120 LYS A C   1 ? 
ATOM   1008 O O   . LYS A 1 120 ? 11.327  4.174   8.606   1.000 13.060 0 120 LYS A O   1 ? 
ATOM   1009 C CB  . LYS A 1 120 ? 10.514  1.455   10.379  1.000 17.680 0 120 LYS A CB  1 ? 
ATOM   1010 C CG  . LYS A 1 120 ? 9.467   1.175   11.447  1.000 21.210 0 120 LYS A CG  1 ? 
ATOM   1011 C CD  . LYS A 1 120 ? 9.846   0.187   12.545  1.000 27.150 0 120 LYS A CD  1 ? 
ATOM   1012 C CE  . LYS A 1 120 ? 10.502  -1.067  12.004  1.000 30.880 0 120 LYS A CE  1 ? 
ATOM   1013 N NZ  . LYS A 1 120 ? 10.355  -2.249  12.893  1.000 30.270 0 120 LYS A NZ  1 ? 
ATOM   1014 N N   . ILE A 1 121 ? 11.734  2.219   7.548   1.000 13.440 0 121 ILE A N   1 ? 
ATOM   1015 C CA  . ILE A 1 121 ? 12.793  2.769   6.661   1.000 15.210 0 121 ILE A CA  1 ? 
ATOM   1016 C C   . ILE A 1 121 ? 12.217  3.889   5.778   1.000 13.830 0 121 ILE A C   1 ? 
ATOM   1017 O O   . ILE A 1 121 ? 12.845  4.964   5.666   1.000 13.620 0 121 ILE A O   1 ? 
ATOM   1018 C CB  . ILE A 1 121 ? 13.457  1.645   5.854   1.000 17.450 0 121 ILE A CB  1 ? 
ATOM   1019 C CG1 . ILE A 1 121 ? 14.250  0.738   6.801   1.000 20.530 0 121 ILE A CG1 1 ? 
ATOM   1020 C CG2 . ILE A 1 121 ? 14.290  2.220   4.727   1.000 17.380 0 121 ILE A CG2 1 ? 
ATOM   1021 C CD1 . ILE A 1 121 ? 14.828  -0.516  6.145   1.000 22.410 0 121 ILE A CD1 1 ? 
ATOM   1022 N N   . LEU A 1 122 ? 11.034  3.695   5.197   1.000 13.920 0 122 LEU A N   1 ? 
ATOM   1023 C CA  . LEU A 1 122 ? 10.487  4.735   4.281   1.000 13.070 0 122 LEU A CA  1 ? 
ATOM   1024 C C   . LEU A 1 122 ? 10.235  6.018   5.099   1.000 11.620 0 122 LEU A C   1 ? 
ATOM   1025 O O   . LEU A 1 122 ? 10.552  7.141   4.602   1.000 11.530 0 122 LEU A O   1 ? 
ATOM   1026 C CB  . LEU A 1 122 ? 9.200   4.261   3.609   1.000 12.970 0 122 LEU A CB  1 ? 
ATOM   1027 C CG  . LEU A 1 122 ? 9.300   3.112   2.608   1.000 13.560 0 122 LEU A CG  1 ? 
ATOM   1028 C CD1 . LEU A 1 122 ? 7.923   2.725   2.136   1.000 14.110 0 122 LEU A CD1 1 ? 
ATOM   1029 C CD2 . LEU A 1 122 ? 10.192  3.458   1.438   1.000 14.520 0 122 LEU A CD2 1 ? 
ATOM   1030 N N   . LYS A 1 123 ? 9.679   5.879   6.297   1.000 11.150 0 123 LYS A N   1 ? 
ATOM   1031 C CA  . LYS A 1 123 ? 9.345   7.041   7.161   1.000 11.510 0 123 LYS A CA  1 ? 
ATOM   1032 C C   . LYS A 1 123 ? 10.646  7.726   7.579   1.000 11.880 0 123 LYS A C   1 ? 
ATOM   1033 O O   . LYS A 1 123 ? 10.752  8.949   7.528   1.000 10.870 0 123 LYS A O   1 ? 
ATOM   1034 C CB  . LYS A 1 123 ? 8.504   6.589   8.352   1.000 12.940 0 123 LYS A CB  1 ? 
ATOM   1035 C CG  . LYS A 1 123 ? 8.139   7.711   9.319   1.000 16.690 0 123 LYS A CG  1 ? 
ATOM   1036 C CD  . LYS A 1 123 ? 7.176   8.666   8.749   1.000 21.750 0 123 LYS A CD  1 ? 
ATOM   1037 C CE  . LYS A 1 123 ? 6.671   9.676   9.754   1.000 24.740 0 123 LYS A CE  1 ? 
ATOM   1038 N NZ  . LYS A 1 123 ? 6.201   9.048   11.010  1.000 29.630 0 123 LYS A NZ  1 ? 
ATOM   1039 N N   . LYS A 1 124 ? 11.642  6.946   7.995   1.000 13.390 0 124 LYS A N   1 ? 
ATOM   1040 C CA  . LYS A 1 124 ? 12.940  7.522   8.425   1.000 14.530 0 124 LYS A CA  1 ? 
ATOM   1041 C C   . LYS A 1 124 ? 13.519  8.346   7.274   1.000 13.830 0 124 LYS A C   1 ? 
ATOM   1042 O O   . LYS A 1 124 ? 14.030  9.464   7.505   1.000 12.090 0 124 LYS A O   1 ? 
ATOM   1043 C CB  . LYS A 1 124 ? 13.844  6.361   8.851   1.000 16.350 0 124 LYS A CB  1 ? 
ATOM   1044 C CG  . LYS A 1 124 ? 15.178  6.724   9.485   1.000 20.640 0 124 LYS A CG  1 ? 
ATOM   1045 C CD  . LYS A 1 124 ? 16.018  5.498   9.804   1.000 24.690 0 124 LYS A CD  1 ? 
ATOM   1046 C CE  . LYS A 1 124 ? 17.449  5.854   10.148  1.000 28.720 0 124 LYS A CE  1 ? 
ATOM   1047 N NZ  . LYS A 1 124 ? 18.307  4.645   10.191  1.000 34.920 0 124 LYS A NZ  1 ? 
ATOM   1048 N N   . ASN A 1 125 ? 13.558  7.803   6.062   1.000 13.090 0 125 ASN A N   1 ? 
ATOM   1049 C CA  . ASN A 1 125 ? 14.246  8.517   4.958   1.000 14.720 0 125 ASN A CA  1 ? 
ATOM   1050 C C   . ASN A 1 125 ? 13.398  9.758   4.603   1.000 14.220 0 125 ASN A C   1 ? 
ATOM   1051 O O   . ASN A 1 125 ? 13.960  10.822  4.286   1.000 13.610 0 125 ASN A O   1 ? 
ATOM   1052 C CB  . ASN A 1 125 ? 14.698  7.506   3.898   1.000 18.040 0 125 ASN A CB  1 ? 
ATOM   1053 C CG  . ASN A 1 125 ? 15.757  6.552   4.436   1.000 21.480 0 125 ASN A CG  1 ? 
ATOM   1054 O OD1 . ASN A 1 125 ? 16.576  6.920   5.302   1.000 24.090 0 125 ASN A OD1 1 ? 
ATOM   1055 N ND2 . ASN A 1 125 ? 15.715  5.308   4.001   1.000 23.950 0 125 ASN A ND2 1 ? 
ATOM   1056 N N   . LEU A 1 126 ? 12.076  9.707   4.747   1.000 12.560 0 126 LEU A N   1 ? 
ATOM   1057 C CA  . LEU A 1 126 ? 11.215  10.883  4.499   1.000 12.770 0 126 LEU A CA  1 ? 
ATOM   1058 C C   . LEU A 1 126 ? 11.515  12.016  5.492   1.000 12.620 0 126 LEU A C   1 ? 
ATOM   1059 O O   . LEU A 1 126 ? 11.636  13.194  5.069   1.000 11.790 0 126 LEU A O   1 ? 
ATOM   1060 C CB  . LEU A 1 126 ? 9.788   10.395  4.601   1.000 13.840 0 126 LEU A CB  1 ? 
ATOM   1061 C CG  . LEU A 1 126 ? 8.709   11.425  4.384   1.000 15.360 0 126 LEU A CG  1 ? 
ATOM   1062 C CD1 . LEU A 1 126 ? 8.809   12.130  3.031   1.000 15.980 0 126 LEU A CD1 1 ? 
ATOM   1063 C CD2 . LEU A 1 126 ? 7.368   10.701  4.514   1.000 16.700 0 126 LEU A CD2 1 ? 
ATOM   1064 N N   . LYS A 1 127 ? 11.717  11.673  6.748   1.000 11.980 0 127 LYS A N   1 ? 
ATOM   1065 C CA  . LYS A 1 127 ? 11.995  12.690  7.779   1.000 12.290 0 127 LYS A CA  1 ? 
ATOM   1066 C C   . LYS A 1 127 ? 13.417  13.198  7.596   1.000 11.590 0 127 LYS A C   1 ? 
ATOM   1067 O O   . LYS A 1 127 ? 13.639  14.377  7.833   1.000 11.920 0 127 LYS A O   1 ? 
ATOM   1068 C CB  . LYS A 1 127 ? 11.773  12.136  9.181   1.000 13.320 0 127 LYS A CB  1 ? 
ATOM   1069 C CG  . LYS A 1 127 ? 10.306  11.912  9.482   1.000 15.350 0 127 LYS A CG  1 ? 
ATOM   1070 C CD  . LYS A 1 127 ? 10.072  11.148  10.748  1.000 18.440 0 127 LYS A CD  1 ? 
ATOM   1071 C CE  . LYS A 1 127 ? 10.791  11.718  11.948  1.000 19.780 0 127 LYS A CE  1 ? 
ATOM   1072 N NZ  . LYS A 1 127 ? 10.079  12.901  12.462  1.000 24.090 0 127 LYS A NZ  1 ? 
ATOM   1073 N N   . LYS A 1 128 ? 14.355  12.318  7.251   1.000 11.610 0 128 LYS A N   1 ? 
ATOM   1074 C CA  . LYS A 1 128 ? 15.768  12.742  7.083   1.000 14.310 0 128 LYS A CA  1 ? 
ATOM   1075 C C   . LYS A 1 128 ? 15.846  13.793  5.972   1.000 13.300 0 128 LYS A C   1 ? 
ATOM   1076 O O   . LYS A 1 128 ? 16.670  14.735  6.125   1.000 13.050 0 128 LYS A O   1 ? 
ATOM   1077 C CB  . LYS A 1 128 ? 16.649  11.533  6.757   1.000 17.480 0 128 LYS A CB  1 ? 
ATOM   1078 C CG  . LYS A 1 128 ? 18.138  11.801  6.617   1.000 24.180 0 128 LYS A CG  1 ? 
ATOM   1079 C CD  . LYS A 1 128 ? 18.828  12.051  7.938   1.000 30.760 0 128 LYS A CD  1 ? 
ATOM   1080 C CE  . LYS A 1 128 ? 20.272  12.501  7.792   1.000 35.260 0 128 LYS A CE  1 ? 
ATOM   1081 N NZ  . LYS A 1 128 ? 21.008  11.720  6.768   1.000 40.580 0 128 LYS A NZ  1 ? 
ATOM   1082 N N   . LYS A 1 129 ? 15.030  13.653  4.911   1.000 13.020 0 129 LYS A N   1 ? 
ATOM   1083 C CA  . LYS A 1 129 ? 14.973  14.619  3.772   1.000 12.550 0 129 LYS A CA  1 ? 
ATOM   1084 C C   . LYS A 1 129 ? 13.964  15.760  4.037   1.000 10.530 0 129 LYS A C   1 ? 
ATOM   1085 O O   . LYS A 1 129 ? 13.686  16.528  3.111   1.000 10.090 0 129 LYS A O   1 ? 
ATOM   1086 C CB  . LYS A 1 129 ? 14.663  13.867  2.471   1.000 12.440 0 129 LYS A CB  1 ? 
ATOM   1087 C CG  . LYS A 1 129 ? 15.715  12.839  2.095   1.000 14.320 0 129 LYS A CG  1 ? 
ATOM   1088 C CD  . LYS A 1 129 ? 15.400  12.094  0.843   1.000 17.560 0 129 LYS A CD  1 ? 
ATOM   1089 C CE  . LYS A 1 129 ? 16.516  11.183  0.379   1.000 20.960 0 129 LYS A CE  1 ? 
ATOM   1090 N NZ  . LYS A 1 129 ? 16.177  10.665  -0.962  1.000 27.040 0 129 LYS A NZ  1 ? 
ATOM   1091 N N   . GLU A 1 130 ? 13.514  15.951  5.267   1.000 11.490 0 130 GLU A N   1 ? 
ATOM   1092 C CA  . GLU A 1 130 ? 12.616  17.052  5.694   1.000 11.840 0 130 GLU A CA  1 ? 
ATOM   1093 C C   . GLU A 1 130 ? 11.423  17.114  4.745   1.000 11.160 0 130 GLU A C   1 ? 
ATOM   1094 O O   . GLU A 1 130 ? 11.036  18.220  4.333   1.000 10.330 0 130 GLU A O   1 ? 
ATOM   1095 C CB  . GLU A 1 130 ? 13.416  18.351  5.747   1.000 14.780 0 130 GLU A CB  1 ? 
ATOM   1096 C CG  . GLU A 1 130 ? 14.533  18.256  6.778   1.000 16.330 0 130 GLU A CG  1 ? 
ATOM   1097 C CD  . GLU A 1 130 ? 15.418  19.476  6.796   1.000 18.370 0 130 GLU A CD  1 ? 
ATOM   1098 O OE1 . GLU A 1 130 ? 16.431  19.473  6.078   1.000 21.430 0 130 GLU A OE1 1 ? 
ATOM   1099 O OE2 . GLU A 1 130 ? 15.091  20.382  7.542   1.000 29.230 0 130 GLU A OE2 1 ? 
ATOM   1100 N N   . TYR A 1 131 ? 10.863  15.952  4.395   1.000 9.460  0 131 TYR A N   1 ? 
ATOM   1101 C CA  . TYR A 1 131 ? 9.624   15.888  3.589   1.000 9.720  0 131 TYR A CA  1 ? 
ATOM   1102 C C   . TYR A 1 131 ? 9.759   16.655  2.271   1.000 9.030  0 131 TYR A C   1 ? 
ATOM   1103 O O   . TYR A 1 131 ? 8.782   17.295  1.814   1.000 8.660  0 131 TYR A O   1 ? 
ATOM   1104 C CB  . TYR A 1 131 ? 8.466   16.431  4.410   1.000 9.840  0 131 TYR A CB  1 ? 
ATOM   1105 C CG  . TYR A 1 131 ? 8.150   15.621  5.640   1.000 11.070 0 131 TYR A CG  1 ? 
ATOM   1106 C CD1 . TYR A 1 131 ? 7.425   14.453  5.516   1.000 13.640 0 131 TYR A CD1 1 ? 
ATOM   1107 C CD2 . TYR A 1 131 ? 8.512   16.055  6.910   1.000 13.400 0 131 TYR A CD2 1 ? 
ATOM   1108 C CE1 . TYR A 1 131 ? 7.106   13.681  6.622   1.000 14.100 0 131 TYR A CE1 1 ? 
ATOM   1109 C CE2 . TYR A 1 131 ? 8.195   15.292  8.025   1.000 14.140 0 131 TYR A CE2 1 ? 
ATOM   1110 C CZ  . TYR A 1 131 ? 7.475   14.113  7.878   1.000 14.710 0 131 TYR A CZ  1 ? 
ATOM   1111 O OH  . TYR A 1 131 ? 7.085   13.359  8.962   1.000 16.010 0 131 TYR A OH  1 ? 
ATOM   1112 N N   . SER A 1 132 ? 10.909  16.554  1.638   1.000 8.340  0 132 SER A N   1 ? 
ATOM   1113 C CA  . SER A 1 132 ? 11.153  17.211  0.327   1.000 8.460  0 132 SER A CA  1 ? 
ATOM   1114 C C   . SER A 1 132 ? 10.233  16.608  -0.752  1.000 8.280  0 132 SER A C   1 ? 
ATOM   1115 O O   . SER A 1 132 ? 9.743   15.445  -0.572  1.000 9.040  0 132 SER A O   1 ? 
ATOM   1116 C CB  . SER A 1 132 ? 12.621  17.073  -0.034  1.000 9.700  0 132 SER A CB  1 ? 
ATOM   1117 O OG  . SER A 1 132 ? 12.926  15.749  -0.498  1.000 10.030 0 132 SER A OG  1 ? 
ATOM   1118 N N   . ALA A 1 133 ? 10.031  17.318  -1.874  1.000 8.810  0 133 ALA A N   1 ? 
ATOM   1119 C CA  . ALA A 1 133 ? 9.290   16.738  -3.025  1.000 9.660  0 133 ALA A CA  1 ? 
ATOM   1120 C C   . ALA A 1 133 ? 9.968   15.438  -3.443  1.000 9.380  0 133 ALA A C   1 ? 
ATOM   1121 O O   . ALA A 1 133 ? 9.224   14.481  -3.669  1.000 8.950  0 133 ALA A O   1 ? 
ATOM   1122 C CB  . ALA A 1 133 ? 9.164   17.709  -4.152  1.000 10.060 0 133 ALA A CB  1 ? 
ATOM   1123 N N   . GLN A 1 134 ? 11.304  15.384  -3.457  1.000 10.140 0 134 GLN A N   1 ? 
ATOM   1124 C CA  . GLN A 1 134 ? 12.033  14.170  -3.899  1.000 10.900 0 134 GLN A CA  1 ? 
ATOM   1125 C C   . GLN A 1 134 ? 11.672  13.012  -2.967  1.000 9.830  0 134 GLN A C   1 ? 
ATOM   1126 O O   . GLN A 1 134 ? 11.456  11.879  -3.396  1.000 9.700  0 134 GLN A O   1 ? 
ATOM   1127 C CB  . GLN A 1 134 ? 13.541  14.392  -3.864  1.000 12.220 0 134 GLN A CB  1 ? 
ATOM   1128 C CG  . GLN A 1 134 ? 14.288  13.097  -4.215  1.000 15.560 0 134 GLN A CG  1 ? 
ATOM   1129 C CD  . GLN A 1 134 ? 15.765  13.015  -3.926  1.000 19.660 0 134 GLN A CD  1 ? 
ATOM   1130 O OE1 . GLN A 1 134 ? 16.500  12.299  -4.610  1.000 28.980 0 134 GLN A OE1 1 ? 
ATOM   1131 N NE2 . GLN A 1 134 ? 16.233  13.679  -2.892  1.000 23.320 0 134 GLN A NE2 1 ? 
ATOM   1132 N N   . ALA A 1 135 ? 11.665  13.292  -1.679  1.000 9.540  0 135 ALA A N   1 ? 
ATOM   1133 C CA  . ALA A 1 135 ? 11.426  12.240  -0.675  1.000 9.090  0 135 ALA A CA  1 ? 
ATOM   1134 C C   . ALA A 1 135 ? 10.010  11.698  -0.872  1.000 8.770  0 135 ALA A C   1 ? 
ATOM   1135 O O   . ALA A 1 135 ? 9.773   10.489  -0.789  1.000 11.000 0 135 ALA A O   1 ? 
ATOM   1136 C CB  . ALA A 1 135 ? 11.632  12.771  0.727   1.000 9.310  0 135 ALA A CB  1 ? 
ATOM   1137 N N   . TRP A 1 136 ? 9.039   12.573  -1.072  1.000 8.190  0 136 TRP A N   1 ? 
ATOM   1138 C CA  . TRP A 1 136 ? 7.660   12.091  -1.251  1.000 7.590  0 136 TRP A CA  1 ? 
ATOM   1139 C C   . TRP A 1 136 ? 7.506   11.336  -2.571  1.000 7.260  0 136 TRP A C   1 ? 
ATOM   1140 O O   . TRP A 1 136 ? 6.670   10.428  -2.640  1.000 7.570  0 136 TRP A O   1 ? 
ATOM   1141 C CB  . TRP A 1 136 ? 6.676   13.246  -1.170  1.000 6.830  0 136 TRP A CB  1 ? 
ATOM   1142 C CG  . TRP A 1 136 ? 6.234   13.645  0.201   1.000 8.040  0 136 TRP A CG  1 ? 
ATOM   1143 C CD1 . TRP A 1 136 ? 6.404   14.851  0.834   1.000 8.470  0 136 TRP A CD1 1 ? 
ATOM   1144 C CD2 . TRP A 1 136 ? 5.462   12.821  1.091   1.000 8.080  0 136 TRP A CD2 1 ? 
ATOM   1145 N NE1 . TRP A 1 136 ? 5.813   14.816  2.074   1.000 9.300  0 136 TRP A NE1 1 ? 
ATOM   1146 C CE2 . TRP A 1 136 ? 5.199   13.582  2.253   1.000 8.220  0 136 TRP A CE2 1 ? 
ATOM   1147 C CE3 . TRP A 1 136 ? 4.931   11.516  1.014   1.000 7.980  0 136 TRP A CE3 1 ? 
ATOM   1148 C CZ2 . TRP A 1 136 ? 4.488   13.044  3.323   1.000 9.080  0 136 TRP A CZ2 1 ? 
ATOM   1149 C CZ3 . TRP A 1 136 ? 4.234   10.996  2.069   1.000 8.780  0 136 TRP A CZ3 1 ? 
ATOM   1150 C CH2 . TRP A 1 136 ? 4.019   11.763  3.215   1.000 8.930  0 136 TRP A CH2 1 ? 
ATOM   1151 N N   . GLU A 1 137 ? 8.206   11.760  -3.616  1.000 8.250  0 137 GLU A N   1 ? 
ATOM   1152 C CA  . GLU A 1 137 ? 8.112   11.074  -4.916  1.000 8.260  0 137 GLU A CA  1 ? 
ATOM   1153 C C   . GLU A 1 137 ? 8.745   9.693   -4.809  1.000 8.430  0 137 GLU A C   1 ? 
ATOM   1154 O O   . GLU A 1 137 ? 8.253   8.724   -5.437  1.000 8.520  0 137 GLU A O   1 ? 
ATOM   1155 C CB  . GLU A 1 137 ? 8.777   11.924  -5.974  1.000 9.110  0 137 GLU A CB  1 ? 
ATOM   1156 C CG  . GLU A 1 137 ? 7.980   13.166  -6.332  1.000 10.670 0 137 GLU A CG  1 ? 
ATOM   1157 C CD  . GLU A 1 137 ? 6.631   12.995  -7.011  1.000 11.360 0 137 GLU A CD  1 ? 
ATOM   1158 O OE1 . GLU A 1 137 ? 6.252   11.830  -7.366  1.000 13.560 0 137 GLU A OE1 1 ? 
ATOM   1159 O OE2 . GLU A 1 137 ? 6.022   14.065  -7.272  1.000 11.940 0 137 GLU A OE2 1 ? 
ATOM   1160 N N   . GLN A 1 138 ? 9.819   9.541   -4.037  1.000 9.020  0 138 GLN A N   1 ? 
ATOM   1161 C CA  . GLN A 1 138 ? 10.368  8.198   -3.731  1.000 10.480 0 138 GLN A CA  1 ? 
ATOM   1162 C C   . GLN A 1 138 ? 9.293   7.289   -3.127  1.000 9.990  0 138 GLN A C   1 ? 
ATOM   1163 O O   . GLN A 1 138 ? 9.179   6.128   -3.548  1.000 10.970 0 138 GLN A O   1 ? 
ATOM   1164 C CB  . GLN A 1 138 ? 11.546  8.279   -2.765  1.000 11.210 0 138 GLN A CB  1 ? 
ATOM   1165 C CG  . GLN A 1 138 ? 12.812  8.796   -3.428  1.000 12.500 0 138 GLN A CG  1 ? 
ATOM   1166 C CD  . GLN A 1 138 ? 13.988  8.844   -2.492  1.000 15.370 0 138 GLN A CD  1 ? 
ATOM   1167 O OE1 . GLN A 1 138 ? 13.889  8.957   -1.262  1.000 17.710 0 138 GLN A OE1 1 ? 
ATOM   1168 N NE2 . GLN A 1 138 ? 15.145  8.811   -3.101  1.000 17.620 0 138 GLN A NE2 1 ? 
ATOM   1169 N N   . ILE A 1 139 ? 8.525   7.810   -2.177  1.000 9.300  0 139 ILE A N   1 ? 
ATOM   1170 C CA  . ILE A 1 139 ? 7.407   7.073   -1.521  1.000 10.110 0 139 ILE A CA  1 ? 
ATOM   1171 C C   . ILE A 1 139 ? 6.296   6.811   -2.545  1.000 8.880  0 139 ILE A C   1 ? 
ATOM   1172 O O   . ILE A 1 139 ? 5.802   5.657   -2.640  1.000 8.540  0 139 ILE A O   1 ? 
ATOM   1173 C CB  . ILE A 1 139 ? 6.929   7.787   -0.238  1.000 10.490 0 139 ILE A CB  1 ? 
ATOM   1174 C CG1 . ILE A 1 139 ? 7.912   7.484   0.908   1.000 12.600 0 139 ILE A CG1 1 ? 
ATOM   1175 C CG2 . ILE A 1 139 ? 5.535   7.339   0.150   1.000 10.370 0 139 ILE A CG2 1 ? 
ATOM   1176 C CD1 . ILE A 1 139 ? 7.680   8.320   2.116   1.000 14.270 0 139 ILE A CD1 1 ? 
ATOM   1177 N N   . ARG A 1 140 ? 5.952   7.815   -3.377  1.000 8.600  0 140 ARG A N   1 ? 
ATOM   1178 C CA  . ARG A 1 140 ? 4.910   7.591   -4.424  1.000 8.870  0 140 ARG A CA  1 ? 
ATOM   1179 C C   . ARG A 1 140 ? 5.278   6.425   -5.356  1.000 8.850  0 140 ARG A C   1 ? 
ATOM   1180 O O   . ARG A 1 140 ? 4.417   5.527   -5.558  1.000 8.870  0 140 ARG A O   1 ? 
ATOM   1181 C CB  . ARG A 1 140 ? 4.694   8.882   -5.196  1.000 9.330  0 140 ARG A CB  1 ? 
ATOM   1182 C CG  . ARG A 1 140 ? 3.607   8.773   -6.247  1.000 9.830  0 140 ARG A CG  1 ? 
ATOM   1183 C CD  . ARG A 1 140 ? 3.610   10.130  -6.914  1.000 11.750 0 140 ARG A CD  1 ? 
ATOM   1184 N NE  . ARG A 1 140 ? 2.679   10.213  -7.978  1.000 12.880 0 140 ARG A NE  1 ? 
ATOM   1185 C CZ  . ARG A 1 140 ? 2.892   10.876  -9.083  1.000 11.690 0 140 ARG A CZ  1 ? 
ATOM   1186 N NH1 . ARG A 1 140 ? 4.052   11.496  -9.334  1.000 12.210 0 140 ARG A NH1 1 ? 
ATOM   1187 N NH2 . ARG A 1 140 ? 1.918   10.894  -9.956  1.000 11.830 0 140 ARG A NH2 1 ? 
ATOM   1188 N N   . ARG A 1 141 ? 6.546   6.342   -5.760  1.000 8.810  0 141 ARG A N   1 ? 
ATOM   1189 C CA  . ARG A 1 141 ? 7.064   5.286   -6.669  1.000 9.600  0 141 ARG A CA  1 ? 
ATOM   1190 C C   . ARG A 1 141 ? 7.013   3.936   -5.935  1.000 8.230  0 141 ARG A C   1 ? 
ATOM   1191 O O   . ARG A 1 141 ? 6.583   2.946   -6.537  1.000 7.400  0 141 ARG A O   1 ? 
ATOM   1192 C CB  . ARG A 1 141 ? 8.465   5.650   -7.190  1.000 12.030 0 141 ARG A CB  1 ? 
ATOM   1193 C CG  . ARG A 1 141 ? 9.001   4.639   -8.194  1.000 16.390 0 141 ARG A CG  1 ? 
ATOM   1194 C CD  . ARG A 1 141 ? 10.357  5.104   -8.662  1.000 20.540 0 141 ARG A CD  1 ? 
ATOM   1195 N NE  . ARG A 1 141 ? 10.893  4.180   -9.627  1.000 24.130 0 141 ARG A NE  1 ? 
ATOM   1196 C CZ  . ARG A 1 141 ? 11.950  4.432   -10.371 1.000 28.440 0 141 ARG A CZ  1 ? 
ATOM   1197 N NH1 . ARG A 1 141 ? 12.592  5.571   -10.207 1.000 27.690 0 141 ARG A NH1 1 ? 
ATOM   1198 N NH2 . ARG A 1 141 ? 12.380  3.528   -11.236 1.000 30.780 0 141 ARG A NH2 1 ? 
ATOM   1199 N N   . ALA A 1 142 ? 7.449   3.881   -4.695  1.000 8.180  0 142 ALA A N   1 ? 
ATOM   1200 C CA  . ALA A 1 142 ? 7.441   2.634   -3.893  1.000 8.570  0 142 ALA A CA  1 ? 
ATOM   1201 C C   . ALA A 1 142 ? 6.003   2.163   -3.699  1.000 8.680  0 142 ALA A C   1 ? 
ATOM   1202 O O   . ALA A 1 142 ? 5.719   0.987   -3.981  1.000 8.350  0 142 ALA A O   1 ? 
ATOM   1203 C CB  . ALA A 1 142 ? 8.154   2.827   -2.578  1.000 9.790  0 142 ALA A CB  1 ? 
ATOM   1204 N N   . VAL A 1 143 ? 5.113   3.101   -3.429  1.000 8.100  0 143 VAL A N   1 ? 
ATOM   1205 C CA  . VAL A 1 143 ? 3.697   2.753   -3.159  1.000 7.550  0 143 VAL A CA  1 ? 
ATOM   1206 C C   . VAL A 1 143 ? 3.083   2.216   -4.453  1.000 7.050  0 143 VAL A C   1 ? 
ATOM   1207 O O   . VAL A 1 143 ? 2.264   1.251   -4.394  1.000 7.410  0 143 VAL A O   1 ? 
ATOM   1208 C CB  . VAL A 1 143 ? 2.957   3.970   -2.580  1.000 7.340  0 143 VAL A CB  1 ? 
ATOM   1209 C CG1 . VAL A 1 143 ? 1.445   3.785   -2.666  1.000 7.530  0 143 VAL A CG1 1 ? 
ATOM   1210 C CG2 . VAL A 1 143 ? 3.370   4.249   -1.140  1.000 7.760  0 143 VAL A CG2 1 ? 
ATOM   1211 N N   . LYS A 1 144 ? 3.381   2.832   -5.613  1.000 7.090  0 144 LYS A N   1 ? 
ATOM   1212 C CA  . LYS A 1 144 ? 2.832   2.307   -6.881  1.000 7.940  0 144 LYS A CA  1 ? 
ATOM   1213 C C   . LYS A 1 144 ? 3.209   0.824   -6.972  1.000 7.840  0 144 LYS A C   1 ? 
ATOM   1214 O O   . LYS A 1 144 ? 2.364   -0.025  -7.275  1.000 7.550  0 144 LYS A O   1 ? 
ATOM   1215 C CB  . LYS A 1 144 ? 3.362   3.132   -8.043  1.000 8.430  0 144 LYS A CB  1 ? 
ATOM   1216 C CG  . LYS A 1 144 ? 2.960   2.628   -9.404  1.000 8.600  0 144 LYS A CG  1 ? 
ATOM   1217 C CD  . LYS A 1 144 ? 3.622   3.406   -10.468 1.000 9.820  0 144 LYS A CD  1 ? 
ATOM   1218 C CE  . LYS A 1 144 ? 3.239   2.917   -11.831 1.000 13.320 0 144 LYS A CE  1 ? 
ATOM   1219 N NZ  . LYS A 1 144 ? 4.094   3.638   -12.819 1.000 16.340 0 144 LYS A NZ  1 ? 
ATOM   1220 N N   . HIS A 1 145 ? 4.469   0.512   -6.738  1.000 8.820  0 145 HIS A N   1 ? 
ATOM   1221 C CA  . HIS A 1 145 ? 4.943   -0.888  -6.848  1.000 8.870  0 145 HIS A CA  1 ? 
ATOM   1222 C C   . HIS A 1 145 ? 4.279   -1.820  -5.822  1.000 7.800  0 145 HIS A C   1 ? 
ATOM   1223 O O   . HIS A 1 145 ? 3.845   -2.906  -6.191  1.000 8.120  0 145 HIS A O   1 ? 
ATOM   1224 C CB  . HIS A 1 145 ? 6.458   -0.867  -6.747  1.000 10.090 0 145 HIS A CB  1 ? 
ATOM   1225 C CG  . HIS A 1 145 ? 7.146   -2.107  -7.180  1.000 12.640 0 145 HIS A CG  1 ? 
ATOM   1226 N ND1 . HIS A 1 145 ? 8.528   -2.244  -7.015  1.000 15.470 0 145 HIS A ND1 1 ? 
ATOM   1227 C CD2 . HIS A 1 145 ? 6.717   -3.222  -7.804  1.000 14.570 0 145 HIS A CD2 1 ? 
ATOM   1228 C CE1 . HIS A 1 145 ? 8.896   -3.428  -7.489  1.000 15.220 0 145 HIS A CE1 1 ? 
ATOM   1229 N NE2 . HIS A 1 145 ? 7.793   -4.080  -7.922  1.000 13.900 0 145 HIS A NE2 1 ? 
ATOM   1230 N N   . HIS A 1 146 ? 4.175   -1.376  -4.582  1.000 7.290  0 146 HIS A N   1 ? 
ATOM   1231 C CA  . HIS A 1 146 ? 3.380   -2.098  -3.553  1.000 7.030  0 146 HIS A CA  1 ? 
ATOM   1232 C C   . HIS A 1 146 ? 1.984   -2.421  -4.106  1.000 7.350  0 146 HIS A C   1 ? 
ATOM   1233 O O   . HIS A 1 146 ? 1.514   -3.554  -4.026  1.000 7.030  0 146 HIS A O   1 ? 
ATOM   1234 C CB  . HIS A 1 146 ? 3.297   -1.297  -2.267  1.000 6.800  0 146 HIS A CB  1 ? 
ATOM   1235 C CG  . HIS A 1 146 ? 4.531   -1.347  -1.420  1.000 7.760  0 146 HIS A CG  1 ? 
ATOM   1236 N ND1 . HIS A 1 146 ? 4.891   -2.504  -0.709  1.000 7.550  0 146 HIS A ND1 1 ? 
ATOM   1237 C CD2 . HIS A 1 146 ? 5.403   -0.374  -1.057  1.000 7.850  0 146 HIS A CD2 1 ? 
ATOM   1238 C CE1 . HIS A 1 146 ? 5.978   -2.235  -0.030  1.000 8.870  0 146 HIS A CE1 1 ? 
ATOM   1239 N NE2 . HIS A 1 146 ? 6.351   -0.968  -0.289  1.000 8.330  0 146 HIS A NE2 1 ? 
ATOM   1240 N N   . LEU A 1 147 ? 1.261   -1.396  -4.527  1.000 7.540  0 147 LEU A N   1 ? 
ATOM   1241 C CA  . LEU A 1 147 ? -0.138  -1.633  -4.944  1.000 7.350  0 147 LEU A CA  1 ? 
ATOM   1242 C C   . LEU A 1 147 ? -0.222  -2.584  -6.140  1.000 7.090  0 147 LEU A C   1 ? 
ATOM   1243 O O   . LEU A 1 147 ? -1.165  -3.402  -6.147  1.000 7.350  0 147 LEU A O   1 ? 
ATOM   1244 C CB  . LEU A 1 147 ? -0.776  -0.264  -5.282  1.000 7.240  0 147 LEU A CB  1 ? 
ATOM   1245 C CG  . LEU A 1 147 ? -0.981  0.662   -4.071  1.000 7.780  0 147 LEU A CG  1 ? 
ATOM   1246 C CD1 . LEU A 1 147 ? -1.447  2.020   -4.561  1.000 8.670  0 147 LEU A CD1 1 ? 
ATOM   1247 C CD2 . LEU A 1 147 ? -1.987  0.080   -3.103  1.000 7.950  0 147 LEU A CD2 1 ? 
ATOM   1248 N N   . GLN A 1 148 ? 0.685   -2.528  -7.109  1.000 6.940  0 148 GLN A N   1 ? 
ATOM   1249 C CA  . GLN A 1 148 ? 0.727   -3.500  -8.244  1.000 7.650  0 148 GLN A CA  1 ? 
ATOM   1250 C C   . GLN A 1 148 ? 0.900   -4.927  -7.736  1.000 8.290  0 148 GLN A C   1 ? 
ATOM   1251 O O   . GLN A 1 148 ? 0.131   -5.824  -8.162  1.000 9.240  0 148 GLN A O   1 ? 
ATOM   1252 C CB  . GLN A 1 148 ? 1.869   -3.126  -9.200  1.000 8.390  0 148 GLN A CB  1 ? 
ATOM   1253 C CG  . GLN A 1 148 ? 1.619   -1.832  -9.956  1.000 10.710 0 148 GLN A CG  1 ? 
ATOM   1254 C CD  . GLN A 1 148 ? 2.836   -1.414  -10.722 1.000 12.360 0 148 GLN A CD  1 ? 
ATOM   1255 O OE1 . GLN A 1 148 ? 3.951   -1.812  -10.379 1.000 16.570 0 148 GLN A OE1 1 ? 
ATOM   1256 N NE2 . GLN A 1 148 ? 2.635   -0.685  -11.805 1.000 14.030 0 148 GLN A NE2 1 ? 
ATOM   1257 N N   . ARG A 1 149 ? 1.828   -5.133  -6.804  1.000 8.130  0 149 ARG A N   1 ? 
ATOM   1258 C CA  . ARG A 1 149 ? 2.078   -6.482  -6.275  1.000 9.290  0 149 ARG A CA  1 ? 
ATOM   1259 C C   . ARG A 1 149 ? 0.915   -6.925  -5.383  1.000 8.970  0 149 ARG A C   1 ? 
ATOM   1260 O O   . ARG A 1 149 ? 0.639   -8.137  -5.319  1.000 7.850  0 149 ARG A O   1 ? 
ATOM   1261 C CB  . ARG A 1 149 ? 3.423   -6.520  -5.577  1.000 8.990  0 149 ARG A CB  1 ? 
ATOM   1262 C CG  . ARG A 1 149 ? 4.613   -6.245  -6.482  1.000 10.820 0 149 ARG A CG  1 ? 
ATOM   1263 C CD  . ARG A 1 149 ? 4.920   -7.394  -7.430  1.000 12.540 0 149 ARG A CD  1 ? 
ATOM   1264 N NE  . ARG A 1 149 ? 5.043   -8.732  -6.861  1.000 12.560 0 149 ARG A NE  1 ? 
ATOM   1265 C CZ  . ARG A 1 149 ? 6.169   -9.417  -6.616  1.000 11.610 0 149 ARG A CZ  1 ? 
ATOM   1266 N NH1 . ARG A 1 149 ? 7.390   -8.918  -6.702  1.000 14.730 0 149 ARG A NH1 1 ? 
ATOM   1267 N NH2 . ARG A 1 149 ? 6.053   -10.653 -6.189  1.000 10.620 0 149 ARG A NH2 1 ? 
ATOM   1268 N N   . MET A 1 150 ? 0.320   -6.016  -4.605  1.000 8.900  0 150 MET A N   1 ? 
ATOM   1269 C CA  . MET A 1 150 ? -0.868  -6.337  -3.818  1.000 8.640  0 150 MET A CA  1 ? 
ATOM   1270 C C   . MET A 1 150 ? -2.023  -6.814  -4.697  1.000 8.200  0 150 MET A C   1 ? 
ATOM   1271 O O   . MET A 1 150 ? -2.675  -7.782  -4.319  1.000 7.650  0 150 MET A O   1 ? 
ATOM   1272 C CB  . MET A 1 150 ? -1.260  -5.113  -2.974  1.000 8.570  0 150 MET A CB  1 ? 
ATOM   1273 C CG  . MET A 1 150 ? -0.159  -4.797  -1.975  1.000 8.870  0 150 MET A CG  1 ? 
ATOM   1274 S SD  . MET A 1 150 ? -0.244  -3.137  -1.324  1.000 8.550  0 150 MET A SD  1 ? 
ATOM   1275 C CE  . MET A 1 150 ? -1.711  -3.241  -0.305  1.000 10.590 0 150 MET A CE  1 ? 
ATOM   1276 N N   . ASP A 1 151 ? -2.282  -6.178  -5.841  1.000 8.750  0 151 ASP A N   1 ? 
ATOM   1277 C CA  . ASP A 1 151 ? -3.357  -6.650  -6.753  1.000 9.390  0 151 ASP A CA  1 ? 
ATOM   1278 C C   . ASP A 1 151 ? -3.066  -8.094  -7.200  1.000 8.910  0 151 ASP A C   1 ? 
ATOM   1279 O O   . ASP A 1 151 ? -4.001  -8.919  -7.305  1.000 10.010 0 151 ASP A O   1 ? 
ATOM   1280 C CB  . ASP A 1 151 ? -3.438  -5.672  -7.931  1.000 10.560 0 151 ASP A CB  1 ? 
ATOM   1281 C CG  . ASP A 1 151 ? -4.380  -6.181  -8.992  1.000 13.160 0 151 ASP A CG  1 ? 
ATOM   1282 O OD1 . ASP A 1 151 ? -3.886  -6.614  -10.019 1.000 19.780 0 151 ASP A OD1 1 ? 
ATOM   1283 O OD2 . ASP A 1 151 ? -5.558  -6.226  -8.682  1.000 16.410 0 151 ASP A OD2 1 ? 
ATOM   1284 N N   . ILE A 1 152 ? -1.813  -8.431  -7.420  1.000 9.100  0 152 ILE A N   1 ? 
ATOM   1285 C CA  A ILE A 1 152 ? -1.475  -9.818  -7.866  0.500 8.710  0 152 ILE A CA  1 ? 
ATOM   1286 C CA  B ILE A 1 152 ? -1.463  -9.817  -7.860  0.500 9.180  0 152 ILE A CA  1 ? 
ATOM   1287 C C   . ILE A 1 152 ? -1.767  -10.781 -6.712  1.000 8.000  0 152 ILE A C   1 ? 
ATOM   1288 O O   . ILE A 1 152 ? -2.331  -11.809 -6.959  1.000 8.880  0 152 ILE A O   1 ? 
ATOM   1289 C CB  A ILE A 1 152 ? -0.028  -9.903  -8.346  0.500 9.130  0 152 ILE A CB  1 ? 
ATOM   1290 C CB  B ILE A 1 152 ? -0.007  -9.918  -8.314  0.500 10.300 0 152 ILE A CB  1 ? 
ATOM   1291 C CG1 A ILE A 1 152 ? 0.139   -9.365  -9.771  0.500 9.250  0 152 ILE A CG1 1 ? 
ATOM   1292 C CG1 B ILE A 1 152 ? 0.245   -9.066  -9.559  0.500 11.490 0 152 ILE A CG1 1 ? 
ATOM   1293 C CG2 A ILE A 1 152 ? 0.514   -11.314 -8.246  0.500 10.170 0 152 ILE A CG2 1 ? 
ATOM   1294 C CG2 B ILE A 1 152 ? 0.382   -11.362 -8.570  0.500 11.340 0 152 ILE A CG2 1 ? 
ATOM   1295 C CD1 A ILE A 1 152 ? 1.586   -9.037  -10.087 0.500 9.190  0 152 ILE A CD1 1 ? 
ATOM   1296 C CD1 B ILE A 1 152 ? -0.550  -9.482  -10.755 0.500 11.930 0 152 ILE A CD1 1 ? 
ATOM   1297 N N   . ILE A 1 153 ? -1.404  -10.386 -5.498  1.000 7.000  0 153 ILE A N   1 ? 
ATOM   1298 C CA  . ILE A 1 153 ? -1.702  -11.245 -4.326  1.000 6.690  0 153 ILE A CA  1 ? 
ATOM   1299 C C   . ILE A 1 153 ? -3.211  -11.460 -4.275  1.000 6.450  0 153 ILE A C   1 ? 
ATOM   1300 O O   . ILE A 1 153 ? -3.644  -12.585 -4.018  1.000 8.450  0 153 ILE A O   1 ? 
ATOM   1301 C CB  . ILE A 1 153 ? -1.161  -10.591 -3.030  1.000 7.050  0 153 ILE A CB  1 ? 
ATOM   1302 C CG1 . ILE A 1 153 ? 0.372   -10.637 -2.967  1.000 7.710  0 153 ILE A CG1 1 ? 
ATOM   1303 C CG2 . ILE A 1 153 ? -1.738  -11.298 -1.823  1.000 7.630  0 153 ILE A CG2 1 ? 
ATOM   1304 C CD1 . ILE A 1 153 ? 0.967   -9.746  -1.919  1.000 9.480  0 153 ILE A CD1 1 ? 
ATOM   1305 N N   . ALA A 1 154 ? -3.980  -10.377 -4.359  1.000 7.130  0 154 ALA A N   1 ? 
ATOM   1306 C CA  . ALA A 1 154 ? -5.446  -10.492 -4.214  1.000 8.110  0 154 ALA A CA  1 ? 
ATOM   1307 C C   . ALA A 1 154 ? -6.016  -11.443 -5.264  1.000 9.290  0 154 ALA A C   1 ? 
ATOM   1308 O O   . ALA A 1 154 ? -6.937  -12.249 -4.964  1.000 9.240  0 154 ALA A O   1 ? 
ATOM   1309 C CB  . ALA A 1 154 ? -6.109  -9.155  -4.280  1.000 7.450  0 154 ALA A CB  1 ? 
ATOM   1310 N N   . SER A 1 155 ? -5.526  -11.356 -6.493  1.000 10.440 0 155 SER A N   1 ? 
ATOM   1311 C CA  . SER A 1 155 ? -5.949  -12.245 -7.598  1.000 10.230 0 155 SER A CA  1 ? 
ATOM   1312 C C   . SER A 1 155 ? -5.608  -13.706 -7.265  1.000 10.770 0 155 SER A C   1 ? 
ATOM   1313 O O   . SER A 1 155 ? -6.441  -14.607 -7.531  1.000 11.180 0 155 SER A O   1 ? 
ATOM   1314 C CB  . SER A 1 155 ? -5.339  -11.774 -8.875  1.000 12.530 0 155 SER A CB  1 ? 
ATOM   1315 O OG  . SER A 1 155 ? -5.665  -12.632 -9.916  1.000 17.630 0 155 SER A OG  1 ? 
ATOM   1316 N N   . ILE A 1 156 ? -4.398  -13.972 -6.794  1.000 9.480  0 156 ILE A N   1 ? 
ATOM   1317 C CA  . ILE A 1 156 ? -3.994  -15.348 -6.410  1.000 9.000  0 156 ILE A CA  1 ? 
ATOM   1318 C C   . ILE A 1 156 ? -4.894  -15.849 -5.295  1.000 9.900  0 156 ILE A C   1 ? 
ATOM   1319 O O   . ILE A 1 156 ? -5.408  -16.987 -5.391  1.000 11.070 0 156 ILE A O   1 ? 
ATOM   1320 C CB  . ILE A 1 156 ? -2.517  -15.387 -5.992  1.000 9.090  0 156 ILE A CB  1 ? 
ATOM   1321 C CG1 . ILE A 1 156 ? -1.614  -15.003 -7.141  1.000 8.480  0 156 ILE A CG1 1 ? 
ATOM   1322 C CG2 . ILE A 1 156 ? -2.121  -16.729 -5.420  1.000 9.660  0 156 ILE A CG2 1 ? 
ATOM   1323 C CD1 . ILE A 1 156 ? -0.247  -14.757 -6.721  1.000 9.690  0 156 ILE A CD1 1 ? 
ATOM   1324 N N   . ALA A 1 157 ? -5.160  -15.036 -4.265  1.000 9.580  0 157 ALA A N   1 ? 
ATOM   1325 C CA  . ALA A 1 157 ? -6.044  -15.450 -3.156  1.000 9.640  0 157 ALA A CA  1 ? 
ATOM   1326 C C   . ALA A 1 157 ? -7.429  -15.767 -3.705  1.000 11.250 0 157 ALA A C   1 ? 
ATOM   1327 O O   . ALA A 1 157 ? -8.058  -16.733 -3.251  1.000 12.030 0 157 ALA A O   1 ? 
ATOM   1328 C CB  . ALA A 1 157 ? -6.060  -14.386 -2.069  1.000 9.390  0 157 ALA A CB  1 ? 
ATOM   1329 N N   . ASN A 1 158 ? -7.938  -14.956 -4.625  1.000 11.780 0 158 ASN A N   1 ? 
ATOM   1330 C CA  . ASN A 1 158 ? -9.338  -15.075 -5.096  1.000 12.800 0 158 ASN A CA  1 ? 
ATOM   1331 C C   . ASN A 1 158 ? -9.530  -16.343 -5.920  1.000 13.380 0 158 ASN A C   1 ? 
ATOM   1332 O O   . ASN A 1 158 ? -10.697 -16.743 -6.066  1.000 16.100 0 158 ASN A O   1 ? 
ATOM   1333 C CB  . ASN A 1 158 ? -9.713  -13.857 -5.929  1.000 12.680 0 158 ASN A CB  1 ? 
ATOM   1334 C CG  . ASN A 1 158 ? -11.201 -13.753 -6.193  1.000 15.330 0 158 ASN A CG  1 ? 
ATOM   1335 O OD1 . ASN A 1 158 ? -11.986 -13.961 -5.279  1.000 17.460 0 158 ASN A OD1 1 ? 
ATOM   1336 N ND2 . ASN A 1 158 ? -11.541 -13.521 -7.441  1.000 18.130 0 158 ASN A ND2 1 ? 
ATOM   1337 N N   . ARG A 1 159 ? -8.480  -16.934 -6.494  1.000 14.890 0 159 ARG A N   1 ? 
ATOM   1338 C CA  . ARG A 1 159 ? -8.666  -18.044 -7.474  1.000 18.110 0 159 ARG A CA  1 ? 
ATOM   1339 C C   . ARG A 1 159 ? -8.518  -19.399 -6.775  1.000 19.870 0 159 ARG A C   1 ? 
ATOM   1340 O O   . ARG A 1 159 ? -8.706  -20.428 -7.456  1.000 20.030 0 159 ARG A O   1 ? 
ATOM   1341 C CB  . ARG A 1 159 ? -7.765  -17.834 -8.698  1.000 19.320 0 159 ARG A CB  1 ? 
ATOM   1342 C CG  . ARG A 1 159 ? -6.279  -18.032 -8.467  1.000 21.130 0 159 ARG A CG  1 ? 
ATOM   1343 C CD  . ARG A 1 159 ? -5.517  -17.849 -9.768  1.000 21.880 0 159 ARG A CD  1 ? 
ATOM   1344 N NE  . ARG A 1 159 ? -5.196  -16.442 -9.965  1.000 23.430 0 159 ARG A NE  1 ? 
ATOM   1345 C CZ  . ARG A 1 159 ? -4.042  -15.972 -10.436 1.000 24.540 0 159 ARG A CZ  1 ? 
ATOM   1346 N NH1 . ARG A 1 159 ? -3.081  -16.793 -10.834 1.000 27.680 0 159 ARG A NH1 1 ? 
ATOM   1347 N NH2 . ARG A 1 159 ? -3.834  -14.680 -10.484 1.000 21.960 0 159 ARG A NH2 1 ? 
ATOM   1348 N N   . ARG A 1 160 ? -8.233  -19.413 -5.474  1.000 19.380 0 160 ARG A N   1 ? 
ATOM   1349 C CA  . ARG A 1 160 ? -8.007  -20.687 -4.735  1.000 22.600 0 160 ARG A CA  1 ? 
ATOM   1350 C C   . ARG A 1 160 ? -9.360  -21.371 -4.520  1.000 25.080 0 160 ARG A C   1 ? 
ATOM   1351 O O   . ARG A 1 160 ? -10.410 -20.796 -4.779  1.000 29.380 0 160 ARG A O   1 ? 
ATOM   1352 C CB  . ARG A 1 160 ? -7.337  -20.419 -3.385  1.000 22.870 0 160 ARG A CB  1 ? 
ATOM   1353 C CG  . ARG A 1 160 ? -5.961  -19.791 -3.485  1.000 25.780 0 160 ARG A CG  1 ? 
ATOM   1354 C CD  . ARG A 1 160 ? -4.843  -20.816 -3.445  1.000 30.210 0 160 ARG A CD  1 ? 
ATOM   1355 N NE  . ARG A 1 160 ? -3.611  -20.257 -3.964  1.000 32.890 0 160 ARG A NE  1 ? 
ATOM   1356 C CZ  . ARG A 1 160 ? -2.615  -20.951 -4.522  1.000 35.990 0 160 ARG A CZ  1 ? 
ATOM   1357 N NH1 . ARG A 1 160 ? -2.670  -22.275 -4.624  1.000 42.500 0 160 ARG A NH1 1 ? 
ATOM   1358 N NH2 . ARG A 1 160 ? -1.553  -20.308 -4.965  1.000 30.940 0 160 ARG A NH2 1 ? 
HETATM 1359 O O   . HOH B 2 .   ? -4.425  -18.786 11.783  1.000 23.410 0 201 HOH A O   1 ? 
HETATM 1360 O O   . HOH B 2 .   ? 11.037  4.509   -4.874  1.000 17.860 0 202 HOH A O   1 ? 
HETATM 1361 O O   . HOH B 2 .   ? -4.064  -19.564 -6.300  1.000 31.370 0 203 HOH A O   1 ? 
HETATM 1362 O O   . HOH B 2 .   ? -2.180  -12.976 -9.717  1.000 29.870 0 204 HOH A O   1 ? 
HETATM 1363 O O   . HOH B 2 .   ? 7.776   21.064  3.335   1.000 28.770 0 205 HOH A O   1 ? 
HETATM 1364 O O   . HOH B 2 .   ? 15.565  15.275  -0.997  1.000 13.710 0 206 HOH A O   1 ? 
HETATM 1365 O O   . HOH B 2 .   ? -4.460  -2.955  -9.656  1.000 11.500 0 207 HOH A O   1 ? 
HETATM 1366 O O   . HOH B 2 .   ? -11.018 17.832  3.242   1.000 17.690 0 208 HOH A O   1 ? 
HETATM 1367 O O   . HOH B 2 .   ? 5.739   -14.757 -7.298  1.000 20.580 0 209 HOH A O   1 ? 
HETATM 1368 O O   . HOH B 2 .   ? 7.979   18.469  -7.301  1.000 30.250 0 210 HOH A O   1 ? 
HETATM 1369 O O   . HOH B 2 .   ? 8.697   -11.686 -8.723  1.000 36.010 0 211 HOH A O   1 ? 
HETATM 1370 O O   . HOH B 2 .   ? -4.101  -21.921 16.833  1.000 28.570 0 212 HOH A O   1 ? 
HETATM 1371 O O   . HOH B 2 .   ? 3.948   -16.864 7.489   1.000 23.300 0 213 HOH A O   1 ? 
HETATM 1372 O O   . HOH B 2 .   ? -18.299 -3.570  3.833   1.000 14.870 0 214 HOH A O   1 ? 
HETATM 1373 O O   . HOH B 2 .   ? 0.903   -19.050 8.507   1.000 30.210 0 215 HOH A O   1 ? 
HETATM 1374 O O   . HOH B 2 .   ? -14.129 -3.440  8.667   1.000 16.290 0 216 HOH A O   1 ? 
HETATM 1375 O O   . HOH B 2 .   ? 6.337   18.282  1.920   1.000 14.580 0 217 HOH A O   1 ? 
HETATM 1376 O O   . HOH B 2 .   ? 4.570   9.821   7.229   1.000 29.820 0 218 HOH A O   1 ? 
HETATM 1377 O O   . HOH B 2 .   ? -0.514  -18.994 -2.909  1.000 21.000 0 219 HOH A O   1 ? 
HETATM 1378 O O   . HOH B 2 .   ? 2.338   -4.426  12.163  1.000 28.850 0 220 HOH A O   1 ? 
HETATM 1379 O O   . HOH B 2 .   ? 5.449   -10.340 13.544  1.000 29.570 0 221 HOH A O   1 ? 
HETATM 1380 O O   . HOH B 2 .   ? -1.257  -8.646  12.956  1.000 18.600 0 222 HOH A O   1 ? 
HETATM 1381 O O   . HOH B 2 .   ? 11.073  20.939  0.716   1.000 12.990 0 223 HOH A O   1 ? 
HETATM 1382 O O   . HOH B 2 .   ? -3.154  -2.961  10.173  1.000 15.940 0 224 HOH A O   1 ? 
HETATM 1383 O O   . HOH B 2 .   ? 2.725   -9.968  -5.983  1.000 12.830 0 225 HOH A O   1 ? 
HETATM 1384 O O   . HOH B 2 .   ? -10.224 -8.704  -7.783  1.000 26.500 0 226 HOH A O   1 ? 
HETATM 1385 O O   . HOH B 2 .   ? 2.371   17.291  -8.199  1.000 27.330 0 227 HOH A O   1 ? 
HETATM 1386 O O   . HOH B 2 .   ? 0.308   20.500  -3.363  1.000 22.620 0 228 HOH A O   1 ? 
HETATM 1387 O O   . HOH B 2 .   ? 1.616   -11.549 12.252  1.000 18.130 0 229 HOH A O   1 ? 
HETATM 1388 O O   . HOH B 2 .   ? -6.786  -21.746 -8.846  1.000 16.030 0 230 HOH A O   1 ? 
HETATM 1389 O O   . HOH B 2 .   ? -9.362  7.790   -12.909 1.000 14.130 0 231 HOH A O   1 ? 
HETATM 1390 O O   . HOH B 2 .   ? -19.971 -6.357  4.831   1.000 18.380 0 232 HOH A O   1 ? 
HETATM 1391 O O   . HOH B 2 .   ? -3.515  -2.754  -4.856  1.000 8.230  0 233 HOH A O   1 ? 
HETATM 1392 O O   . HOH B 2 .   ? -15.594 -7.331  2.876   1.000 21.690 0 234 HOH A O   1 ? 
HETATM 1393 O O   . HOH B 2 .   ? 6.534   0.788   10.244  1.000 26.180 0 235 HOH A O   1 ? 
HETATM 1394 O O   . HOH B 2 .   ? 7.185   2.006   -9.040  1.000 14.140 0 236 HOH A O   1 ? 
HETATM 1395 O O   . HOH B 2 .   ? 4.326   15.498  -8.885  1.000 28.220 0 237 HOH A O   1 ? 
HETATM 1396 O O   . HOH B 2 .   ? -11.409 0.764   -11.867 1.000 11.860 0 238 HOH A O   1 ? 
HETATM 1397 O O   . HOH B 2 .   ? 8.344   -13.442 5.564   1.000 27.550 0 239 HOH A O   1 ? 
HETATM 1398 O O   . HOH B 2 .   ? -15.490 -5.858  -9.530  1.000 22.070 0 240 HOH A O   1 ? 
HETATM 1399 O O   . HOH B 2 .   ? 13.361  1.207   1.277   1.000 32.440 0 241 HOH A O   1 ? 
HETATM 1400 O O   . HOH B 2 .   ? 1.159   -18.908 4.506   1.000 16.870 0 242 HOH A O   1 ? 
HETATM 1401 O O   . HOH B 2 .   ? 6.178   -0.186  -10.378 1.000 20.470 0 243 HOH A O   1 ? 
HETATM 1402 O O   . HOH B 2 .   ? -0.572  -12.126 10.585  1.000 16.230 0 244 HOH A O   1 ? 
HETATM 1403 O O   . HOH B 2 .   ? 0.020   4.736   -10.373 1.000 10.800 0 245 HOH A O   1 ? 
HETATM 1404 O O   . HOH B 2 .   ? 7.665   14.135  11.546  1.000 31.570 0 246 HOH A O   1 ? 
HETATM 1405 O O   . HOH B 2 .   ? -10.671 -2.057  -13.357 1.000 28.030 0 247 HOH A O   1 ? 
HETATM 1406 O O   . HOH B 2 .   ? -6.901  -8.393  -7.615  1.000 17.650 0 248 HOH A O   1 ? 
HETATM 1407 O O   . HOH B 2 .   ? -1.444  -16.598 10.220  1.000 27.150 0 249 HOH A O   1 ? 
HETATM 1408 O O   . HOH B 2 .   ? 14.831  10.105  10.075  1.000 16.170 0 250 HOH A O   1 ? 
HETATM 1409 O O   . HOH B 2 .   ? 1.676   -21.972 1.173   1.000 16.920 0 251 HOH A O   1 ? 
HETATM 1410 O O   . HOH B 2 .   ? 3.489   2.939   7.787   1.000 12.500 0 252 HOH A O   1 ? 
HETATM 1411 O O   . HOH B 2 .   ? -16.397 -10.100 9.716   1.000 16.770 0 253 HOH A O   1 ? 
HETATM 1412 O O   . HOH B 2 .   ? -10.324 -7.456  11.310  1.000 18.650 0 254 HOH A O   1 ? 
HETATM 1413 O O   . HOH B 2 .   ? -1.004  -5.888  -10.696 1.000 18.310 0 255 HOH A O   1 ? 
HETATM 1414 O O   . HOH B 2 .   ? -12.245 11.329  -0.827  1.000 17.230 0 256 HOH A O   1 ? 
HETATM 1415 O O   . HOH B 2 .   ? -10.264 -17.167 -1.611  1.000 18.330 0 257 HOH A O   1 ? 
HETATM 1416 O O   . HOH B 2 .   ? -11.213 14.122  -2.104  1.000 18.380 0 258 HOH A O   1 ? 
HETATM 1417 O O   . HOH B 2 .   ? -11.703 19.479  -2.599  1.000 21.130 0 259 HOH A O   1 ? 
HETATM 1418 O O   . HOH B 2 .   ? -11.407 -16.231 0.964   1.000 18.020 0 260 HOH A O   1 ? 
HETATM 1419 O O   . HOH B 2 .   ? 1.676   11.223  -13.390 1.000 24.800 0 261 HOH A O   1 ? 
HETATM 1420 O O   . HOH B 2 .   ? -8.970  -11.824 13.454  1.000 25.420 0 262 HOH A O   1 ? 
HETATM 1421 O O   . HOH B 2 .   ? -10.456 -16.314 3.323   1.000 20.340 0 263 HOH A O   1 ? 
HETATM 1422 O O   . HOH B 2 .   ? 17.563  16.666  -8.993  1.000 15.160 0 264 HOH A O   1 ? 
HETATM 1423 O O   . HOH B 2 .   ? 6.656   -17.414 -6.822  1.000 23.100 0 265 HOH A O   1 ? 
HETATM 1424 O O   . HOH B 2 .   ? 12.931  17.675  -3.628  1.000 10.930 0 266 HOH A O   1 ? 
HETATM 1425 O O   . HOH B 2 .   ? -4.505  6.173   9.297   1.000 10.690 0 267 HOH A O   1 ? 
HETATM 1426 O O   . HOH B 2 .   ? 5.809   -14.998 7.580   1.000 17.110 0 268 HOH A O   1 ? 
HETATM 1427 O O   . HOH B 2 .   ? -1.973  13.384  2.932   1.000 11.620 0 269 HOH A O   1 ? 
HETATM 1428 O O   . HOH B 2 .   ? 13.885  8.723   1.553   1.000 38.580 0 270 HOH A O   1 ? 
HETATM 1429 O O   . HOH B 2 .   ? -7.946  -1.112  12.755  1.000 22.970 0 271 HOH A O   1 ? 
HETATM 1430 O O   . HOH B 2 .   ? 11.527  15.789  9.078   1.000 19.260 0 272 HOH A O   1 ? 
HETATM 1431 O O   . HOH B 2 .   ? -8.480  -14.525 -9.493  1.000 24.390 0 273 HOH A O   1 ? 
HETATM 1432 O O   . HOH B 2 .   ? -13.349 3.291   -4.001  1.000 14.160 0 274 HOH A O   1 ? 
HETATM 1433 O O   . HOH B 2 .   ? -12.890 5.135   2.974   1.000 12.620 0 275 HOH A O   1 ? 
HETATM 1434 O O   . HOH B 2 .   ? -12.641 -6.406  -9.467  1.000 15.170 0 276 HOH A O   1 ? 
HETATM 1435 O O   . HOH B 2 .   ? -4.929  1.808   -12.936 1.000 16.260 0 277 HOH A O   1 ? 
HETATM 1436 O O   . HOH B 2 .   ? 11.577  6.894   1.955   1.000 17.540 0 278 HOH A O   1 ? 
HETATM 1437 O O   . HOH B 2 .   ? 3.742   7.692   9.125   1.000 24.790 0 279 HOH A O   1 ? 
HETATM 1438 O O   . HOH B 2 .   ? -0.415  21.034  4.736   1.000 34.470 0 280 HOH A O   1 ? 
HETATM 1439 O O   . HOH B 2 .   ? -3.741  20.915  -3.532  1.000 12.590 0 281 HOH A O   1 ? 
HETATM 1440 O O   . HOH B 2 .   ? 6.620   19.281  7.245   1.000 22.980 0 282 HOH A O   1 ? 
HETATM 1441 O O   . HOH B 2 .   ? 13.425  -0.481  9.897   1.000 25.860 0 283 HOH A O   1 ? 
HETATM 1442 O O   . HOH B 2 .   ? 6.768   -16.422 10.525  1.000 21.690 0 284 HOH A O   1 ? 
HETATM 1443 O O   . HOH B 2 .   ? -5.498  -20.867 13.263  1.000 19.460 0 285 HOH A O   1 ? 
HETATM 1444 O O   . HOH B 2 .   ? -14.385 19.608  -5.838  1.000 13.390 0 286 HOH A O   1 ? 
HETATM 1445 O O   . HOH B 2 .   ? -18.641 -13.635 9.373   1.000 29.320 0 287 HOH A O   1 ? 
HETATM 1446 O O   . HOH B 2 .   ? 0.216   0.506   -12.836 1.000 18.190 0 288 HOH A O   1 ? 
HETATM 1447 O O   . HOH B 2 .   ? -12.994 -11.598 15.296  1.000 21.780 0 289 HOH A O   1 ? 
HETATM 1448 O O   . HOH B 2 .   ? -7.925  12.675  -10.279 1.000 9.230  0 290 HOH A O   1 ? 
HETATM 1449 O O   . HOH B 2 .   ? 13.721  -14.079 4.825   1.000 28.240 0 291 HOH A O   1 ? 
HETATM 1450 O O   . HOH B 2 .   ? -4.094  -0.720  -13.379 1.000 29.650 0 292 HOH A O   1 ? 
HETATM 1451 O O   . HOH B 2 .   ? -0.369  -2.042  9.469   1.000 13.780 0 293 HOH A O   1 ? 
HETATM 1452 O O   . HOH B 2 .   ? -3.837  -8.234  9.082   1.000 12.790 0 294 HOH A O   1 ? 
HETATM 1453 O O   . HOH B 2 .   ? 11.830  9.142   0.808   1.000 19.270 0 295 HOH A O   1 ? 
HETATM 1454 O O   . HOH B 2 .   ? 12.773  20.091  2.903   1.000 17.550 0 296 HOH A O   1 ? 
HETATM 1455 O O   . HOH B 2 .   ? -4.209  -11.423 12.586  1.000 18.700 0 297 HOH A O   1 ? 
HETATM 1456 O O   . HOH B 2 .   ? -16.633 -11.658 2.721   1.000 16.610 0 298 HOH A O   1 ? 
HETATM 1457 O O   . HOH B 2 .   ? 11.731  -5.594  4.884   1.000 27.380 0 299 HOH A O   1 ? 
HETATM 1458 O O   . HOH B 2 .   ? 4.555   11.887  8.652   1.000 30.100 0 300 HOH A O   1 ? 
HETATM 1459 O O   . HOH B 2 .   ? 4.784   -4.635  -10.098 1.000 30.560 0 301 HOH A O   1 ? 
HETATM 1460 O O   . HOH B 2 .   ? 10.598  5.403   11.196  1.000 24.000 0 302 HOH A O   1 ? 
HETATM 1461 O O   . HOH B 2 .   ? 10.208  0.158   -6.582  1.000 26.540 0 303 HOH A O   1 ? 
HETATM 1462 O O   . HOH B 2 .   ? 5.920   16.855  -6.209  1.000 19.350 0 304 HOH A O   1 ? 
HETATM 1463 O O   . HOH B 2 .   ? 17.792  3.179   4.134   1.000 36.770 0 305 HOH A O   1 ? 
HETATM 1464 O O   . HOH B 2 .   ? -15.585 -9.349  1.905   1.000 27.920 0 306 HOH A O   1 ? 
HETATM 1465 O O   . HOH B 2 .   ? 7.778   23.801  0.447   1.000 21.920 0 307 HOH A O   1 ? 
HETATM 1466 O O   . HOH B 2 .   ? 13.779  -8.413  -1.526  1.000 25.700 0 308 HOH A O   1 ? 
HETATM 1467 O O   . HOH B 2 .   ? -7.971  -18.794 10.893  1.000 17.040 0 309 HOH A O   1 ? 
HETATM 1468 O O   . HOH B 2 .   ? -7.357  -12.445 12.742  1.000 25.530 0 310 HOH A O   1 ? 
HETATM 1469 O O   . HOH B 2 .   ? 9.884   1.431   -8.943  1.000 26.980 0 311 HOH A O   1 ? 
HETATM 1470 O O   . HOH B 2 .   ? 1.487   -17.891 -6.775  1.000 30.430 0 312 HOH A O   1 ? 
HETATM 1471 O O   . HOH B 2 .   ? 13.439  -1.723  2.786   1.000 24.130 0 313 HOH A O   1 ? 
HETATM 1472 O O   . HOH B 2 .   ? -3.007  -11.251 -11.955 1.000 24.970 0 314 HOH A O   1 ? 
HETATM 1473 O O   . HOH B 2 .   ? 1.745   -15.785 14.391  1.000 26.610 0 315 HOH A O   1 ? 
HETATM 1474 O O   . HOH B 2 .   ? 10.805  1.749   -4.666  1.000 28.120 0 316 HOH A O   1 ? 
HETATM 1475 O O   . HOH B 2 .   ? -17.732 0.544   -6.324  1.000 22.940 0 317 HOH A O   1 ? 
HETATM 1476 O O   . HOH B 2 .   ? -12.890 -1.423  9.582   1.000 35.650 0 318 HOH A O   1 ? 
HETATM 1477 O O   . HOH B 2 .   ? -5.710  -0.754  -3.747  1.000 8.540  0 319 HOH A O   1 ? 
HETATM 1478 O O   . HOH B 2 .   ? 12.024  -11.615 2.565   1.000 19.360 0 320 HOH A O   1 ? 
HETATM 1479 O O   . HOH B 2 .   ? -8.620  -8.591  -14.519 1.000 32.750 0 321 HOH A O   1 ? 
HETATM 1480 O O   . HOH B 2 .   ? -0.799  17.904  -10.041 1.000 20.170 0 322 HOH A O   1 ? 
HETATM 1481 O O   . HOH B 2 .   ? -12.792 -14.238 5.618   1.000 18.140 0 323 HOH A O   1 ? 
HETATM 1482 O O   . HOH B 2 .   ? 6.279   24.372  -1.872  1.000 22.570 0 324 HOH A O   1 ? 
HETATM 1483 O O   . HOH B 2 .   ? 12.221  -8.852  0.835   1.000 12.320 0 325 HOH A O   1 ? 
HETATM 1484 O O   . HOH B 2 .   ? 13.372  -3.485  0.700   1.000 31.950 0 326 HOH A O   1 ? 
HETATM 1485 O O   . HOH B 2 .   ? -17.258 -6.124  1.949   1.000 29.520 0 327 HOH A O   1 ? 
HETATM 1486 O O   . HOH B 2 .   ? 5.667   19.948  4.626   1.000 17.990 0 328 HOH A O   1 ? 
HETATM 1487 O O   . HOH B 2 .   ? 5.379   0.337   -12.958 1.000 33.400 0 329 HOH A O   1 ? 
HETATM 1488 O O   . HOH B 2 .   ? 13.742  4.897   1.539   1.000 23.530 0 330 HOH A O   1 ? 
HETATM 1489 O O   . HOH B 2 .   ? -7.664  19.322  -0.186  1.000 24.800 0 331 HOH A O   1 ? 
HETATM 1490 O O   . HOH B 2 .   ? 6.672   3.694   9.844   1.000 30.090 0 332 HOH A O   1 ? 
HETATM 1491 O O   . HOH B 2 .   ? 1.504   -16.029 22.905  1.000 30.420 0 333 HOH A O   1 ? 
HETATM 1492 O O   . HOH B 2 .   ? 5.632   -15.555 2.738   1.000 31.430 0 334 HOH A O   1 ? 
HETATM 1493 O O   . HOH B 2 .   ? 3.151   14.297  -16.189 1.000 33.580 0 335 HOH A O   1 ? 
HETATM 1494 O O   . HOH B 2 .   ? -2.382  -9.960  10.870  1.000 14.680 0 336 HOH A O   1 ? 
HETATM 1495 O O   . HOH B 2 .   ? 13.866  -9.460  4.592   1.000 33.580 0 337 HOH A O   1 ? 
HETATM 1496 O O   . HOH B 2 .   ? 13.312  -3.563  5.091   1.000 30.400 0 338 HOH A O   1 ? 
HETATM 1497 O O   . HOH B 2 .   ? 12.496  17.363  -6.373  1.000 23.600 0 339 HOH A O   1 ? 
HETATM 1498 O O   . HOH B 2 .   ? -13.448 5.181   -1.851  1.000 16.410 0 340 HOH A O   1 ? 
HETATM 1499 O O   . HOH B 2 .   ? -8.546  -18.788 4.091   1.000 25.400 0 341 HOH A O   1 ? 
HETATM 1500 O O   . HOH B 2 .   ? 9.904   -15.389 -8.886  1.000 29.630 0 342 HOH A O   1 ? 
HETATM 1501 O O   . HOH B 2 .   ? -14.220 -5.441  10.607  1.000 23.600 0 343 HOH A O   1 ? 
HETATM 1502 O O   . HOH B 2 .   ? 3.276   -6.545  -10.303 1.000 31.840 0 344 HOH A O   1 ? 
HETATM 1503 O O   . HOH B 2 .   ? -10.903 -16.014 -10.338 1.000 25.170 0 345 HOH A O   1 ? 
HETATM 1504 O O   . HOH B 2 .   ? 10.882  8.060   11.663  1.000 30.710 0 346 HOH A O   1 ? 
HETATM 1505 O O   . HOH B 2 .   ? 0.790   -2.690  11.769  1.000 23.960 0 347 HOH A O   1 ? 
HETATM 1506 O O   . HOH B 2 .   ? -9.712  -8.864  13.445  1.000 24.570 0 348 HOH A O   1 ? 
HETATM 1507 O O   . HOH B 2 .   ? -1.890  -3.244  -10.725 1.000 17.970 0 349 HOH A O   1 ? 
HETATM 1508 O O   . HOH B 2 .   ? 2.985   -16.432 -7.945  1.000 33.310 0 350 HOH A O   1 ? 
HETATM 1509 O O   . HOH B 2 .   ? 12.043  1.449   12.835  1.000 36.660 0 351 HOH A O   1 ? 
HETATM 1510 O O   . HOH B 2 .   ? -11.999 -5.568  12.314  1.000 25.660 0 352 HOH A O   1 ? 
HETATM 1511 O O   . HOH B 2 .   ? -0.342  3.184   -12.726 1.000 16.630 0 353 HOH A O   1 ? 
HETATM 1512 O O   . HOH B 2 .   ? 12.873  22.181  4.578   1.000 22.270 0 354 HOH A O   1 ? 
HETATM 1513 O O   . HOH B 2 .   ? -2.434  -6.156  13.258  1.000 27.880 0 355 HOH A O   1 ? 
HETATM 1514 O O   . HOH B 2 .   ? -15.779 -7.630  10.793  1.000 27.650 0 356 HOH A O   1 ? 
HETATM 1515 O O   . HOH B 2 .   ? -1.401  -1.675  -13.015 1.000 22.050 0 357 HOH A O   1 ? 
HETATM 1516 O O   . HOH B 2 .   ? -6.124  -10.435 13.261  1.000 39.380 0 358 HOH A O   1 ? 
HETATM 1517 O O   . HOH B 2 .   ? -12.034 -7.112  -12.055 1.000 23.740 0 359 HOH A O   1 ? 
HETATM 1518 O O   . HOH B 2 .   ? 10.836  19.311  -7.888  1.000 20.640 0 360 HOH A O   1 ? 
HETATM 1519 O O   . HOH B 2 .   ? -4.001  -5.745  10.616  1.000 23.080 0 361 HOH A O   1 ? 
HETATM 1520 O O   . HOH B 2 .   ? -18.623 -7.606  0.073   0.500 21.880 0 362 HOH A O   1 ? 
HETATM 1521 O O   . HOH B 2 .   ? 18.949  11.730  2.492   1.000 31.680 0 363 HOH A O   1 ? 
HETATM 1522 O O   . HOH B 2 .   ? 12.222  -7.939  3.363   1.000 29.790 0 364 HOH A O   1 ? 
HETATM 1523 O O   . HOH B 2 .   ? 8.074   4.749   11.925  1.000 25.220 0 365 HOH A O   1 ? 
HETATM 1524 O O   . HOH B 2 .   ? -7.486  -6.219  11.205  1.000 27.210 0 366 HOH A O   1 ? 
# 
